data_1PBI
# 
_entry.id   1PBI 
# 
_audit_conform.dict_name       mmcif_pdbx.dic 
_audit_conform.dict_version    5.398 
_audit_conform.dict_location   http://mmcif.pdb.org/dictionaries/ascii/mmcif_pdbx.dic 
# 
loop_
_database_2.database_id 
_database_2.database_code 
_database_2.pdbx_database_accession 
_database_2.pdbx_DOI 
PDB   1PBI         pdb_00001pbi 10.2210/pdb1pbi/pdb 
WWPDB D_1000175586 ?            ?                   
# 
loop_
_pdbx_audit_revision_history.ordinal 
_pdbx_audit_revision_history.data_content_type 
_pdbx_audit_revision_history.major_revision 
_pdbx_audit_revision_history.minor_revision 
_pdbx_audit_revision_history.revision_date 
1 'Structure model' 1 0 1999-01-27 
2 'Structure model' 1 1 2008-03-24 
3 'Structure model' 1 2 2011-07-13 
4 'Structure model' 1 3 2011-11-16 
5 'Structure model' 1 4 2024-04-03 
6 'Structure model' 1 5 2024-10-30 
# 
_pdbx_audit_revision_details.ordinal             1 
_pdbx_audit_revision_details.revision_ordinal    1 
_pdbx_audit_revision_details.data_content_type   'Structure model' 
_pdbx_audit_revision_details.provider            repository 
_pdbx_audit_revision_details.type                'Initial release' 
_pdbx_audit_revision_details.description         ? 
_pdbx_audit_revision_details.details             ? 
# 
loop_
_pdbx_audit_revision_group.ordinal 
_pdbx_audit_revision_group.revision_ordinal 
_pdbx_audit_revision_group.data_content_type 
_pdbx_audit_revision_group.group 
1 2 'Structure model' 'Version format compliance' 
2 3 'Structure model' 'Version format compliance' 
3 4 'Structure model' 'Atomic model'              
4 5 'Structure model' 'Data collection'           
5 5 'Structure model' 'Database references'       
6 5 'Structure model' 'Refinement description'    
7 6 'Structure model' 'Structure summary'         
# 
loop_
_pdbx_audit_revision_category.ordinal 
_pdbx_audit_revision_category.revision_ordinal 
_pdbx_audit_revision_category.data_content_type 
_pdbx_audit_revision_category.category 
1 5 'Structure model' chem_comp_atom                
2 5 'Structure model' chem_comp_bond                
3 5 'Structure model' database_2                    
4 5 'Structure model' pdbx_initial_refinement_model 
5 5 'Structure model' struct_ref_seq_dif            
6 6 'Structure model' pdbx_entry_details            
7 6 'Structure model' pdbx_modification_feature     
# 
loop_
_pdbx_audit_revision_item.ordinal 
_pdbx_audit_revision_item.revision_ordinal 
_pdbx_audit_revision_item.data_content_type 
_pdbx_audit_revision_item.item 
1 5 'Structure model' '_database_2.pdbx_DOI'                
2 5 'Structure model' '_database_2.pdbx_database_accession' 
3 5 'Structure model' '_struct_ref_seq_dif.details'         
# 
_pdbx_database_status.status_code                     REL 
_pdbx_database_status.entry_id                        1PBI 
_pdbx_database_status.recvd_initial_deposition_date   1998-08-20 
_pdbx_database_status.deposit_site                    ? 
_pdbx_database_status.process_site                    BNL 
_pdbx_database_status.SG_entry                        . 
_pdbx_database_status.pdb_format_compatible           Y 
_pdbx_database_status.status_code_mr                  ? 
_pdbx_database_status.status_code_sf                  ? 
_pdbx_database_status.status_code_cs                  ? 
_pdbx_database_status.status_code_nmr_data            ? 
_pdbx_database_status.methods_development_category    ? 
# 
loop_
_audit_author.name 
_audit_author.pdbx_ordinal 
'Li De La Sierra, I.' 1 
'Brunie, S.'          2 
# 
_citation.id                        primary 
_citation.title                     'Dimeric crystal structure of a Bowman-Birk protease inhibitor from pea seeds.' 
_citation.journal_abbrev            J.Mol.Biol. 
_citation.journal_volume            285 
_citation.page_first                1195 
_citation.page_last                 1207 
_citation.year                      1999 
_citation.journal_id_ASTM           JMOBAK 
_citation.country                   UK 
_citation.journal_id_ISSN           0022-2836 
_citation.journal_id_CSD            0070 
_citation.book_publisher            ? 
_citation.pdbx_database_id_PubMed   9887273 
_citation.pdbx_database_id_DOI      10.1006/jmbi.1998.2351 
# 
loop_
_citation_author.citation_id 
_citation_author.name 
_citation_author.ordinal 
_citation_author.identifier_ORCID 
primary 'Li de la Sierra, I.' 1 ? 
primary 'Quillien, L.'        2 ? 
primary 'Flecker, P.'         3 ? 
primary 'Gueguen, J.'         4 ? 
primary 'Brunie, S.'          5 ? 
# 
loop_
_entity.id 
_entity.type 
_entity.src_method 
_entity.pdbx_description 
_entity.formula_weight 
_entity.pdbx_number_of_molecules 
_entity.pdbx_ec 
_entity.pdbx_mutation 
_entity.pdbx_fragment 
_entity.details 
1 polymer nat 'BOWMAN-BIRK PROTEINASE INHIBITOR' 7930.062 2  ? ? ? ? 
2 water   nat water                              18.015   33 ? ? ? ? 
# 
_entity_poly.entity_id                      1 
_entity_poly.type                           'polypeptide(L)' 
_entity_poly.nstd_linkage                   no 
_entity_poly.nstd_monomer                   no 
_entity_poly.pdbx_seq_one_letter_code       GDDVKSACCDTCLCTKSNPPTCRCVDVGETCHSACLSCICAYSNPPKCQCFDTQKFCYKQCHNSELEEVIKN 
_entity_poly.pdbx_seq_one_letter_code_can   GDDVKSACCDTCLCTKSNPPTCRCVDVGETCHSACLSCICAYSNPPKCQCFDTQKFCYKQCHNSELEEVIKN 
_entity_poly.pdbx_strand_id                 A,B 
_entity_poly.pdbx_target_identifier         ? 
# 
_pdbx_entity_nonpoly.entity_id   2 
_pdbx_entity_nonpoly.name        water 
_pdbx_entity_nonpoly.comp_id     HOH 
# 
loop_
_entity_poly_seq.entity_id 
_entity_poly_seq.num 
_entity_poly_seq.mon_id 
_entity_poly_seq.hetero 
1 1  GLY n 
1 2  ASP n 
1 3  ASP n 
1 4  VAL n 
1 5  LYS n 
1 6  SER n 
1 7  ALA n 
1 8  CYS n 
1 9  CYS n 
1 10 ASP n 
1 11 THR n 
1 12 CYS n 
1 13 LEU n 
1 14 CYS n 
1 15 THR n 
1 16 LYS n 
1 17 SER n 
1 18 ASN n 
1 19 PRO n 
1 20 PRO n 
1 21 THR n 
1 22 CYS n 
1 23 ARG n 
1 24 CYS n 
1 25 VAL n 
1 26 ASP n 
1 27 VAL n 
1 28 GLY n 
1 29 GLU n 
1 30 THR n 
1 31 CYS n 
1 32 HIS n 
1 33 SER n 
1 34 ALA n 
1 35 CYS n 
1 36 LEU n 
1 37 SER n 
1 38 CYS n 
1 39 ILE n 
1 40 CYS n 
1 41 ALA n 
1 42 TYR n 
1 43 SER n 
1 44 ASN n 
1 45 PRO n 
1 46 PRO n 
1 47 LYS n 
1 48 CYS n 
1 49 GLN n 
1 50 CYS n 
1 51 PHE n 
1 52 ASP n 
1 53 THR n 
1 54 GLN n 
1 55 LYS n 
1 56 PHE n 
1 57 CYS n 
1 58 TYR n 
1 59 LYS n 
1 60 GLN n 
1 61 CYS n 
1 62 HIS n 
1 63 ASN n 
1 64 SER n 
1 65 GLU n 
1 66 LEU n 
1 67 GLU n 
1 68 GLU n 
1 69 VAL n 
1 70 ILE n 
1 71 LYS n 
1 72 ASN n 
# 
_entity_src_nat.entity_id                  1 
_entity_src_nat.pdbx_src_id                1 
_entity_src_nat.pdbx_alt_source_flag       sample 
_entity_src_nat.pdbx_beg_seq_num           ? 
_entity_src_nat.pdbx_end_seq_num           ? 
_entity_src_nat.common_name                pea 
_entity_src_nat.pdbx_organism_scientific   'Pisum sativum' 
_entity_src_nat.pdbx_ncbi_taxonomy_id      3888 
_entity_src_nat.genus                      Pisum 
_entity_src_nat.species                    ? 
_entity_src_nat.strain                     ? 
_entity_src_nat.tissue                     ? 
_entity_src_nat.tissue_fraction            ? 
_entity_src_nat.pdbx_secretion             ? 
_entity_src_nat.pdbx_fragment              ? 
_entity_src_nat.pdbx_variant               ? 
_entity_src_nat.pdbx_cell_line             ? 
_entity_src_nat.pdbx_atcc                  ? 
_entity_src_nat.pdbx_cellular_location     ? 
_entity_src_nat.pdbx_organ                 SEEDS 
_entity_src_nat.pdbx_organelle             ? 
_entity_src_nat.pdbx_cell                  ? 
_entity_src_nat.pdbx_plasmid_name          ? 
_entity_src_nat.pdbx_plasmid_details       ? 
_entity_src_nat.details                    ? 
# 
loop_
_chem_comp.id 
_chem_comp.type 
_chem_comp.mon_nstd_flag 
_chem_comp.name 
_chem_comp.pdbx_synonyms 
_chem_comp.formula 
_chem_comp.formula_weight 
ALA 'L-peptide linking' y ALANINE         ? 'C3 H7 N O2'     89.093  
ARG 'L-peptide linking' y ARGININE        ? 'C6 H15 N4 O2 1' 175.209 
ASN 'L-peptide linking' y ASPARAGINE      ? 'C4 H8 N2 O3'    132.118 
ASP 'L-peptide linking' y 'ASPARTIC ACID' ? 'C4 H7 N O4'     133.103 
CYS 'L-peptide linking' y CYSTEINE        ? 'C3 H7 N O2 S'   121.158 
GLN 'L-peptide linking' y GLUTAMINE       ? 'C5 H10 N2 O3'   146.144 
GLU 'L-peptide linking' y 'GLUTAMIC ACID' ? 'C5 H9 N O4'     147.129 
GLY 'peptide linking'   y GLYCINE         ? 'C2 H5 N O2'     75.067  
HIS 'L-peptide linking' y HISTIDINE       ? 'C6 H10 N3 O2 1' 156.162 
HOH non-polymer         . WATER           ? 'H2 O'           18.015  
ILE 'L-peptide linking' y ISOLEUCINE      ? 'C6 H13 N O2'    131.173 
LEU 'L-peptide linking' y LEUCINE         ? 'C6 H13 N O2'    131.173 
LYS 'L-peptide linking' y LYSINE          ? 'C6 H15 N2 O2 1' 147.195 
PHE 'L-peptide linking' y PHENYLALANINE   ? 'C9 H11 N O2'    165.189 
PRO 'L-peptide linking' y PROLINE         ? 'C5 H9 N O2'     115.130 
SER 'L-peptide linking' y SERINE          ? 'C3 H7 N O3'     105.093 
THR 'L-peptide linking' y THREONINE       ? 'C4 H9 N O3'     119.119 
TYR 'L-peptide linking' y TYROSINE        ? 'C9 H11 N O3'    181.189 
VAL 'L-peptide linking' y VALINE          ? 'C5 H11 N O2'    117.146 
# 
loop_
_pdbx_poly_seq_scheme.asym_id 
_pdbx_poly_seq_scheme.entity_id 
_pdbx_poly_seq_scheme.seq_id 
_pdbx_poly_seq_scheme.mon_id 
_pdbx_poly_seq_scheme.ndb_seq_num 
_pdbx_poly_seq_scheme.pdb_seq_num 
_pdbx_poly_seq_scheme.auth_seq_num 
_pdbx_poly_seq_scheme.pdb_mon_id 
_pdbx_poly_seq_scheme.auth_mon_id 
_pdbx_poly_seq_scheme.pdb_strand_id 
_pdbx_poly_seq_scheme.pdb_ins_code 
_pdbx_poly_seq_scheme.hetero 
A 1 1  GLY 1  1  ?  ?   ?   A . n 
A 1 2  ASP 2  2  ?  ?   ?   A . n 
A 1 3  ASP 3  3  ?  ?   ?   A . n 
A 1 4  VAL 4  4  ?  ?   ?   A . n 
A 1 5  LYS 5  5  5  LYS LYS A . n 
A 1 6  SER 6  6  6  SER SER A . n 
A 1 7  ALA 7  7  7  ALA ALA A . n 
A 1 8  CYS 8  8  8  CYS CYS A . n 
A 1 9  CYS 9  9  9  CYS CYS A . n 
A 1 10 ASP 10 10 10 ASP ASP A . n 
A 1 11 THR 11 11 11 THR THR A . n 
A 1 12 CYS 12 12 12 CYS CYS A . n 
A 1 13 LEU 13 13 13 LEU LEU A . n 
A 1 14 CYS 14 14 14 CYS CYS A . n 
A 1 15 THR 15 15 15 THR THR A . n 
A 1 16 LYS 16 16 16 LYS LYS A . n 
A 1 17 SER 17 17 17 SER SER A . n 
A 1 18 ASN 18 18 18 ASN ASN A . n 
A 1 19 PRO 19 19 19 PRO PRO A . n 
A 1 20 PRO 20 20 20 PRO PRO A . n 
A 1 21 THR 21 21 21 THR THR A . n 
A 1 22 CYS 22 22 22 CYS CYS A . n 
A 1 23 ARG 23 23 23 ARG ARG A . n 
A 1 24 CYS 24 24 24 CYS CYS A . n 
A 1 25 VAL 25 25 25 VAL VAL A . n 
A 1 26 ASP 26 26 26 ASP ASP A . n 
A 1 27 VAL 27 27 27 VAL VAL A . n 
A 1 28 GLY 28 28 28 GLY GLY A . n 
A 1 29 GLU 29 30 30 GLU GLU A . n 
A 1 30 THR 30 31 31 THR THR A . n 
A 1 31 CYS 31 32 32 CYS CYS A . n 
A 1 32 HIS 32 33 33 HIS HIS A . n 
A 1 33 SER 33 34 34 SER SER A . n 
A 1 34 ALA 34 35 35 ALA ALA A . n 
A 1 35 CYS 35 36 36 CYS CYS A . n 
A 1 36 LEU 36 37 37 LEU LEU A . n 
A 1 37 SER 37 38 38 SER SER A . n 
A 1 38 CYS 38 39 39 CYS CYS A . n 
A 1 39 ILE 39 40 40 ILE ILE A . n 
A 1 40 CYS 40 41 41 CYS CYS A . n 
A 1 41 ALA 41 42 42 ALA ALA A . n 
A 1 42 TYR 42 43 43 TYR TYR A . n 
A 1 43 SER 43 44 44 SER SER A . n 
A 1 44 ASN 44 45 45 ASN ASN A . n 
A 1 45 PRO 45 46 46 PRO PRO A . n 
A 1 46 PRO 46 47 47 PRO PRO A . n 
A 1 47 LYS 47 48 48 LYS LYS A . n 
A 1 48 CYS 48 49 49 CYS CYS A . n 
A 1 49 GLN 49 50 50 GLN GLN A . n 
A 1 50 CYS 50 51 51 CYS CYS A . n 
A 1 51 PHE 51 52 52 PHE PHE A . n 
A 1 52 ASP 52 53 53 ASP ASP A . n 
A 1 53 THR 53 54 54 THR THR A . n 
A 1 54 GLN 54 55 55 GLN GLN A . n 
A 1 55 LYS 55 56 56 LYS LYS A . n 
A 1 56 PHE 56 57 57 PHE PHE A . n 
A 1 57 CYS 57 58 58 CYS CYS A . n 
A 1 58 TYR 58 59 59 TYR TYR A . n 
A 1 59 LYS 59 60 60 LYS LYS A . n 
A 1 60 GLN 60 61 61 GLN GLN A . n 
A 1 61 CYS 61 62 62 CYS CYS A . n 
A 1 62 HIS 62 63 63 HIS HIS A . n 
A 1 63 ASN 63 64 64 ASN ASN A . n 
A 1 64 SER 64 65 65 SER SER A . n 
A 1 65 GLU 65 66 66 GLU GLU A . n 
A 1 66 LEU 66 67 67 LEU LEU A . n 
A 1 67 GLU 67 68 68 GLU GLU A . n 
A 1 68 GLU 68 69 69 GLU GLU A . n 
A 1 69 VAL 69 70 70 VAL VAL A . n 
A 1 70 ILE 70 71 71 ILE ILE A . n 
A 1 71 LYS 71 72 72 LYS LYS A . n 
A 1 72 ASN 72 73 73 ASN ASN A . n 
B 1 1  GLY 1  1  ?  ?   ?   B . n 
B 1 2  ASP 2  2  ?  ?   ?   B . n 
B 1 3  ASP 3  3  ?  ?   ?   B . n 
B 1 4  VAL 4  4  ?  ?   ?   B . n 
B 1 5  LYS 5  5  5  LYS LYS B . n 
B 1 6  SER 6  6  6  SER SER B . n 
B 1 7  ALA 7  7  7  ALA ALA B . n 
B 1 8  CYS 8  8  8  CYS CYS B . n 
B 1 9  CYS 9  9  9  CYS CYS B . n 
B 1 10 ASP 10 10 10 ASP ASP B . n 
B 1 11 THR 11 11 11 THR THR B . n 
B 1 12 CYS 12 12 12 CYS CYS B . n 
B 1 13 LEU 13 13 13 LEU LEU B . n 
B 1 14 CYS 14 14 14 CYS CYS B . n 
B 1 15 THR 15 15 15 THR THR B . n 
B 1 16 LYS 16 16 16 LYS LYS B . n 
B 1 17 SER 17 17 17 SER SER B . n 
B 1 18 ASN 18 18 18 ASN ASN B . n 
B 1 19 PRO 19 19 19 PRO PRO B . n 
B 1 20 PRO 20 20 20 PRO PRO B . n 
B 1 21 THR 21 21 21 THR THR B . n 
B 1 22 CYS 22 22 22 CYS CYS B . n 
B 1 23 ARG 23 23 23 ARG ARG B . n 
B 1 24 CYS 24 24 24 CYS CYS B . n 
B 1 25 VAL 25 25 25 VAL VAL B . n 
B 1 26 ASP 26 26 26 ASP ASP B . n 
B 1 27 VAL 27 27 27 VAL VAL B . n 
B 1 28 GLY 28 28 28 GLY GLY B . n 
B 1 29 GLU 29 30 30 GLU GLU B . n 
B 1 30 THR 30 31 31 THR THR B . n 
B 1 31 CYS 31 32 32 CYS CYS B . n 
B 1 32 HIS 32 33 33 HIS HIS B . n 
B 1 33 SER 33 34 34 SER SER B . n 
B 1 34 ALA 34 35 35 ALA ALA B . n 
B 1 35 CYS 35 36 36 CYS CYS B . n 
B 1 36 LEU 36 37 37 LEU LEU B . n 
B 1 37 SER 37 38 38 SER SER B . n 
B 1 38 CYS 38 39 39 CYS CYS B . n 
B 1 39 ILE 39 40 40 ILE ILE B . n 
B 1 40 CYS 40 41 41 CYS CYS B . n 
B 1 41 ALA 41 42 42 ALA ALA B . n 
B 1 42 TYR 42 43 43 TYR TYR B . n 
B 1 43 SER 43 44 44 SER SER B . n 
B 1 44 ASN 44 45 45 ASN ASN B . n 
B 1 45 PRO 45 46 46 PRO PRO B . n 
B 1 46 PRO 46 47 47 PRO PRO B . n 
B 1 47 LYS 47 48 48 LYS LYS B . n 
B 1 48 CYS 48 49 49 CYS CYS B . n 
B 1 49 GLN 49 50 50 GLN GLN B . n 
B 1 50 CYS 50 51 51 CYS CYS B . n 
B 1 51 PHE 51 52 52 PHE PHE B . n 
B 1 52 ASP 52 53 53 ASP ASP B . n 
B 1 53 THR 53 54 54 THR THR B . n 
B 1 54 GLN 54 55 55 GLN GLN B . n 
B 1 55 LYS 55 56 56 LYS LYS B . n 
B 1 56 PHE 56 57 57 PHE PHE B . n 
B 1 57 CYS 57 58 58 CYS CYS B . n 
B 1 58 TYR 58 59 59 TYR TYR B . n 
B 1 59 LYS 59 60 60 LYS LYS B . n 
B 1 60 GLN 60 61 61 GLN GLN B . n 
B 1 61 CYS 61 62 62 CYS CYS B . n 
B 1 62 HIS 62 63 63 HIS HIS B . n 
B 1 63 ASN 63 64 64 ASN ASN B . n 
B 1 64 SER 64 65 65 SER SER B . n 
B 1 65 GLU 65 66 66 GLU GLU B . n 
B 1 66 LEU 66 67 67 LEU LEU B . n 
B 1 67 GLU 67 68 68 GLU GLU B . n 
B 1 68 GLU 68 69 69 GLU GLU B . n 
B 1 69 VAL 69 70 70 VAL VAL B . n 
B 1 70 ILE 70 71 71 ILE ILE B . n 
B 1 71 LYS 71 72 72 LYS LYS B . n 
B 1 72 ASN 72 73 73 ASN ASN B . n 
# 
loop_
_pdbx_nonpoly_scheme.asym_id 
_pdbx_nonpoly_scheme.entity_id 
_pdbx_nonpoly_scheme.mon_id 
_pdbx_nonpoly_scheme.ndb_seq_num 
_pdbx_nonpoly_scheme.pdb_seq_num 
_pdbx_nonpoly_scheme.auth_seq_num 
_pdbx_nonpoly_scheme.pdb_mon_id 
_pdbx_nonpoly_scheme.auth_mon_id 
_pdbx_nonpoly_scheme.pdb_strand_id 
_pdbx_nonpoly_scheme.pdb_ins_code 
C 2 HOH 1  101 101 HOH HOH A . 
C 2 HOH 2  104 104 HOH HOH A . 
C 2 HOH 3  106 106 HOH HOH A . 
C 2 HOH 4  107 107 HOH HOH A . 
C 2 HOH 5  108 108 HOH HOH A . 
C 2 HOH 6  110 110 HOH HOH A . 
C 2 HOH 7  111 111 HOH HOH A . 
C 2 HOH 8  113 113 HOH HOH A . 
C 2 HOH 9  114 114 HOH HOH A . 
C 2 HOH 10 115 115 HOH HOH A . 
C 2 HOH 11 116 116 HOH HOH A . 
C 2 HOH 12 117 117 HOH HOH A . 
C 2 HOH 13 122 122 HOH HOH A . 
C 2 HOH 14 123 123 HOH HOH A . 
C 2 HOH 15 124 124 HOH HOH A . 
C 2 HOH 16 126 126 HOH HOH A . 
C 2 HOH 17 127 127 HOH HOH A . 
C 2 HOH 18 131 131 HOH HOH A . 
C 2 HOH 19 132 132 HOH HOH A . 
D 2 HOH 1  102 102 HOH HOH B . 
D 2 HOH 2  103 103 HOH HOH B . 
D 2 HOH 3  105 105 HOH HOH B . 
D 2 HOH 4  109 109 HOH HOH B . 
D 2 HOH 5  112 112 HOH HOH B . 
D 2 HOH 6  118 118 HOH HOH B . 
D 2 HOH 7  119 119 HOH HOH B . 
D 2 HOH 8  120 120 HOH HOH B . 
D 2 HOH 9  121 121 HOH HOH B . 
D 2 HOH 10 125 125 HOH HOH B . 
D 2 HOH 11 128 128 HOH HOH B . 
D 2 HOH 12 129 129 HOH HOH B . 
D 2 HOH 13 130 130 HOH HOH B . 
D 2 HOH 14 133 133 HOH HOH B . 
# 
loop_
_pdbx_unobs_or_zero_occ_atoms.id 
_pdbx_unobs_or_zero_occ_atoms.PDB_model_num 
_pdbx_unobs_or_zero_occ_atoms.polymer_flag 
_pdbx_unobs_or_zero_occ_atoms.occupancy_flag 
_pdbx_unobs_or_zero_occ_atoms.auth_asym_id 
_pdbx_unobs_or_zero_occ_atoms.auth_comp_id 
_pdbx_unobs_or_zero_occ_atoms.auth_seq_id 
_pdbx_unobs_or_zero_occ_atoms.PDB_ins_code 
_pdbx_unobs_or_zero_occ_atoms.auth_atom_id 
_pdbx_unobs_or_zero_occ_atoms.label_alt_id 
_pdbx_unobs_or_zero_occ_atoms.label_asym_id 
_pdbx_unobs_or_zero_occ_atoms.label_comp_id 
_pdbx_unobs_or_zero_occ_atoms.label_seq_id 
_pdbx_unobs_or_zero_occ_atoms.label_atom_id 
1  1 Y 1 A LYS 5  ? CG  ? A LYS 5  CG  
2  1 Y 1 A LYS 5  ? CD  ? A LYS 5  CD  
3  1 Y 1 A LYS 5  ? CE  ? A LYS 5  CE  
4  1 Y 1 A LYS 5  ? NZ  ? A LYS 5  NZ  
5  1 Y 1 A ASN 18 ? CG  ? A ASN 18 CG  
6  1 Y 1 A ASN 18 ? OD1 ? A ASN 18 OD1 
7  1 Y 1 A ASN 18 ? ND2 ? A ASN 18 ND2 
8  1 Y 1 A TYR 43 ? CG  ? A TYR 42 CG  
9  1 Y 1 A TYR 43 ? CD1 ? A TYR 42 CD1 
10 1 Y 1 A TYR 43 ? CD2 ? A TYR 42 CD2 
11 1 Y 1 A TYR 43 ? CE1 ? A TYR 42 CE1 
12 1 Y 1 A TYR 43 ? CE2 ? A TYR 42 CE2 
13 1 Y 1 A TYR 43 ? CZ  ? A TYR 42 CZ  
14 1 Y 1 A TYR 43 ? OH  ? A TYR 42 OH  
15 1 Y 1 A LYS 56 ? CG  ? A LYS 55 CG  
16 1 Y 1 A LYS 56 ? CD  ? A LYS 55 CD  
17 1 Y 1 A LYS 56 ? CE  ? A LYS 55 CE  
18 1 Y 1 A LYS 56 ? NZ  ? A LYS 55 NZ  
19 1 Y 1 A GLN 61 ? CG  ? A GLN 60 CG  
20 1 Y 1 A GLN 61 ? CD  ? A GLN 60 CD  
21 1 Y 1 A GLN 61 ? OE1 ? A GLN 60 OE1 
22 1 Y 1 A GLN 61 ? NE2 ? A GLN 60 NE2 
23 1 Y 1 A ASN 64 ? CG  ? A ASN 63 CG  
24 1 Y 1 A ASN 64 ? OD1 ? A ASN 63 OD1 
25 1 Y 1 A ASN 64 ? ND2 ? A ASN 63 ND2 
26 1 Y 1 A SER 65 ? OG  ? A SER 64 OG  
27 1 Y 1 A LYS 72 ? CG  ? A LYS 71 CG  
28 1 Y 1 A LYS 72 ? CD  ? A LYS 71 CD  
29 1 Y 1 A LYS 72 ? CE  ? A LYS 71 CE  
30 1 Y 1 A LYS 72 ? NZ  ? A LYS 71 NZ  
31 1 Y 1 B LYS 5  ? CG  ? B LYS 5  CG  
32 1 Y 1 B LYS 5  ? CD  ? B LYS 5  CD  
33 1 Y 1 B LYS 5  ? CE  ? B LYS 5  CE  
34 1 Y 1 B LYS 5  ? NZ  ? B LYS 5  NZ  
35 1 Y 1 B ASN 18 ? CG  ? B ASN 18 CG  
36 1 Y 1 B ASN 18 ? OD1 ? B ASN 18 OD1 
37 1 Y 1 B ASN 18 ? ND2 ? B ASN 18 ND2 
38 1 Y 1 B TYR 43 ? CG  ? B TYR 42 CG  
39 1 Y 1 B TYR 43 ? CD1 ? B TYR 42 CD1 
40 1 Y 1 B TYR 43 ? CD2 ? B TYR 42 CD2 
41 1 Y 1 B TYR 43 ? CE1 ? B TYR 42 CE1 
42 1 Y 1 B TYR 43 ? CE2 ? B TYR 42 CE2 
43 1 Y 1 B TYR 43 ? CZ  ? B TYR 42 CZ  
44 1 Y 1 B TYR 43 ? OH  ? B TYR 42 OH  
45 1 Y 1 B LYS 56 ? CG  ? B LYS 55 CG  
46 1 Y 1 B LYS 56 ? CD  ? B LYS 55 CD  
47 1 Y 1 B LYS 56 ? CE  ? B LYS 55 CE  
48 1 Y 1 B LYS 56 ? NZ  ? B LYS 55 NZ  
49 1 Y 1 B GLN 61 ? CG  ? B GLN 60 CG  
50 1 Y 1 B GLN 61 ? CD  ? B GLN 60 CD  
51 1 Y 1 B GLN 61 ? OE1 ? B GLN 60 OE1 
52 1 Y 1 B GLN 61 ? NE2 ? B GLN 60 NE2 
53 1 Y 1 B HIS 63 ? CG  ? B HIS 62 CG  
54 1 Y 1 B HIS 63 ? ND1 ? B HIS 62 ND1 
55 1 Y 1 B HIS 63 ? CD2 ? B HIS 62 CD2 
56 1 Y 1 B HIS 63 ? CE1 ? B HIS 62 CE1 
57 1 Y 1 B HIS 63 ? NE2 ? B HIS 62 NE2 
58 1 Y 1 B ASN 64 ? CG  ? B ASN 63 CG  
59 1 Y 1 B ASN 64 ? OD1 ? B ASN 63 OD1 
60 1 Y 1 B ASN 64 ? ND2 ? B ASN 63 ND2 
61 1 Y 1 B SER 65 ? OG  ? B SER 64 OG  
62 1 Y 1 B LYS 72 ? CG  ? B LYS 71 CG  
63 1 Y 1 B LYS 72 ? CD  ? B LYS 71 CD  
64 1 Y 1 B LYS 72 ? CE  ? B LYS 71 CE  
65 1 Y 1 B LYS 72 ? NZ  ? B LYS 71 NZ  
# 
loop_
_software.name 
_software.classification 
_software.version 
_software.citation_id 
_software.pdbx_ordinal 
MOSFLM  'data reduction' .     ? 1 
SCALEIT 'data reduction' .     ? 2 
X-PLOR  'model building' 3.851 ? 3 
X-PLOR  refinement       3.851 ? 4 
SCALEIT 'data scaling'   .     ? 5 
X-PLOR  phasing          3.851 ? 6 
# 
_cell.entry_id           1PBI 
_cell.length_a           52.680 
_cell.length_b           52.680 
_cell.length_c           135.300 
_cell.angle_alpha        90.00 
_cell.angle_beta         90.00 
_cell.angle_gamma        90.00 
_cell.Z_PDB              16 
_cell.pdbx_unique_axis   ? 
# 
_symmetry.entry_id                         1PBI 
_symmetry.space_group_name_H-M             'P 41 21 2' 
_symmetry.pdbx_full_space_group_name_H-M   ? 
_symmetry.cell_setting                     ? 
_symmetry.Int_Tables_number                92 
# 
_exptl.entry_id          1PBI 
_exptl.method            'X-RAY DIFFRACTION' 
_exptl.crystals_number   1 
# 
_exptl_crystal.id                    1 
_exptl_crystal.density_meas          ? 
_exptl_crystal.density_Matthews      2.99 
_exptl_crystal.density_percent_sol   59 
_exptl_crystal.description           ? 
# 
_exptl_crystal_grow.crystal_id      1 
_exptl_crystal_grow.method          ? 
_exptl_crystal_grow.temp            ? 
_exptl_crystal_grow.temp_details    ? 
_exptl_crystal_grow.pH              7.5 
_exptl_crystal_grow.pdbx_pH_range   ? 
_exptl_crystal_grow.pdbx_details    'pH 7.5' 
# 
_diffrn.id                     1 
_diffrn.ambient_temp           291 
_diffrn.ambient_temp_details   ? 
_diffrn.crystal_id             1 
# 
_diffrn_detector.diffrn_id              1 
_diffrn_detector.detector               'IMAGE PLATE' 
_diffrn_detector.type                   MARRESEARCH 
_diffrn_detector.pdbx_collection_date   1996-10 
_diffrn_detector.details                ? 
# 
_diffrn_radiation.diffrn_id                        1 
_diffrn_radiation.wavelength_id                    1 
_diffrn_radiation.pdbx_monochromatic_or_laue_m_l   M 
_diffrn_radiation.monochromator                    'GE(111)' 
_diffrn_radiation.pdbx_diffrn_protocol             ? 
_diffrn_radiation.pdbx_scattering_type             x-ray 
# 
_diffrn_radiation_wavelength.id           1 
_diffrn_radiation_wavelength.wavelength   1.39 
_diffrn_radiation_wavelength.wt           1.0 
# 
_diffrn_source.diffrn_id                   1 
_diffrn_source.source                      SYNCHROTRON 
_diffrn_source.type                        'LURE BEAMLINE D41A' 
_diffrn_source.pdbx_synchrotron_site       LURE 
_diffrn_source.pdbx_synchrotron_beamline   D41A 
_diffrn_source.pdbx_wavelength             1.39 
_diffrn_source.pdbx_wavelength_list        ? 
# 
_reflns.entry_id                     1PBI 
_reflns.observed_criterion_sigma_I   3 
_reflns.observed_criterion_sigma_F   ? 
_reflns.d_resolution_low             13.9 
_reflns.d_resolution_high            2.62 
_reflns.number_obs                   5770 
_reflns.number_all                   ? 
_reflns.percent_possible_obs         95.2 
_reflns.pdbx_Rmerge_I_obs            ? 
_reflns.pdbx_Rsym_value              0.054 
_reflns.pdbx_netI_over_sigmaI        ? 
_reflns.B_iso_Wilson_estimate        51.9 
_reflns.pdbx_redundancy              ? 
_reflns.pdbx_diffrn_id               1 
_reflns.pdbx_ordinal                 1 
# 
_reflns_shell.d_res_high             2.6 
_reflns_shell.d_res_low              2.69 
_reflns_shell.percent_possible_all   59.7 
_reflns_shell.Rmerge_I_obs           ? 
_reflns_shell.pdbx_Rsym_value        0.188 
_reflns_shell.meanI_over_sigI_obs    3.4 
_reflns_shell.pdbx_redundancy        3.4 
_reflns_shell.pdbx_diffrn_id         ? 
_reflns_shell.pdbx_ordinal           1 
# 
_refine.entry_id                                 1PBI 
_refine.ls_number_reflns_obs                     5141 
_refine.ls_number_reflns_all                     ? 
_refine.pdbx_ls_sigma_I                          ? 
_refine.pdbx_ls_sigma_F                          2.0 
_refine.pdbx_data_cutoff_high_absF               100000.00 
_refine.pdbx_data_cutoff_low_absF                0.00100 
_refine.pdbx_data_cutoff_high_rms_absF           ? 
_refine.ls_d_res_low                             7.00 
_refine.ls_d_res_high                            2.70 
_refine.ls_percent_reflns_obs                    96.5 
_refine.ls_R_factor_obs                          0.214 
_refine.ls_R_factor_all                          ? 
_refine.ls_R_factor_R_work                       0.214 
_refine.ls_R_factor_R_free                       0.272 
_refine.ls_R_factor_R_free_error                 0.011 
_refine.ls_R_factor_R_free_error_details         ? 
_refine.ls_percent_reflns_R_free                 10.9 
_refine.ls_number_reflns_R_free                  561 
_refine.ls_number_parameters                     ? 
_refine.ls_number_restraints                     ? 
_refine.occupancy_min                            ? 
_refine.occupancy_max                            ? 
_refine.B_iso_mean                               23.9 
_refine.aniso_B[1][1]                            0.00 
_refine.aniso_B[2][2]                            0.00 
_refine.aniso_B[3][3]                            0.00 
_refine.aniso_B[1][2]                            0.00 
_refine.aniso_B[1][3]                            0.00 
_refine.aniso_B[2][3]                            0.00 
_refine.solvent_model_details                    ? 
_refine.solvent_model_param_ksol                 ? 
_refine.solvent_model_param_bsol                 ? 
_refine.pdbx_ls_cross_valid_method               THROUGHOUT 
_refine.details                                  'RESOLUTION-DEPENDENT WEIGHTING' 
_refine.pdbx_starting_model                      'X-RAY COORDINATES OF BOWMAN-BIRK INHIBITOR FROM SOYBEAN' 
_refine.pdbx_method_to_determine_struct          'MOLECULAR REPLACEMENT' 
_refine.pdbx_isotropic_thermal_model             RESTRAINED 
_refine.pdbx_stereochemistry_target_values       ? 
_refine.pdbx_stereochem_target_val_spec_case     ? 
_refine.pdbx_R_Free_selection_details            RANDOM 
_refine.pdbx_overall_ESU_R                       ? 
_refine.pdbx_overall_ESU_R_Free                  ? 
_refine.overall_SU_ML                            ? 
_refine.overall_SU_B                             ? 
_refine.pdbx_refine_id                           'X-RAY DIFFRACTION' 
_refine.pdbx_diffrn_id                           1 
_refine.pdbx_TLS_residual_ADP_flag               ? 
_refine.correlation_coeff_Fo_to_Fc               ? 
_refine.correlation_coeff_Fo_to_Fc_free          ? 
_refine.pdbx_solvent_vdw_probe_radii             ? 
_refine.pdbx_solvent_ion_probe_radii             ? 
_refine.pdbx_solvent_shrinkage_radii             ? 
_refine.pdbx_overall_phase_error                 ? 
_refine.overall_SU_R_Cruickshank_DPI             ? 
_refine.pdbx_overall_SU_R_free_Cruickshank_DPI   ? 
_refine.pdbx_overall_SU_R_Blow_DPI               ? 
_refine.pdbx_overall_SU_R_free_Blow_DPI          ? 
# 
_refine_analyze.entry_id                        1PBI 
_refine_analyze.Luzzati_coordinate_error_obs    0.30 
_refine_analyze.Luzzati_sigma_a_obs             0.39 
_refine_analyze.Luzzati_d_res_low_obs           5.00 
_refine_analyze.Luzzati_coordinate_error_free   0.40 
_refine_analyze.Luzzati_sigma_a_free            0.45 
_refine_analyze.Luzzati_d_res_low_free          ? 
_refine_analyze.number_disordered_residues      ? 
_refine_analyze.occupancy_sum_hydrogen          ? 
_refine_analyze.occupancy_sum_non_hydrogen      ? 
_refine_analyze.pdbx_refine_id                  'X-RAY DIFFRACTION' 
# 
_refine_hist.pdbx_refine_id                   'X-RAY DIFFRACTION' 
_refine_hist.cycle_id                         LAST 
_refine_hist.pdbx_number_atoms_protein        996 
_refine_hist.pdbx_number_atoms_nucleic_acid   0 
_refine_hist.pdbx_number_atoms_ligand         0 
_refine_hist.number_atoms_solvent             33 
_refine_hist.number_atoms_total               1029 
_refine_hist.d_res_high                       2.70 
_refine_hist.d_res_low                        7.00 
# 
loop_
_refine_ls_restr.type 
_refine_ls_restr.dev_ideal 
_refine_ls_restr.dev_ideal_target 
_refine_ls_restr.weight 
_refine_ls_restr.number 
_refine_ls_restr.pdbx_refine_id 
_refine_ls_restr.pdbx_restraint_function 
x_bond_d                0.006 ?    ? ? 'X-RAY DIFFRACTION' ? 
x_bond_d_na             ?     ?    ? ? 'X-RAY DIFFRACTION' ? 
x_bond_d_prot           ?     ?    ? ? 'X-RAY DIFFRACTION' ? 
x_angle_d               ?     ?    ? ? 'X-RAY DIFFRACTION' ? 
x_angle_d_na            ?     ?    ? ? 'X-RAY DIFFRACTION' ? 
x_angle_d_prot          ?     ?    ? ? 'X-RAY DIFFRACTION' ? 
x_angle_deg             1.3   ?    ? ? 'X-RAY DIFFRACTION' ? 
x_angle_deg_na          ?     ?    ? ? 'X-RAY DIFFRACTION' ? 
x_angle_deg_prot        ?     ?    ? ? 'X-RAY DIFFRACTION' ? 
x_dihedral_angle_d      29.5  ?    ? ? 'X-RAY DIFFRACTION' ? 
x_dihedral_angle_d_na   ?     ?    ? ? 'X-RAY DIFFRACTION' ? 
x_dihedral_angle_d_prot ?     ?    ? ? 'X-RAY DIFFRACTION' ? 
x_improper_angle_d      0.65  ?    ? ? 'X-RAY DIFFRACTION' ? 
x_improper_angle_d_na   ?     ?    ? ? 'X-RAY DIFFRACTION' ? 
x_improper_angle_d_prot ?     ?    ? ? 'X-RAY DIFFRACTION' ? 
x_mcbond_it             3.02  1.50 ? ? 'X-RAY DIFFRACTION' ? 
x_mcangle_it            4.93  2.00 ? ? 'X-RAY DIFFRACTION' ? 
x_scbond_it             4.00  2.00 ? ? 'X-RAY DIFFRACTION' ? 
x_scangle_it            5.54  2.50 ? ? 'X-RAY DIFFRACTION' ? 
# 
_refine_ls_restr_ncs.dom_id              1 
_refine_ls_restr_ncs.ncs_model_details   CONSTR 
_refine_ls_restr_ncs.rms_dev_position    ? 
_refine_ls_restr_ncs.weight_position     ? 
_refine_ls_restr_ncs.rms_dev_B_iso       ? 
_refine_ls_restr_ncs.weight_B_iso        ? 
_refine_ls_restr_ncs.pdbx_type           . 
_refine_ls_restr_ncs.pdbx_auth_asym_id   . 
_refine_ls_restr_ncs.pdbx_ens_id         1 
_refine_ls_restr_ncs.pdbx_refine_id      'X-RAY DIFFRACTION' 
_refine_ls_restr_ncs.pdbx_ordinal        1 
_refine_ls_restr_ncs.pdbx_number         ? 
_refine_ls_restr_ncs.pdbx_asym_id        ? 
_refine_ls_restr_ncs.pdbx_rms            ? 
_refine_ls_restr_ncs.pdbx_weight         ? 
# 
_refine_ls_shell.pdbx_total_number_of_bins_used   6 
_refine_ls_shell.d_res_high                       2.70 
_refine_ls_shell.d_res_low                        2.86 
_refine_ls_shell.number_reflns_R_work             744 
_refine_ls_shell.R_factor_R_work                  0.33 
_refine_ls_shell.percent_reflns_obs               95.2 
_refine_ls_shell.R_factor_R_free                  0.371 
_refine_ls_shell.R_factor_R_free_error            0.039 
_refine_ls_shell.percent_reflns_R_free            10.8 
_refine_ls_shell.number_reflns_R_free             90 
_refine_ls_shell.pdbx_refine_id                   'X-RAY DIFFRACTION' 
_refine_ls_shell.number_reflns_all                ? 
_refine_ls_shell.R_factor_all                     ? 
# 
loop_
_pdbx_xplor_file.serial_no 
_pdbx_xplor_file.param_file 
_pdbx_xplor_file.topol_file 
_pdbx_xplor_file.pdbx_refine_id 
1 PROTEIN_REP.PARAM TOPHCSDX.PRO 'X-RAY DIFFRACTION' 
2 PARAM19.SOL       TOPH19.SOL   'X-RAY DIFFRACTION' 
# 
loop_
_struct_ncs_oper.id 
_struct_ncs_oper.code 
_struct_ncs_oper.details 
_struct_ncs_oper.matrix[1][1] 
_struct_ncs_oper.matrix[1][2] 
_struct_ncs_oper.matrix[1][3] 
_struct_ncs_oper.matrix[2][1] 
_struct_ncs_oper.matrix[2][2] 
_struct_ncs_oper.matrix[2][3] 
_struct_ncs_oper.matrix[3][1] 
_struct_ncs_oper.matrix[3][2] 
_struct_ncs_oper.matrix[3][3] 
_struct_ncs_oper.vector[1] 
_struct_ncs_oper.vector[2] 
_struct_ncs_oper.vector[3] 
1 given ? -0.02978431 -0.07678553 0.99660277 -0.12313857 -0.98916905 -0.07989264 0.99194250 -0.12509942 0.02000736 -0.23101 0.19889  0.03442 
2 given ? -0.05321106 -0.09487554 0.99406615 -0.06897018 -0.99274932 -0.09844141 0.99619816 -0.07379919 0.04628139 -0.08427 -0.16858 0.13260 
# 
_struct_ncs_dom.id            1 
_struct_ncs_dom.pdbx_ens_id   1 
_struct_ncs_dom.details       ? 
# 
_struct_ncs_ens.id        1 
_struct_ncs_ens.details   ? 
# 
_struct.entry_id                  1PBI 
_struct.title                     'CRYSTAL STRUCTURE OF A BOWMAN-BIRK INHIBITOR FROM PEA SEEDS' 
_struct.pdbx_model_details        ? 
_struct.pdbx_CASP_flag            ? 
_struct.pdbx_model_type_details   ? 
# 
_struct_keywords.entry_id        1PBI 
_struct_keywords.pdbx_keywords   'BOWMAN-BIRK INHIBITOR' 
_struct_keywords.text            'BOWMAN-BIRK INHIBITOR, TRYPSIN INHIBITOR, CHYMOTRYPSIN INHIBITOR' 
# 
loop_
_struct_asym.id 
_struct_asym.pdbx_blank_PDB_chainid_flag 
_struct_asym.pdbx_modified 
_struct_asym.entity_id 
_struct_asym.details 
A N N 1 ? 
B N N 1 ? 
C N N 2 ? 
D N N 2 ? 
# 
_struct_ref.id                         1 
_struct_ref.db_name                    UNP 
_struct_ref.db_code                    IBBB_PEA 
_struct_ref.entity_id                  1 
_struct_ref.pdbx_db_accession          P56679 
_struct_ref.pdbx_align_begin           1 
_struct_ref.pdbx_seq_one_letter_code   GDDVKSACCDTCLCTKSNPPTCRCVDVGETCHSACLSCICAYSNPPKCQCFDTQKFCYKACHNSELEEVIKN 
_struct_ref.pdbx_db_isoform            ? 
# 
loop_
_struct_ref_seq.align_id 
_struct_ref_seq.ref_id 
_struct_ref_seq.pdbx_PDB_id_code 
_struct_ref_seq.pdbx_strand_id 
_struct_ref_seq.seq_align_beg 
_struct_ref_seq.pdbx_seq_align_beg_ins_code 
_struct_ref_seq.seq_align_end 
_struct_ref_seq.pdbx_seq_align_end_ins_code 
_struct_ref_seq.pdbx_db_accession 
_struct_ref_seq.db_align_beg 
_struct_ref_seq.pdbx_db_align_beg_ins_code 
_struct_ref_seq.db_align_end 
_struct_ref_seq.pdbx_db_align_end_ins_code 
_struct_ref_seq.pdbx_auth_seq_align_beg 
_struct_ref_seq.pdbx_auth_seq_align_end 
1 1 1PBI A 1 ? 72 ? P56679 1 ? 72 ? 1 73 
2 1 1PBI B 1 ? 72 ? P56679 1 ? 72 ? 1 73 
# 
loop_
_struct_ref_seq_dif.align_id 
_struct_ref_seq_dif.pdbx_pdb_id_code 
_struct_ref_seq_dif.mon_id 
_struct_ref_seq_dif.pdbx_pdb_strand_id 
_struct_ref_seq_dif.seq_num 
_struct_ref_seq_dif.pdbx_pdb_ins_code 
_struct_ref_seq_dif.pdbx_seq_db_name 
_struct_ref_seq_dif.pdbx_seq_db_accession_code 
_struct_ref_seq_dif.db_mon_id 
_struct_ref_seq_dif.pdbx_seq_db_seq_num 
_struct_ref_seq_dif.details 
_struct_ref_seq_dif.pdbx_auth_seq_num 
_struct_ref_seq_dif.pdbx_ordinal 
1 1PBI GLN A 60 ? UNP P56679 ALA 60 conflict 61 1 
2 1PBI GLN B 60 ? UNP P56679 ALA 60 conflict 61 2 
# 
_pdbx_struct_assembly.id                   1 
_pdbx_struct_assembly.details              author_defined_assembly 
_pdbx_struct_assembly.method_details       ? 
_pdbx_struct_assembly.oligomeric_details   tetrameric 
_pdbx_struct_assembly.oligomeric_count     4 
# 
_pdbx_struct_assembly_gen.assembly_id       1 
_pdbx_struct_assembly_gen.oper_expression   1,2 
_pdbx_struct_assembly_gen.asym_id_list      A,B,C,D 
# 
loop_
_pdbx_struct_oper_list.id 
_pdbx_struct_oper_list.type 
_pdbx_struct_oper_list.name 
_pdbx_struct_oper_list.symmetry_operation 
_pdbx_struct_oper_list.matrix[1][1] 
_pdbx_struct_oper_list.matrix[1][2] 
_pdbx_struct_oper_list.matrix[1][3] 
_pdbx_struct_oper_list.vector[1] 
_pdbx_struct_oper_list.matrix[2][1] 
_pdbx_struct_oper_list.matrix[2][2] 
_pdbx_struct_oper_list.matrix[2][3] 
_pdbx_struct_oper_list.vector[2] 
_pdbx_struct_oper_list.matrix[3][1] 
_pdbx_struct_oper_list.matrix[3][2] 
_pdbx_struct_oper_list.matrix[3][3] 
_pdbx_struct_oper_list.vector[3] 
1 'identity operation'         1_555 x,y,z            1.0000000000 0.0000000000  0.0000000000 0.0000000000   0.0000000000  1.0000000000  0.0000000000  0.0000000000   0.0000000000 0.0000000000  1.0000000000  0.0000000000  
2 'crystal symmetry operation' 8_665 -y+1,-x+1,-z+1/2 0.4147969697 -0.8933324759 0.1729177880 -17.8531117929 -0.8933324759 -0.4359311409 -0.1091839175 -24.7638965048 0.1729177880 -0.1091839175 -0.9788658288 18.1365695446 
# 
_struct_biol.id   1 
# 
loop_
_struct_conn.id 
_struct_conn.conn_type_id 
_struct_conn.pdbx_leaving_atom_flag 
_struct_conn.pdbx_PDB_id 
_struct_conn.ptnr1_label_asym_id 
_struct_conn.ptnr1_label_comp_id 
_struct_conn.ptnr1_label_seq_id 
_struct_conn.ptnr1_label_atom_id 
_struct_conn.pdbx_ptnr1_label_alt_id 
_struct_conn.pdbx_ptnr1_PDB_ins_code 
_struct_conn.pdbx_ptnr1_standard_comp_id 
_struct_conn.ptnr1_symmetry 
_struct_conn.ptnr2_label_asym_id 
_struct_conn.ptnr2_label_comp_id 
_struct_conn.ptnr2_label_seq_id 
_struct_conn.ptnr2_label_atom_id 
_struct_conn.pdbx_ptnr2_label_alt_id 
_struct_conn.pdbx_ptnr2_PDB_ins_code 
_struct_conn.ptnr1_auth_asym_id 
_struct_conn.ptnr1_auth_comp_id 
_struct_conn.ptnr1_auth_seq_id 
_struct_conn.ptnr2_auth_asym_id 
_struct_conn.ptnr2_auth_comp_id 
_struct_conn.ptnr2_auth_seq_id 
_struct_conn.ptnr2_symmetry 
_struct_conn.pdbx_ptnr3_label_atom_id 
_struct_conn.pdbx_ptnr3_label_seq_id 
_struct_conn.pdbx_ptnr3_label_comp_id 
_struct_conn.pdbx_ptnr3_label_asym_id 
_struct_conn.pdbx_ptnr3_label_alt_id 
_struct_conn.pdbx_ptnr3_PDB_ins_code 
_struct_conn.details 
_struct_conn.pdbx_dist_value 
_struct_conn.pdbx_value_order 
_struct_conn.pdbx_role 
disulf1  disulf ? ? A CYS 8  SG ? ? ? 1_555 A CYS 61 SG ? ? A CYS 8  A CYS 62 1_555 ? ? ? ? ? ? ? 2.030 ? ? 
disulf2  disulf ? ? A CYS 9  SG ? ? ? 1_555 A CYS 24 SG ? ? A CYS 9  A CYS 24 1_555 ? ? ? ? ? ? ? 2.013 ? ? 
disulf3  disulf ? ? A CYS 12 SG ? ? ? 1_555 A CYS 57 SG ? ? A CYS 12 A CYS 58 1_555 ? ? ? ? ? ? ? 2.027 ? ? 
disulf4  disulf ? ? A CYS 14 SG ? ? ? 1_555 A CYS 22 SG ? ? A CYS 14 A CYS 22 1_555 ? ? ? ? ? ? ? 2.030 ? ? 
disulf5  disulf ? ? A CYS 31 SG ? ? ? 1_555 A CYS 38 SG ? ? A CYS 32 A CYS 39 1_555 ? ? ? ? ? ? ? 2.016 ? ? 
disulf6  disulf ? ? A CYS 35 SG ? ? ? 1_555 A CYS 50 SG ? ? A CYS 36 A CYS 51 1_555 ? ? ? ? ? ? ? 2.036 ? ? 
disulf7  disulf ? ? A CYS 40 SG ? ? ? 1_555 A CYS 48 SG ? ? A CYS 41 A CYS 49 1_555 ? ? ? ? ? ? ? 2.026 ? ? 
disulf8  disulf ? ? B CYS 8  SG ? ? ? 1_555 B CYS 61 SG ? ? B CYS 8  B CYS 62 1_555 ? ? ? ? ? ? ? 2.026 ? ? 
disulf9  disulf ? ? B CYS 9  SG ? ? ? 1_555 B CYS 24 SG ? ? B CYS 9  B CYS 24 1_555 ? ? ? ? ? ? ? 2.027 ? ? 
disulf10 disulf ? ? B CYS 12 SG ? ? ? 1_555 B CYS 57 SG ? ? B CYS 12 B CYS 58 1_555 ? ? ? ? ? ? ? 2.026 ? ? 
disulf11 disulf ? ? B CYS 14 SG ? ? ? 1_555 B CYS 22 SG ? ? B CYS 14 B CYS 22 1_555 ? ? ? ? ? ? ? 2.024 ? ? 
disulf12 disulf ? ? B CYS 31 SG ? ? ? 1_555 B CYS 38 SG ? ? B CYS 32 B CYS 39 1_555 ? ? ? ? ? ? ? 2.010 ? ? 
disulf13 disulf ? ? B CYS 35 SG ? ? ? 1_555 B CYS 50 SG ? ? B CYS 36 B CYS 51 1_555 ? ? ? ? ? ? ? 2.011 ? ? 
disulf14 disulf ? ? B CYS 40 SG ? ? ? 1_555 B CYS 48 SG ? ? B CYS 41 B CYS 49 1_555 ? ? ? ? ? ? ? 2.019 ? ? 
# 
_struct_conn_type.id          disulf 
_struct_conn_type.criteria    ? 
_struct_conn_type.reference   ? 
# 
loop_
_pdbx_modification_feature.ordinal 
_pdbx_modification_feature.label_comp_id 
_pdbx_modification_feature.label_asym_id 
_pdbx_modification_feature.label_seq_id 
_pdbx_modification_feature.label_alt_id 
_pdbx_modification_feature.modified_residue_label_comp_id 
_pdbx_modification_feature.modified_residue_label_asym_id 
_pdbx_modification_feature.modified_residue_label_seq_id 
_pdbx_modification_feature.modified_residue_label_alt_id 
_pdbx_modification_feature.auth_comp_id 
_pdbx_modification_feature.auth_asym_id 
_pdbx_modification_feature.auth_seq_id 
_pdbx_modification_feature.PDB_ins_code 
_pdbx_modification_feature.symmetry 
_pdbx_modification_feature.modified_residue_auth_comp_id 
_pdbx_modification_feature.modified_residue_auth_asym_id 
_pdbx_modification_feature.modified_residue_auth_seq_id 
_pdbx_modification_feature.modified_residue_PDB_ins_code 
_pdbx_modification_feature.modified_residue_symmetry 
_pdbx_modification_feature.comp_id_linking_atom 
_pdbx_modification_feature.modified_residue_id_linking_atom 
_pdbx_modification_feature.modified_residue_id 
_pdbx_modification_feature.ref_pcm_id 
_pdbx_modification_feature.ref_comp_id 
_pdbx_modification_feature.type 
_pdbx_modification_feature.category 
1  CYS A 8  ? CYS A 61 ? CYS A 8  ? 1_555 CYS A 62 ? 1_555 SG SG . . . None 'Disulfide bridge' 
2  CYS A 9  ? CYS A 24 ? CYS A 9  ? 1_555 CYS A 24 ? 1_555 SG SG . . . None 'Disulfide bridge' 
3  CYS A 12 ? CYS A 57 ? CYS A 12 ? 1_555 CYS A 58 ? 1_555 SG SG . . . None 'Disulfide bridge' 
4  CYS A 14 ? CYS A 22 ? CYS A 14 ? 1_555 CYS A 22 ? 1_555 SG SG . . . None 'Disulfide bridge' 
5  CYS A 31 ? CYS A 38 ? CYS A 32 ? 1_555 CYS A 39 ? 1_555 SG SG . . . None 'Disulfide bridge' 
6  CYS A 35 ? CYS A 50 ? CYS A 36 ? 1_555 CYS A 51 ? 1_555 SG SG . . . None 'Disulfide bridge' 
7  CYS A 40 ? CYS A 48 ? CYS A 41 ? 1_555 CYS A 49 ? 1_555 SG SG . . . None 'Disulfide bridge' 
8  CYS B 8  ? CYS B 61 ? CYS B 8  ? 1_555 CYS B 62 ? 1_555 SG SG . . . None 'Disulfide bridge' 
9  CYS B 9  ? CYS B 24 ? CYS B 9  ? 1_555 CYS B 24 ? 1_555 SG SG . . . None 'Disulfide bridge' 
10 CYS B 12 ? CYS B 57 ? CYS B 12 ? 1_555 CYS B 58 ? 1_555 SG SG . . . None 'Disulfide bridge' 
11 CYS B 14 ? CYS B 22 ? CYS B 14 ? 1_555 CYS B 22 ? 1_555 SG SG . . . None 'Disulfide bridge' 
12 CYS B 31 ? CYS B 38 ? CYS B 32 ? 1_555 CYS B 39 ? 1_555 SG SG . . . None 'Disulfide bridge' 
13 CYS B 35 ? CYS B 50 ? CYS B 36 ? 1_555 CYS B 51 ? 1_555 SG SG . . . None 'Disulfide bridge' 
14 CYS B 40 ? CYS B 48 ? CYS B 41 ? 1_555 CYS B 49 ? 1_555 SG SG . . . None 'Disulfide bridge' 
# 
loop_
_struct_mon_prot_cis.pdbx_id 
_struct_mon_prot_cis.label_comp_id 
_struct_mon_prot_cis.label_seq_id 
_struct_mon_prot_cis.label_asym_id 
_struct_mon_prot_cis.label_alt_id 
_struct_mon_prot_cis.pdbx_PDB_ins_code 
_struct_mon_prot_cis.auth_comp_id 
_struct_mon_prot_cis.auth_seq_id 
_struct_mon_prot_cis.auth_asym_id 
_struct_mon_prot_cis.pdbx_label_comp_id_2 
_struct_mon_prot_cis.pdbx_label_seq_id_2 
_struct_mon_prot_cis.pdbx_label_asym_id_2 
_struct_mon_prot_cis.pdbx_PDB_ins_code_2 
_struct_mon_prot_cis.pdbx_auth_comp_id_2 
_struct_mon_prot_cis.pdbx_auth_seq_id_2 
_struct_mon_prot_cis.pdbx_auth_asym_id_2 
_struct_mon_prot_cis.pdbx_PDB_model_num 
_struct_mon_prot_cis.pdbx_omega_angle 
1 ASN 18 A . ? ASN 18 A PRO 19 A ? PRO 19 A 1 0.12  
2 ASN 44 A . ? ASN 45 A PRO 45 A ? PRO 46 A 1 -0.10 
3 ASN 18 B . ? ASN 18 B PRO 19 B ? PRO 19 B 1 -0.03 
4 ASN 44 B . ? ASN 45 B PRO 45 B ? PRO 46 B 1 -0.50 
# 
loop_
_struct_sheet.id 
_struct_sheet.type 
_struct_sheet.number_strands 
_struct_sheet.details 
A ? 2 ? 
B ? 2 ? 
C ? 2 ? 
D ? 2 ? 
# 
loop_
_struct_sheet_order.sheet_id 
_struct_sheet_order.range_id_1 
_struct_sheet_order.range_id_2 
_struct_sheet_order.offset 
_struct_sheet_order.sense 
A 1 2 ? anti-parallel 
B 1 2 ? anti-parallel 
C 1 2 ? anti-parallel 
D 1 2 ? anti-parallel 
# 
loop_
_struct_sheet_range.sheet_id 
_struct_sheet_range.id 
_struct_sheet_range.beg_label_comp_id 
_struct_sheet_range.beg_label_asym_id 
_struct_sheet_range.beg_label_seq_id 
_struct_sheet_range.pdbx_beg_PDB_ins_code 
_struct_sheet_range.end_label_comp_id 
_struct_sheet_range.end_label_asym_id 
_struct_sheet_range.end_label_seq_id 
_struct_sheet_range.pdbx_end_PDB_ins_code 
_struct_sheet_range.beg_auth_comp_id 
_struct_sheet_range.beg_auth_asym_id 
_struct_sheet_range.beg_auth_seq_id 
_struct_sheet_range.end_auth_comp_id 
_struct_sheet_range.end_auth_asym_id 
_struct_sheet_range.end_auth_seq_id 
A 1 CYS A 12 ? CYS A 14 ? CYS A 12 CYS A 14 
A 2 CYS A 22 ? CYS A 24 ? CYS A 22 CYS A 24 
B 1 CYS A 38 ? ALA A 41 ? CYS A 39 ALA A 42 
B 2 LYS A 47 ? CYS A 50 ? LYS A 48 CYS A 51 
C 1 CYS B 12 ? CYS B 14 ? CYS B 12 CYS B 14 
C 2 CYS B 22 ? CYS B 24 ? CYS B 22 CYS B 24 
D 1 CYS B 38 ? ALA B 41 ? CYS B 39 ALA B 42 
D 2 LYS B 47 ? CYS B 50 ? LYS B 48 CYS B 51 
# 
loop_
_pdbx_struct_sheet_hbond.sheet_id 
_pdbx_struct_sheet_hbond.range_id_1 
_pdbx_struct_sheet_hbond.range_id_2 
_pdbx_struct_sheet_hbond.range_1_label_atom_id 
_pdbx_struct_sheet_hbond.range_1_label_comp_id 
_pdbx_struct_sheet_hbond.range_1_label_asym_id 
_pdbx_struct_sheet_hbond.range_1_label_seq_id 
_pdbx_struct_sheet_hbond.range_1_PDB_ins_code 
_pdbx_struct_sheet_hbond.range_1_auth_atom_id 
_pdbx_struct_sheet_hbond.range_1_auth_comp_id 
_pdbx_struct_sheet_hbond.range_1_auth_asym_id 
_pdbx_struct_sheet_hbond.range_1_auth_seq_id 
_pdbx_struct_sheet_hbond.range_2_label_atom_id 
_pdbx_struct_sheet_hbond.range_2_label_comp_id 
_pdbx_struct_sheet_hbond.range_2_label_asym_id 
_pdbx_struct_sheet_hbond.range_2_label_seq_id 
_pdbx_struct_sheet_hbond.range_2_PDB_ins_code 
_pdbx_struct_sheet_hbond.range_2_auth_atom_id 
_pdbx_struct_sheet_hbond.range_2_auth_comp_id 
_pdbx_struct_sheet_hbond.range_2_auth_asym_id 
_pdbx_struct_sheet_hbond.range_2_auth_seq_id 
A 1 2 O LEU A 13 ? O LEU A 13 N ARG A 23 ? N ARG A 23 
B 1 2 O ILE A 39 ? O ILE A 40 N GLN A 49 ? N GLN A 50 
C 1 2 O LEU B 13 ? O LEU B 13 N ARG B 23 ? N ARG B 23 
D 1 2 O ILE B 39 ? O ILE B 40 N GLN B 49 ? N GLN B 50 
# 
_pdbx_entry_details.entry_id                   1PBI 
_pdbx_entry_details.compound_details           ? 
_pdbx_entry_details.source_details             ? 
_pdbx_entry_details.nonpolymer_details         ? 
_pdbx_entry_details.sequence_details           ? 
_pdbx_entry_details.has_ligand_of_interest     ? 
_pdbx_entry_details.has_protein_modification   Y 
# 
loop_
_pdbx_validate_torsion.id 
_pdbx_validate_torsion.PDB_model_num 
_pdbx_validate_torsion.auth_comp_id 
_pdbx_validate_torsion.auth_asym_id 
_pdbx_validate_torsion.auth_seq_id 
_pdbx_validate_torsion.PDB_ins_code 
_pdbx_validate_torsion.label_alt_id 
_pdbx_validate_torsion.phi 
_pdbx_validate_torsion.psi 
1 1 SER A 17 ? ? -57.52 178.76 
2 1 GLU A 66 ? ? -58.95 103.59 
3 1 LYS A 72 ? ? -66.05 81.16  
4 1 SER B 17 ? ? -58.76 175.86 
5 1 ASN B 64 ? ? 42.79  26.69  
6 1 LYS B 72 ? ? -66.87 83.72  
# 
_pdbx_struct_special_symmetry.id              1 
_pdbx_struct_special_symmetry.PDB_model_num   1 
_pdbx_struct_special_symmetry.auth_asym_id    A 
_pdbx_struct_special_symmetry.auth_comp_id    HOH 
_pdbx_struct_special_symmetry.auth_seq_id     101 
_pdbx_struct_special_symmetry.PDB_ins_code    ? 
_pdbx_struct_special_symmetry.label_asym_id   C 
_pdbx_struct_special_symmetry.label_comp_id   HOH 
_pdbx_struct_special_symmetry.label_seq_id    . 
# 
loop_
_pdbx_unobs_or_zero_occ_residues.id 
_pdbx_unobs_or_zero_occ_residues.PDB_model_num 
_pdbx_unobs_or_zero_occ_residues.polymer_flag 
_pdbx_unobs_or_zero_occ_residues.occupancy_flag 
_pdbx_unobs_or_zero_occ_residues.auth_asym_id 
_pdbx_unobs_or_zero_occ_residues.auth_comp_id 
_pdbx_unobs_or_zero_occ_residues.auth_seq_id 
_pdbx_unobs_or_zero_occ_residues.PDB_ins_code 
_pdbx_unobs_or_zero_occ_residues.label_asym_id 
_pdbx_unobs_or_zero_occ_residues.label_comp_id 
_pdbx_unobs_or_zero_occ_residues.label_seq_id 
1 1 Y 1 A GLY 1 ? A GLY 1 
2 1 Y 1 A ASP 2 ? A ASP 2 
3 1 Y 1 A ASP 3 ? A ASP 3 
4 1 Y 1 A VAL 4 ? A VAL 4 
5 1 Y 1 B GLY 1 ? B GLY 1 
6 1 Y 1 B ASP 2 ? B ASP 2 
7 1 Y 1 B ASP 3 ? B ASP 3 
8 1 Y 1 B VAL 4 ? B VAL 4 
# 
loop_
_chem_comp_atom.comp_id 
_chem_comp_atom.atom_id 
_chem_comp_atom.type_symbol 
_chem_comp_atom.pdbx_aromatic_flag 
_chem_comp_atom.pdbx_stereo_config 
_chem_comp_atom.pdbx_ordinal 
ALA N    N N N 1   
ALA CA   C N S 2   
ALA C    C N N 3   
ALA O    O N N 4   
ALA CB   C N N 5   
ALA OXT  O N N 6   
ALA H    H N N 7   
ALA H2   H N N 8   
ALA HA   H N N 9   
ALA HB1  H N N 10  
ALA HB2  H N N 11  
ALA HB3  H N N 12  
ALA HXT  H N N 13  
ARG N    N N N 14  
ARG CA   C N S 15  
ARG C    C N N 16  
ARG O    O N N 17  
ARG CB   C N N 18  
ARG CG   C N N 19  
ARG CD   C N N 20  
ARG NE   N N N 21  
ARG CZ   C N N 22  
ARG NH1  N N N 23  
ARG NH2  N N N 24  
ARG OXT  O N N 25  
ARG H    H N N 26  
ARG H2   H N N 27  
ARG HA   H N N 28  
ARG HB2  H N N 29  
ARG HB3  H N N 30  
ARG HG2  H N N 31  
ARG HG3  H N N 32  
ARG HD2  H N N 33  
ARG HD3  H N N 34  
ARG HE   H N N 35  
ARG HH11 H N N 36  
ARG HH12 H N N 37  
ARG HH21 H N N 38  
ARG HH22 H N N 39  
ARG HXT  H N N 40  
ASN N    N N N 41  
ASN CA   C N S 42  
ASN C    C N N 43  
ASN O    O N N 44  
ASN CB   C N N 45  
ASN CG   C N N 46  
ASN OD1  O N N 47  
ASN ND2  N N N 48  
ASN OXT  O N N 49  
ASN H    H N N 50  
ASN H2   H N N 51  
ASN HA   H N N 52  
ASN HB2  H N N 53  
ASN HB3  H N N 54  
ASN HD21 H N N 55  
ASN HD22 H N N 56  
ASN HXT  H N N 57  
ASP N    N N N 58  
ASP CA   C N S 59  
ASP C    C N N 60  
ASP O    O N N 61  
ASP CB   C N N 62  
ASP CG   C N N 63  
ASP OD1  O N N 64  
ASP OD2  O N N 65  
ASP OXT  O N N 66  
ASP H    H N N 67  
ASP H2   H N N 68  
ASP HA   H N N 69  
ASP HB2  H N N 70  
ASP HB3  H N N 71  
ASP HD2  H N N 72  
ASP HXT  H N N 73  
CYS N    N N N 74  
CYS CA   C N R 75  
CYS C    C N N 76  
CYS O    O N N 77  
CYS CB   C N N 78  
CYS SG   S N N 79  
CYS OXT  O N N 80  
CYS H    H N N 81  
CYS H2   H N N 82  
CYS HA   H N N 83  
CYS HB2  H N N 84  
CYS HB3  H N N 85  
CYS HG   H N N 86  
CYS HXT  H N N 87  
GLN N    N N N 88  
GLN CA   C N S 89  
GLN C    C N N 90  
GLN O    O N N 91  
GLN CB   C N N 92  
GLN CG   C N N 93  
GLN CD   C N N 94  
GLN OE1  O N N 95  
GLN NE2  N N N 96  
GLN OXT  O N N 97  
GLN H    H N N 98  
GLN H2   H N N 99  
GLN HA   H N N 100 
GLN HB2  H N N 101 
GLN HB3  H N N 102 
GLN HG2  H N N 103 
GLN HG3  H N N 104 
GLN HE21 H N N 105 
GLN HE22 H N N 106 
GLN HXT  H N N 107 
GLU N    N N N 108 
GLU CA   C N S 109 
GLU C    C N N 110 
GLU O    O N N 111 
GLU CB   C N N 112 
GLU CG   C N N 113 
GLU CD   C N N 114 
GLU OE1  O N N 115 
GLU OE2  O N N 116 
GLU OXT  O N N 117 
GLU H    H N N 118 
GLU H2   H N N 119 
GLU HA   H N N 120 
GLU HB2  H N N 121 
GLU HB3  H N N 122 
GLU HG2  H N N 123 
GLU HG3  H N N 124 
GLU HE2  H N N 125 
GLU HXT  H N N 126 
GLY N    N N N 127 
GLY CA   C N N 128 
GLY C    C N N 129 
GLY O    O N N 130 
GLY OXT  O N N 131 
GLY H    H N N 132 
GLY H2   H N N 133 
GLY HA2  H N N 134 
GLY HA3  H N N 135 
GLY HXT  H N N 136 
HIS N    N N N 137 
HIS CA   C N S 138 
HIS C    C N N 139 
HIS O    O N N 140 
HIS CB   C N N 141 
HIS CG   C Y N 142 
HIS ND1  N Y N 143 
HIS CD2  C Y N 144 
HIS CE1  C Y N 145 
HIS NE2  N Y N 146 
HIS OXT  O N N 147 
HIS H    H N N 148 
HIS H2   H N N 149 
HIS HA   H N N 150 
HIS HB2  H N N 151 
HIS HB3  H N N 152 
HIS HD1  H N N 153 
HIS HD2  H N N 154 
HIS HE1  H N N 155 
HIS HE2  H N N 156 
HIS HXT  H N N 157 
HOH O    O N N 158 
HOH H1   H N N 159 
HOH H2   H N N 160 
ILE N    N N N 161 
ILE CA   C N S 162 
ILE C    C N N 163 
ILE O    O N N 164 
ILE CB   C N S 165 
ILE CG1  C N N 166 
ILE CG2  C N N 167 
ILE CD1  C N N 168 
ILE OXT  O N N 169 
ILE H    H N N 170 
ILE H2   H N N 171 
ILE HA   H N N 172 
ILE HB   H N N 173 
ILE HG12 H N N 174 
ILE HG13 H N N 175 
ILE HG21 H N N 176 
ILE HG22 H N N 177 
ILE HG23 H N N 178 
ILE HD11 H N N 179 
ILE HD12 H N N 180 
ILE HD13 H N N 181 
ILE HXT  H N N 182 
LEU N    N N N 183 
LEU CA   C N S 184 
LEU C    C N N 185 
LEU O    O N N 186 
LEU CB   C N N 187 
LEU CG   C N N 188 
LEU CD1  C N N 189 
LEU CD2  C N N 190 
LEU OXT  O N N 191 
LEU H    H N N 192 
LEU H2   H N N 193 
LEU HA   H N N 194 
LEU HB2  H N N 195 
LEU HB3  H N N 196 
LEU HG   H N N 197 
LEU HD11 H N N 198 
LEU HD12 H N N 199 
LEU HD13 H N N 200 
LEU HD21 H N N 201 
LEU HD22 H N N 202 
LEU HD23 H N N 203 
LEU HXT  H N N 204 
LYS N    N N N 205 
LYS CA   C N S 206 
LYS C    C N N 207 
LYS O    O N N 208 
LYS CB   C N N 209 
LYS CG   C N N 210 
LYS CD   C N N 211 
LYS CE   C N N 212 
LYS NZ   N N N 213 
LYS OXT  O N N 214 
LYS H    H N N 215 
LYS H2   H N N 216 
LYS HA   H N N 217 
LYS HB2  H N N 218 
LYS HB3  H N N 219 
LYS HG2  H N N 220 
LYS HG3  H N N 221 
LYS HD2  H N N 222 
LYS HD3  H N N 223 
LYS HE2  H N N 224 
LYS HE3  H N N 225 
LYS HZ1  H N N 226 
LYS HZ2  H N N 227 
LYS HZ3  H N N 228 
LYS HXT  H N N 229 
PHE N    N N N 230 
PHE CA   C N S 231 
PHE C    C N N 232 
PHE O    O N N 233 
PHE CB   C N N 234 
PHE CG   C Y N 235 
PHE CD1  C Y N 236 
PHE CD2  C Y N 237 
PHE CE1  C Y N 238 
PHE CE2  C Y N 239 
PHE CZ   C Y N 240 
PHE OXT  O N N 241 
PHE H    H N N 242 
PHE H2   H N N 243 
PHE HA   H N N 244 
PHE HB2  H N N 245 
PHE HB3  H N N 246 
PHE HD1  H N N 247 
PHE HD2  H N N 248 
PHE HE1  H N N 249 
PHE HE2  H N N 250 
PHE HZ   H N N 251 
PHE HXT  H N N 252 
PRO N    N N N 253 
PRO CA   C N S 254 
PRO C    C N N 255 
PRO O    O N N 256 
PRO CB   C N N 257 
PRO CG   C N N 258 
PRO CD   C N N 259 
PRO OXT  O N N 260 
PRO H    H N N 261 
PRO HA   H N N 262 
PRO HB2  H N N 263 
PRO HB3  H N N 264 
PRO HG2  H N N 265 
PRO HG3  H N N 266 
PRO HD2  H N N 267 
PRO HD3  H N N 268 
PRO HXT  H N N 269 
SER N    N N N 270 
SER CA   C N S 271 
SER C    C N N 272 
SER O    O N N 273 
SER CB   C N N 274 
SER OG   O N N 275 
SER OXT  O N N 276 
SER H    H N N 277 
SER H2   H N N 278 
SER HA   H N N 279 
SER HB2  H N N 280 
SER HB3  H N N 281 
SER HG   H N N 282 
SER HXT  H N N 283 
THR N    N N N 284 
THR CA   C N S 285 
THR C    C N N 286 
THR O    O N N 287 
THR CB   C N R 288 
THR OG1  O N N 289 
THR CG2  C N N 290 
THR OXT  O N N 291 
THR H    H N N 292 
THR H2   H N N 293 
THR HA   H N N 294 
THR HB   H N N 295 
THR HG1  H N N 296 
THR HG21 H N N 297 
THR HG22 H N N 298 
THR HG23 H N N 299 
THR HXT  H N N 300 
TYR N    N N N 301 
TYR CA   C N S 302 
TYR C    C N N 303 
TYR O    O N N 304 
TYR CB   C N N 305 
TYR CG   C Y N 306 
TYR CD1  C Y N 307 
TYR CD2  C Y N 308 
TYR CE1  C Y N 309 
TYR CE2  C Y N 310 
TYR CZ   C Y N 311 
TYR OH   O N N 312 
TYR OXT  O N N 313 
TYR H    H N N 314 
TYR H2   H N N 315 
TYR HA   H N N 316 
TYR HB2  H N N 317 
TYR HB3  H N N 318 
TYR HD1  H N N 319 
TYR HD2  H N N 320 
TYR HE1  H N N 321 
TYR HE2  H N N 322 
TYR HH   H N N 323 
TYR HXT  H N N 324 
VAL N    N N N 325 
VAL CA   C N S 326 
VAL C    C N N 327 
VAL O    O N N 328 
VAL CB   C N N 329 
VAL CG1  C N N 330 
VAL CG2  C N N 331 
VAL OXT  O N N 332 
VAL H    H N N 333 
VAL H2   H N N 334 
VAL HA   H N N 335 
VAL HB   H N N 336 
VAL HG11 H N N 337 
VAL HG12 H N N 338 
VAL HG13 H N N 339 
VAL HG21 H N N 340 
VAL HG22 H N N 341 
VAL HG23 H N N 342 
VAL HXT  H N N 343 
# 
loop_
_chem_comp_bond.comp_id 
_chem_comp_bond.atom_id_1 
_chem_comp_bond.atom_id_2 
_chem_comp_bond.value_order 
_chem_comp_bond.pdbx_aromatic_flag 
_chem_comp_bond.pdbx_stereo_config 
_chem_comp_bond.pdbx_ordinal 
ALA N   CA   sing N N 1   
ALA N   H    sing N N 2   
ALA N   H2   sing N N 3   
ALA CA  C    sing N N 4   
ALA CA  CB   sing N N 5   
ALA CA  HA   sing N N 6   
ALA C   O    doub N N 7   
ALA C   OXT  sing N N 8   
ALA CB  HB1  sing N N 9   
ALA CB  HB2  sing N N 10  
ALA CB  HB3  sing N N 11  
ALA OXT HXT  sing N N 12  
ARG N   CA   sing N N 13  
ARG N   H    sing N N 14  
ARG N   H2   sing N N 15  
ARG CA  C    sing N N 16  
ARG CA  CB   sing N N 17  
ARG CA  HA   sing N N 18  
ARG C   O    doub N N 19  
ARG C   OXT  sing N N 20  
ARG CB  CG   sing N N 21  
ARG CB  HB2  sing N N 22  
ARG CB  HB3  sing N N 23  
ARG CG  CD   sing N N 24  
ARG CG  HG2  sing N N 25  
ARG CG  HG3  sing N N 26  
ARG CD  NE   sing N N 27  
ARG CD  HD2  sing N N 28  
ARG CD  HD3  sing N N 29  
ARG NE  CZ   sing N N 30  
ARG NE  HE   sing N N 31  
ARG CZ  NH1  sing N N 32  
ARG CZ  NH2  doub N N 33  
ARG NH1 HH11 sing N N 34  
ARG NH1 HH12 sing N N 35  
ARG NH2 HH21 sing N N 36  
ARG NH2 HH22 sing N N 37  
ARG OXT HXT  sing N N 38  
ASN N   CA   sing N N 39  
ASN N   H    sing N N 40  
ASN N   H2   sing N N 41  
ASN CA  C    sing N N 42  
ASN CA  CB   sing N N 43  
ASN CA  HA   sing N N 44  
ASN C   O    doub N N 45  
ASN C   OXT  sing N N 46  
ASN CB  CG   sing N N 47  
ASN CB  HB2  sing N N 48  
ASN CB  HB3  sing N N 49  
ASN CG  OD1  doub N N 50  
ASN CG  ND2  sing N N 51  
ASN ND2 HD21 sing N N 52  
ASN ND2 HD22 sing N N 53  
ASN OXT HXT  sing N N 54  
ASP N   CA   sing N N 55  
ASP N   H    sing N N 56  
ASP N   H2   sing N N 57  
ASP CA  C    sing N N 58  
ASP CA  CB   sing N N 59  
ASP CA  HA   sing N N 60  
ASP C   O    doub N N 61  
ASP C   OXT  sing N N 62  
ASP CB  CG   sing N N 63  
ASP CB  HB2  sing N N 64  
ASP CB  HB3  sing N N 65  
ASP CG  OD1  doub N N 66  
ASP CG  OD2  sing N N 67  
ASP OD2 HD2  sing N N 68  
ASP OXT HXT  sing N N 69  
CYS N   CA   sing N N 70  
CYS N   H    sing N N 71  
CYS N   H2   sing N N 72  
CYS CA  C    sing N N 73  
CYS CA  CB   sing N N 74  
CYS CA  HA   sing N N 75  
CYS C   O    doub N N 76  
CYS C   OXT  sing N N 77  
CYS CB  SG   sing N N 78  
CYS CB  HB2  sing N N 79  
CYS CB  HB3  sing N N 80  
CYS SG  HG   sing N N 81  
CYS OXT HXT  sing N N 82  
GLN N   CA   sing N N 83  
GLN N   H    sing N N 84  
GLN N   H2   sing N N 85  
GLN CA  C    sing N N 86  
GLN CA  CB   sing N N 87  
GLN CA  HA   sing N N 88  
GLN C   O    doub N N 89  
GLN C   OXT  sing N N 90  
GLN CB  CG   sing N N 91  
GLN CB  HB2  sing N N 92  
GLN CB  HB3  sing N N 93  
GLN CG  CD   sing N N 94  
GLN CG  HG2  sing N N 95  
GLN CG  HG3  sing N N 96  
GLN CD  OE1  doub N N 97  
GLN CD  NE2  sing N N 98  
GLN NE2 HE21 sing N N 99  
GLN NE2 HE22 sing N N 100 
GLN OXT HXT  sing N N 101 
GLU N   CA   sing N N 102 
GLU N   H    sing N N 103 
GLU N   H2   sing N N 104 
GLU CA  C    sing N N 105 
GLU CA  CB   sing N N 106 
GLU CA  HA   sing N N 107 
GLU C   O    doub N N 108 
GLU C   OXT  sing N N 109 
GLU CB  CG   sing N N 110 
GLU CB  HB2  sing N N 111 
GLU CB  HB3  sing N N 112 
GLU CG  CD   sing N N 113 
GLU CG  HG2  sing N N 114 
GLU CG  HG3  sing N N 115 
GLU CD  OE1  doub N N 116 
GLU CD  OE2  sing N N 117 
GLU OE2 HE2  sing N N 118 
GLU OXT HXT  sing N N 119 
GLY N   CA   sing N N 120 
GLY N   H    sing N N 121 
GLY N   H2   sing N N 122 
GLY CA  C    sing N N 123 
GLY CA  HA2  sing N N 124 
GLY CA  HA3  sing N N 125 
GLY C   O    doub N N 126 
GLY C   OXT  sing N N 127 
GLY OXT HXT  sing N N 128 
HIS N   CA   sing N N 129 
HIS N   H    sing N N 130 
HIS N   H2   sing N N 131 
HIS CA  C    sing N N 132 
HIS CA  CB   sing N N 133 
HIS CA  HA   sing N N 134 
HIS C   O    doub N N 135 
HIS C   OXT  sing N N 136 
HIS CB  CG   sing N N 137 
HIS CB  HB2  sing N N 138 
HIS CB  HB3  sing N N 139 
HIS CG  ND1  sing Y N 140 
HIS CG  CD2  doub Y N 141 
HIS ND1 CE1  doub Y N 142 
HIS ND1 HD1  sing N N 143 
HIS CD2 NE2  sing Y N 144 
HIS CD2 HD2  sing N N 145 
HIS CE1 NE2  sing Y N 146 
HIS CE1 HE1  sing N N 147 
HIS NE2 HE2  sing N N 148 
HIS OXT HXT  sing N N 149 
HOH O   H1   sing N N 150 
HOH O   H2   sing N N 151 
ILE N   CA   sing N N 152 
ILE N   H    sing N N 153 
ILE N   H2   sing N N 154 
ILE CA  C    sing N N 155 
ILE CA  CB   sing N N 156 
ILE CA  HA   sing N N 157 
ILE C   O    doub N N 158 
ILE C   OXT  sing N N 159 
ILE CB  CG1  sing N N 160 
ILE CB  CG2  sing N N 161 
ILE CB  HB   sing N N 162 
ILE CG1 CD1  sing N N 163 
ILE CG1 HG12 sing N N 164 
ILE CG1 HG13 sing N N 165 
ILE CG2 HG21 sing N N 166 
ILE CG2 HG22 sing N N 167 
ILE CG2 HG23 sing N N 168 
ILE CD1 HD11 sing N N 169 
ILE CD1 HD12 sing N N 170 
ILE CD1 HD13 sing N N 171 
ILE OXT HXT  sing N N 172 
LEU N   CA   sing N N 173 
LEU N   H    sing N N 174 
LEU N   H2   sing N N 175 
LEU CA  C    sing N N 176 
LEU CA  CB   sing N N 177 
LEU CA  HA   sing N N 178 
LEU C   O    doub N N 179 
LEU C   OXT  sing N N 180 
LEU CB  CG   sing N N 181 
LEU CB  HB2  sing N N 182 
LEU CB  HB3  sing N N 183 
LEU CG  CD1  sing N N 184 
LEU CG  CD2  sing N N 185 
LEU CG  HG   sing N N 186 
LEU CD1 HD11 sing N N 187 
LEU CD1 HD12 sing N N 188 
LEU CD1 HD13 sing N N 189 
LEU CD2 HD21 sing N N 190 
LEU CD2 HD22 sing N N 191 
LEU CD2 HD23 sing N N 192 
LEU OXT HXT  sing N N 193 
LYS N   CA   sing N N 194 
LYS N   H    sing N N 195 
LYS N   H2   sing N N 196 
LYS CA  C    sing N N 197 
LYS CA  CB   sing N N 198 
LYS CA  HA   sing N N 199 
LYS C   O    doub N N 200 
LYS C   OXT  sing N N 201 
LYS CB  CG   sing N N 202 
LYS CB  HB2  sing N N 203 
LYS CB  HB3  sing N N 204 
LYS CG  CD   sing N N 205 
LYS CG  HG2  sing N N 206 
LYS CG  HG3  sing N N 207 
LYS CD  CE   sing N N 208 
LYS CD  HD2  sing N N 209 
LYS CD  HD3  sing N N 210 
LYS CE  NZ   sing N N 211 
LYS CE  HE2  sing N N 212 
LYS CE  HE3  sing N N 213 
LYS NZ  HZ1  sing N N 214 
LYS NZ  HZ2  sing N N 215 
LYS NZ  HZ3  sing N N 216 
LYS OXT HXT  sing N N 217 
PHE N   CA   sing N N 218 
PHE N   H    sing N N 219 
PHE N   H2   sing N N 220 
PHE CA  C    sing N N 221 
PHE CA  CB   sing N N 222 
PHE CA  HA   sing N N 223 
PHE C   O    doub N N 224 
PHE C   OXT  sing N N 225 
PHE CB  CG   sing N N 226 
PHE CB  HB2  sing N N 227 
PHE CB  HB3  sing N N 228 
PHE CG  CD1  doub Y N 229 
PHE CG  CD2  sing Y N 230 
PHE CD1 CE1  sing Y N 231 
PHE CD1 HD1  sing N N 232 
PHE CD2 CE2  doub Y N 233 
PHE CD2 HD2  sing N N 234 
PHE CE1 CZ   doub Y N 235 
PHE CE1 HE1  sing N N 236 
PHE CE2 CZ   sing Y N 237 
PHE CE2 HE2  sing N N 238 
PHE CZ  HZ   sing N N 239 
PHE OXT HXT  sing N N 240 
PRO N   CA   sing N N 241 
PRO N   CD   sing N N 242 
PRO N   H    sing N N 243 
PRO CA  C    sing N N 244 
PRO CA  CB   sing N N 245 
PRO CA  HA   sing N N 246 
PRO C   O    doub N N 247 
PRO C   OXT  sing N N 248 
PRO CB  CG   sing N N 249 
PRO CB  HB2  sing N N 250 
PRO CB  HB3  sing N N 251 
PRO CG  CD   sing N N 252 
PRO CG  HG2  sing N N 253 
PRO CG  HG3  sing N N 254 
PRO CD  HD2  sing N N 255 
PRO CD  HD3  sing N N 256 
PRO OXT HXT  sing N N 257 
SER N   CA   sing N N 258 
SER N   H    sing N N 259 
SER N   H2   sing N N 260 
SER CA  C    sing N N 261 
SER CA  CB   sing N N 262 
SER CA  HA   sing N N 263 
SER C   O    doub N N 264 
SER C   OXT  sing N N 265 
SER CB  OG   sing N N 266 
SER CB  HB2  sing N N 267 
SER CB  HB3  sing N N 268 
SER OG  HG   sing N N 269 
SER OXT HXT  sing N N 270 
THR N   CA   sing N N 271 
THR N   H    sing N N 272 
THR N   H2   sing N N 273 
THR CA  C    sing N N 274 
THR CA  CB   sing N N 275 
THR CA  HA   sing N N 276 
THR C   O    doub N N 277 
THR C   OXT  sing N N 278 
THR CB  OG1  sing N N 279 
THR CB  CG2  sing N N 280 
THR CB  HB   sing N N 281 
THR OG1 HG1  sing N N 282 
THR CG2 HG21 sing N N 283 
THR CG2 HG22 sing N N 284 
THR CG2 HG23 sing N N 285 
THR OXT HXT  sing N N 286 
TYR N   CA   sing N N 287 
TYR N   H    sing N N 288 
TYR N   H2   sing N N 289 
TYR CA  C    sing N N 290 
TYR CA  CB   sing N N 291 
TYR CA  HA   sing N N 292 
TYR C   O    doub N N 293 
TYR C   OXT  sing N N 294 
TYR CB  CG   sing N N 295 
TYR CB  HB2  sing N N 296 
TYR CB  HB3  sing N N 297 
TYR CG  CD1  doub Y N 298 
TYR CG  CD2  sing Y N 299 
TYR CD1 CE1  sing Y N 300 
TYR CD1 HD1  sing N N 301 
TYR CD2 CE2  doub Y N 302 
TYR CD2 HD2  sing N N 303 
TYR CE1 CZ   doub Y N 304 
TYR CE1 HE1  sing N N 305 
TYR CE2 CZ   sing Y N 306 
TYR CE2 HE2  sing N N 307 
TYR CZ  OH   sing N N 308 
TYR OH  HH   sing N N 309 
TYR OXT HXT  sing N N 310 
VAL N   CA   sing N N 311 
VAL N   H    sing N N 312 
VAL N   H2   sing N N 313 
VAL CA  C    sing N N 314 
VAL CA  CB   sing N N 315 
VAL CA  HA   sing N N 316 
VAL C   O    doub N N 317 
VAL C   OXT  sing N N 318 
VAL CB  CG1  sing N N 319 
VAL CB  CG2  sing N N 320 
VAL CB  HB   sing N N 321 
VAL CG1 HG11 sing N N 322 
VAL CG1 HG12 sing N N 323 
VAL CG1 HG13 sing N N 324 
VAL CG2 HG21 sing N N 325 
VAL CG2 HG22 sing N N 326 
VAL CG2 HG23 sing N N 327 
VAL OXT HXT  sing N N 328 
# 
_pdbx_initial_refinement_model.accession_code   ? 
_pdbx_initial_refinement_model.id               1 
_pdbx_initial_refinement_model.entity_id_list   ? 
_pdbx_initial_refinement_model.type             'experimental model' 
_pdbx_initial_refinement_model.source_name      Other 
_pdbx_initial_refinement_model.details          'X-RAY COORDINATES OF BOWMAN-BIRK INHIBITOR FROM SOYBEAN' 
# 
_atom_sites.entry_id                    1PBI 
_atom_sites.fract_transf_matrix[1][1]   0.01248554 
_atom_sites.fract_transf_matrix[1][2]   -0.00278699 
_atom_sites.fract_transf_matrix[1][3]   0.01402491 
_atom_sites.fract_transf_matrix[2][1]   -0.01009383 
_atom_sites.fract_transf_matrix[2][2]   0.01147010 
_atom_sites.fract_transf_matrix[2][3]   0.01126524 
_atom_sites.fract_transf_matrix[3][1]   -0.00394339 
_atom_sites.fract_transf_matrix[3][2]   -0.00578839 
_atom_sites.fract_transf_matrix[3][3]   0.00236031 
_atom_sites.fract_transf_vector[1]      0.380276 
_atom_sites.fract_transf_vector[2]      0.519274 
_atom_sites.fract_transf_vector[3]      0.121724 
# 
loop_
_atom_type.symbol 
C 
N 
O 
S 
# 
loop_
_atom_site.group_PDB 
_atom_site.id 
_atom_site.type_symbol 
_atom_site.label_atom_id 
_atom_site.label_alt_id 
_atom_site.label_comp_id 
_atom_site.label_asym_id 
_atom_site.label_entity_id 
_atom_site.label_seq_id 
_atom_site.pdbx_PDB_ins_code 
_atom_site.Cartn_x 
_atom_site.Cartn_y 
_atom_site.Cartn_z 
_atom_site.occupancy 
_atom_site.B_iso_or_equiv 
_atom_site.pdbx_formal_charge 
_atom_site.auth_seq_id 
_atom_site.auth_comp_id 
_atom_site.auth_asym_id 
_atom_site.auth_atom_id 
_atom_site.pdbx_PDB_model_num 
ATOM   1   N N   . LYS A 1 5  ? -10.315 -19.161 -0.170  1.00 42.09 ? 5   LYS A N   1 
ATOM   2   C CA  . LYS A 1 5  ? -9.213  -19.591 0.738   1.00 39.53 ? 5   LYS A CA  1 
ATOM   3   C C   . LYS A 1 5  ? -9.347  -18.976 2.135   1.00 36.77 ? 5   LYS A C   1 
ATOM   4   O O   . LYS A 1 5  ? -10.444 -18.933 2.706   1.00 37.54 ? 5   LYS A O   1 
ATOM   5   C CB  . LYS A 1 5  ? -7.854  -19.233 0.131   1.00 35.80 ? 5   LYS A CB  1 
ATOM   6   N N   . SER A 1 6  ? -8.236  -18.496 2.679   1.00 31.67 ? 6   SER A N   1 
ATOM   7   C CA  . SER A 1 6  ? -8.247  -17.930 4.016   1.00 28.36 ? 6   SER A CA  1 
ATOM   8   C C   . SER A 1 6  ? -7.831  -16.482 4.058   1.00 24.77 ? 6   SER A C   1 
ATOM   9   O O   . SER A 1 6  ? -6.819  -16.092 3.474   1.00 28.19 ? 6   SER A O   1 
ATOM   10  C CB  . SER A 1 6  ? -7.331  -18.741 4.926   1.00 32.52 ? 6   SER A CB  1 
ATOM   11  O OG  . SER A 1 6  ? -8.063  -19.722 5.639   1.00 38.11 ? 6   SER A OG  1 
ATOM   12  N N   . ALA A 1 7  ? -8.616  -15.679 4.761   1.00 19.31 ? 7   ALA A N   1 
ATOM   13  C CA  . ALA A 1 7  ? -8.317  -14.266 4.895   1.00 19.57 ? 7   ALA A CA  1 
ATOM   14  C C   . ALA A 1 7  ? -6.985  -14.069 5.611   1.00 19.05 ? 7   ALA A C   1 
ATOM   15  O O   . ALA A 1 7  ? -6.864  -14.369 6.792   1.00 20.73 ? 7   ALA A O   1 
ATOM   16  C CB  . ALA A 1 7  ? -9.421  -13.571 5.668   1.00 20.21 ? 7   ALA A CB  1 
ATOM   17  N N   . CYS A 1 8  ? -5.982  -13.584 4.883   1.00 20.22 ? 8   CYS A N   1 
ATOM   18  C CA  . CYS A 1 8  ? -4.660  -13.305 5.446   1.00 17.88 ? 8   CYS A CA  1 
ATOM   19  C C   . CYS A 1 8  ? -4.036  -12.078 4.776   1.00 18.93 ? 8   CYS A C   1 
ATOM   20  O O   . CYS A 1 8  ? -4.435  -11.683 3.674   1.00 19.19 ? 8   CYS A O   1 
ATOM   21  C CB  . CYS A 1 8  ? -3.729  -14.515 5.286   1.00 18.41 ? 8   CYS A CB  1 
ATOM   22  S SG  . CYS A 1 8  ? -3.323  -14.986 3.577   1.00 25.10 ? 8   CYS A SG  1 
ATOM   23  N N   . CYS A 1 9  ? -3.071  -11.467 5.457   1.00 14.68 ? 9   CYS A N   1 
ATOM   24  C CA  . CYS A 1 9  ? -2.390  -10.301 4.926   1.00 9.44  ? 9   CYS A CA  1 
ATOM   25  C C   . CYS A 1 9  ? -0.912  -10.273 5.258   1.00 9.77  ? 9   CYS A C   1 
ATOM   26  O O   . CYS A 1 9  ? -0.534  -10.250 6.425   1.00 14.14 ? 9   CYS A O   1 
ATOM   27  C CB  . CYS A 1 9  ? -3.016  -9.041  5.469   1.00 9.88  ? 9   CYS A CB  1 
ATOM   28  S SG  . CYS A 1 9  ? -2.217  -7.588  4.748   1.00 2.62  ? 9   CYS A SG  1 
ATOM   29  N N   . ASP A 1 10 ? -0.074  -10.232 4.232   1.00 11.32 ? 10  ASP A N   1 
ATOM   30  C CA  . ASP A 1 10 ? 1.365   -10.225 4.436   1.00 11.74 ? 10  ASP A CA  1 
ATOM   31  C C   . ASP A 1 10 ? 1.903   -8.885  4.925   1.00 16.73 ? 10  ASP A C   1 
ATOM   32  O O   . ASP A 1 10 ? 2.774   -8.843  5.802   1.00 19.18 ? 10  ASP A O   1 
ATOM   33  C CB  . ASP A 1 10 ? 2.068   -10.613 3.142   1.00 16.38 ? 10  ASP A CB  1 
ATOM   34  C CG  . ASP A 1 10 ? 2.153   -12.107 2.955   1.00 16.35 ? 10  ASP A CG  1 
ATOM   35  O OD1 . ASP A 1 10 ? 2.783   -12.774 3.793   1.00 22.65 ? 10  ASP A OD1 1 
ATOM   36  O OD2 . ASP A 1 10 ? 1.589   -12.618 1.971   1.00 19.96 ? 10  ASP A OD2 1 
ATOM   37  N N   . THR A 1 11 ? 1.383   -7.790  4.367   1.00 15.50 ? 11  THR A N   1 
ATOM   38  C CA  . THR A 1 11 ? 1.836   -6.456  4.750   1.00 8.42  ? 11  THR A CA  1 
ATOM   39  C C   . THR A 1 11 ? 0.709   -5.577  5.264   1.00 5.79  ? 11  THR A C   1 
ATOM   40  O O   . THR A 1 11 ? -0.009  -4.943  4.504   1.00 4.80  ? 11  THR A O   1 
ATOM   41  C CB  . THR A 1 11 ? 2.537   -5.752  3.564   1.00 11.18 ? 11  THR A CB  1 
ATOM   42  O OG1 . THR A 1 11 ? 3.652   -6.552  3.134   1.00 12.00 ? 11  THR A OG1 1 
ATOM   43  C CG2 . THR A 1 11 ? 3.027   -4.364  3.970   1.00 2.89  ? 11  THR A CG2 1 
ATOM   44  N N   . CYS A 1 12 ? 0.571   -5.544  6.578   1.00 8.03  ? 12  CYS A N   1 
ATOM   45  C CA  . CYS A 1 12 ? -0.453  -4.743  7.219   1.00 9.78  ? 12  CYS A CA  1 
ATOM   46  C C   . CYS A 1 12 ? 0.129   -3.412  7.681   1.00 11.32 ? 12  CYS A C   1 
ATOM   47  O O   . CYS A 1 12 ? 1.107   -3.375  8.433   1.00 13.29 ? 12  CYS A O   1 
ATOM   48  C CB  . CYS A 1 12 ? -1.024  -5.498  8.412   1.00 3.86  ? 12  CYS A CB  1 
ATOM   49  S SG  . CYS A 1 12 ? -2.453  -4.680  9.165   1.00 9.68  ? 12  CYS A SG  1 
ATOM   50  N N   . LEU A 1 13 ? -0.489  -2.324  7.236   1.00 11.39 ? 13  LEU A N   1 
ATOM   51  C CA  . LEU A 1 13 ? -0.040  -0.984  7.580   1.00 13.03 ? 13  LEU A CA  1 
ATOM   52  C C   . LEU A 1 13 ? -1.025  -0.308  8.513   1.00 13.41 ? 13  LEU A C   1 
ATOM   53  O O   . LEU A 1 13 ? -2.211  -0.214  8.203   1.00 15.49 ? 13  LEU A O   1 
ATOM   54  C CB  . LEU A 1 13 ? 0.099   -0.136  6.314   1.00 10.70 ? 13  LEU A CB  1 
ATOM   55  C CG  . LEU A 1 13 ? 1.493   0.250   5.824   1.00 8.06  ? 13  LEU A CG  1 
ATOM   56  C CD1 . LEU A 1 13 ? 2.379   -0.980  5.697   1.00 3.62  ? 13  LEU A CD1 1 
ATOM   57  C CD2 . LEU A 1 13 ? 1.355   0.952   4.479   1.00 9.53  ? 13  LEU A CD2 1 
ATOM   58  N N   . CYS A 1 14 ? -0.535  0.163   9.653   1.00 16.88 ? 14  CYS A N   1 
ATOM   59  C CA  . CYS A 1 14 ? -1.386  0.851   10.616  1.00 19.27 ? 14  CYS A CA  1 
ATOM   60  C C   . CYS A 1 14 ? -0.796  2.220   10.881  1.00 20.55 ? 14  CYS A C   1 
ATOM   61  O O   . CYS A 1 14 ? 0.422   2.393   10.868  1.00 18.06 ? 14  CYS A O   1 
ATOM   62  C CB  . CYS A 1 14 ? -1.458  0.097   11.957  1.00 19.30 ? 14  CYS A CB  1 
ATOM   63  S SG  . CYS A 1 14 ? -2.273  -1.532  11.965  1.00 13.87 ? 14  CYS A SG  1 
ATOM   64  N N   . THR A 1 15 ? -1.668  3.191   11.125  1.00 24.07 ? 15  THR A N   1 
ATOM   65  C CA  . THR A 1 15 ? -1.229  4.539   11.439  1.00 27.25 ? 15  THR A CA  1 
ATOM   66  C C   . THR A 1 15 ? -0.730  4.489   12.877  1.00 32.00 ? 15  THR A C   1 
ATOM   67  O O   . THR A 1 15 ? -1.000  3.538   13.605  1.00 36.51 ? 15  THR A O   1 
ATOM   68  C CB  . THR A 1 15 ? -2.391  5.560   11.364  1.00 24.24 ? 15  THR A CB  1 
ATOM   69  O OG1 . THR A 1 15 ? -3.272  5.370   12.477  1.00 21.01 ? 15  THR A OG1 1 
ATOM   70  C CG2 . THR A 1 15 ? -3.170  5.393   10.079  1.00 25.17 ? 15  THR A CG2 1 
ATOM   71  N N   . LYS A 1 16 ? 0.003   5.511   13.291  1.00 39.51 ? 16  LYS A N   1 
ATOM   72  C CA  . LYS A 1 16 ? 0.511   5.555   14.653  1.00 41.13 ? 16  LYS A CA  1 
ATOM   73  C C   . LYS A 1 16 ? -0.584  6.125   15.559  1.00 40.68 ? 16  LYS A C   1 
ATOM   74  O O   . LYS A 1 16 ? -0.442  6.175   16.778  1.00 41.86 ? 16  LYS A O   1 
ATOM   75  C CB  . LYS A 1 16 ? 1.771   6.430   14.714  1.00 40.79 ? 16  LYS A CB  1 
ATOM   76  C CG  . LYS A 1 16 ? 2.878   6.002   13.751  1.00 39.38 ? 16  LYS A CG  1 
ATOM   77  C CD  . LYS A 1 16 ? 3.966   5.196   14.458  1.00 39.74 ? 16  LYS A CD  1 
ATOM   78  C CE  . LYS A 1 16 ? 5.293   5.251   13.693  1.00 39.69 ? 16  LYS A CE  1 
ATOM   79  N NZ  . LYS A 1 16 ? 6.416   4.532   14.385  1.00 36.45 ? 16  LYS A NZ  1 
ATOM   80  N N   . SER A 1 17 ? -1.688  6.533   14.948  1.00 39.96 ? 17  SER A N   1 
ATOM   81  C CA  . SER A 1 17 ? -2.799  7.114   15.687  1.00 43.93 ? 17  SER A CA  1 
ATOM   82  C C   . SER A 1 17 ? -3.352  6.198   16.769  1.00 46.12 ? 17  SER A C   1 
ATOM   83  O O   . SER A 1 17 ? -2.891  5.070   16.952  1.00 46.56 ? 17  SER A O   1 
ATOM   84  C CB  . SER A 1 17 ? -3.923  7.502   14.721  1.00 45.95 ? 17  SER A CB  1 
ATOM   85  O OG  . SER A 1 17 ? -4.782  6.409   14.438  1.00 46.25 ? 17  SER A OG  1 
ATOM   86  N N   . ASN A 1 18 ? -4.352  6.700   17.485  1.00 48.51 ? 18  ASN A N   1 
ATOM   87  C CA  . ASN A 1 18 ? -5.001  5.944   18.551  1.00 49.66 ? 18  ASN A CA  1 
ATOM   88  C C   . ASN A 1 18 ? -6.462  6.373   18.658  1.00 48.83 ? 18  ASN A C   1 
ATOM   89  O O   . ASN A 1 18 ? -6.758  7.511   19.020  1.00 51.65 ? 18  ASN A O   1 
ATOM   90  C CB  . ASN A 1 18 ? -4.284  6.169   19.883  1.00 50.86 ? 18  ASN A CB  1 
ATOM   91  N N   . PRO A 1 19 ? -7.392  5.471   18.306  1.00 46.50 ? 19  PRO A N   1 
ATOM   92  C CA  . PRO A 1 19 ? -7.054  4.123   17.837  1.00 45.71 ? 19  PRO A CA  1 
ATOM   93  C C   . PRO A 1 19 ? -6.421  4.161   16.443  1.00 45.71 ? 19  PRO A C   1 
ATOM   94  O O   . PRO A 1 19 ? -6.716  5.053   15.641  1.00 47.36 ? 19  PRO A O   1 
ATOM   95  C CB  . PRO A 1 19 ? -8.396  3.390   17.840  1.00 43.82 ? 19  PRO A CB  1 
ATOM   96  C CG  . PRO A 1 19 ? -9.401  4.469   17.636  1.00 42.38 ? 19  PRO A CG  1 
ATOM   97  C CD  . PRO A 1 19 ? -8.849  5.694   18.326  1.00 45.33 ? 19  PRO A CD  1 
ATOM   98  N N   . PRO A 1 20 ? -5.527  3.204   16.142  1.00 43.23 ? 20  PRO A N   1 
ATOM   99  C CA  . PRO A 1 20 ? -4.895  3.191   14.823  1.00 39.41 ? 20  PRO A CA  1 
ATOM   100 C C   . PRO A 1 20 ? -5.879  2.666   13.798  1.00 37.46 ? 20  PRO A C   1 
ATOM   101 O O   . PRO A 1 20 ? -6.838  1.976   14.149  1.00 38.68 ? 20  PRO A O   1 
ATOM   102 C CB  . PRO A 1 20 ? -3.694  2.253   14.989  1.00 37.40 ? 20  PRO A CB  1 
ATOM   103 C CG  . PRO A 1 20 ? -3.645  1.904   16.459  1.00 41.10 ? 20  PRO A CG  1 
ATOM   104 C CD  . PRO A 1 20 ? -5.032  2.102   16.980  1.00 43.89 ? 20  PRO A CD  1 
ATOM   105 N N   . THR A 1 21 ? -5.644  3.019   12.539  1.00 35.19 ? 21  THR A N   1 
ATOM   106 C CA  . THR A 1 21 ? -6.487  2.583   11.434  1.00 30.99 ? 21  THR A CA  1 
ATOM   107 C C   . THR A 1 21 ? -5.574  1.722   10.588  1.00 27.69 ? 21  THR A C   1 
ATOM   108 O O   . THR A 1 21 ? -4.448  2.114   10.287  1.00 29.48 ? 21  THR A O   1 
ATOM   109 C CB  . THR A 1 21 ? -6.997  3.782   10.619  1.00 33.06 ? 21  THR A CB  1 
ATOM   110 O OG1 . THR A 1 21 ? -8.316  4.124   11.062  1.00 39.94 ? 21  THR A OG1 1 
ATOM   111 C CG2 . THR A 1 21 ? -7.032  3.458   9.134   1.00 36.92 ? 21  THR A CG2 1 
ATOM   112 N N   . CYS A 1 22 ? -6.043  0.539   10.216  1.00 20.38 ? 22  CYS A N   1 
ATOM   113 C CA  . CYS A 1 22 ? -5.204  -0.355  9.445   1.00 13.37 ? 22  CYS A CA  1 
ATOM   114 C C   . CYS A 1 22 ? -5.777  -0.807  8.114   1.00 9.02  ? 22  CYS A C   1 
ATOM   115 O O   . CYS A 1 22 ? -6.992  -0.748  7.878   1.00 5.75  ? 22  CYS A O   1 
ATOM   116 C CB  . CYS A 1 22 ? -4.842  -1.564  10.308  1.00 13.91 ? 22  CYS A CB  1 
ATOM   117 S SG  . CYS A 1 22 ? -4.263  -1.129  11.984  1.00 18.07 ? 22  CYS A SG  1 
ATOM   118 N N   . ARG A 1 23 ? -4.876  -1.245  7.240   1.00 5.85  ? 23  ARG A N   1 
ATOM   119 C CA  . ARG A 1 23 ? -5.242  -1.731  5.916   1.00 7.64  ? 23  ARG A CA  1 
ATOM   120 C C   . ARG A 1 23 ? -4.234  -2.775  5.458   1.00 2.97  ? 23  ARG A C   1 
ATOM   121 O O   . ARG A 1 23 ? -3.160  -2.912  6.037   1.00 2.00  ? 23  ARG A O   1 
ATOM   122 C CB  . ARG A 1 23 ? -5.278  -0.579  4.905   1.00 10.52 ? 23  ARG A CB  1 
ATOM   123 C CG  . ARG A 1 23 ? -3.933  0.122   4.700   1.00 13.96 ? 23  ARG A CG  1 
ATOM   124 C CD  . ARG A 1 23 ? -4.057  1.367   3.845   1.00 13.41 ? 23  ARG A CD  1 
ATOM   125 N NE  . ARG A 1 23 ? -2.794  2.102   3.790   1.00 14.78 ? 23  ARG A NE  1 
ATOM   126 C CZ  . ARG A 1 23 ? -2.180  2.462   2.662   1.00 13.47 ? 23  ARG A CZ  1 
ATOM   127 N NH1 . ARG A 1 23 ? -2.700  2.155   1.477   1.00 3.21  ? 23  ARG A NH1 1 
ATOM   128 N NH2 . ARG A 1 23 ? -1.030  3.121   2.721   1.00 8.88  ? 23  ARG A NH2 1 
ATOM   129 N N   . CYS A 1 24 ? -4.596  -3.531  4.430   1.00 2.00  ? 24  CYS A N   1 
ATOM   130 C CA  . CYS A 1 24 ? -3.694  -4.536  3.889   1.00 5.47  ? 24  CYS A CA  1 
ATOM   131 C C   . CYS A 1 24 ? -3.236  -4.010  2.530   1.00 8.89  ? 24  CYS A C   1 
ATOM   132 O O   . CYS A 1 24 ? -4.075  -3.770  1.656   1.00 11.35 ? 24  CYS A O   1 
ATOM   133 C CB  . CYS A 1 24 ? -4.429  -5.859  3.710   1.00 2.00  ? 24  CYS A CB  1 
ATOM   134 S SG  . CYS A 1 24 ? -3.355  -7.201  3.134   1.00 2.00  ? 24  CYS A SG  1 
ATOM   135 N N   . VAL A 1 25 ? -1.923  -3.828  2.344   1.00 10.81 ? 25  VAL A N   1 
ATOM   136 C CA  . VAL A 1 25 ? -1.410  -3.304  1.072   1.00 10.72 ? 25  VAL A CA  1 
ATOM   137 C C   . VAL A 1 25 ? -0.857  -4.347  0.108   1.00 12.80 ? 25  VAL A C   1 
ATOM   138 O O   . VAL A 1 25 ? -0.124  -4.009  -0.819  1.00 13.65 ? 25  VAL A O   1 
ATOM   139 C CB  . VAL A 1 25 ? -0.333  -2.209  1.282   1.00 5.88  ? 25  VAL A CB  1 
ATOM   140 C CG1 . VAL A 1 25 ? -0.978  -0.947  1.826   1.00 4.85  ? 25  VAL A CG1 1 
ATOM   141 C CG2 . VAL A 1 25 ? 0.748   -2.697  2.218   1.00 7.86  ? 25  VAL A CG2 1 
ATOM   142 N N   . ASP A 1 26 ? -1.219  -5.611  0.324   1.00 13.05 ? 26  ASP A N   1 
ATOM   143 C CA  . ASP A 1 26 ? -0.777  -6.696  -0.546  1.00 9.43  ? 26  ASP A CA  1 
ATOM   144 C C   . ASP A 1 26 ? -1.360  -6.435  -1.919  1.00 7.57  ? 26  ASP A C   1 
ATOM   145 O O   . ASP A 1 26 ? -2.487  -5.958  -2.024  1.00 8.61  ? 26  ASP A O   1 
ATOM   146 C CB  . ASP A 1 26 ? -1.303  -8.046  -0.055  1.00 10.51 ? 26  ASP A CB  1 
ATOM   147 C CG  . ASP A 1 26 ? -0.553  -8.569  1.137   1.00 15.82 ? 26  ASP A CG  1 
ATOM   148 O OD1 . ASP A 1 26 ? 0.541   -8.038  1.430   1.00 20.37 ? 26  ASP A OD1 1 
ATOM   149 O OD2 . ASP A 1 26 ? -1.054  -9.509  1.786   1.00 16.58 ? 26  ASP A OD2 1 
ATOM   150 N N   . VAL A 1 27 ? -0.608  -6.765  -2.965  1.00 3.08  ? 27  VAL A N   1 
ATOM   151 C CA  . VAL A 1 27 ? -1.072  -6.566  -4.332  1.00 3.43  ? 27  VAL A CA  1 
ATOM   152 C C   . VAL A 1 27 ? -0.959  -7.891  -5.084  1.00 4.53  ? 27  VAL A C   1 
ATOM   153 O O   . VAL A 1 27 ? -0.019  -8.653  -4.855  1.00 3.22  ? 27  VAL A O   1 
ATOM   154 C CB  . VAL A 1 27 ? -0.232  -5.460  -5.048  1.00 2.00  ? 27  VAL A CB  1 
ATOM   155 C CG1 . VAL A 1 27 ? 1.240   -5.706  -4.822  1.00 2.67  ? 27  VAL A CG1 1 
ATOM   156 C CG2 . VAL A 1 27 ? -0.539  -5.435  -6.521  1.00 2.00  ? 27  VAL A CG2 1 
ATOM   157 N N   . GLY A 1 28 ? -1.922  -8.162  -5.964  1.00 2.00  ? 28  GLY A N   1 
ATOM   158 C CA  . GLY A 1 28 ? -1.909  -9.397  -6.721  1.00 2.00  ? 28  GLY A CA  1 
ATOM   159 C C   . GLY A 1 28 ? -3.083  -9.525  -7.675  1.00 4.04  ? 28  GLY A C   1 
ATOM   160 O O   . GLY A 1 28 ? -3.839  -8.570  -7.870  1.00 6.73  ? 28  GLY A O   1 
ATOM   161 N N   . GLU A 1 29 ? -3.233  -10.707 -8.271  1.00 7.41  ? 30  GLU A N   1 
ATOM   162 C CA  . GLU A 1 29 ? -4.318  -10.972 -9.216  1.00 14.18 ? 30  GLU A CA  1 
ATOM   163 C C   . GLU A 1 29 ? -5.689  -10.866 -8.559  1.00 13.95 ? 30  GLU A C   1 
ATOM   164 O O   . GLU A 1 29 ? -6.706  -10.674 -9.237  1.00 18.13 ? 30  GLU A O   1 
ATOM   165 C CB  . GLU A 1 29 ? -4.152  -12.361 -9.838  1.00 15.91 ? 30  GLU A CB  1 
ATOM   166 C CG  . GLU A 1 29 ? -3.818  -12.341 -11.324 1.00 24.82 ? 30  GLU A CG  1 
ATOM   167 C CD  . GLU A 1 29 ? -2.937  -13.509 -11.740 1.00 29.76 ? 30  GLU A CD  1 
ATOM   168 O OE1 . GLU A 1 29 ? -3.062  -14.596 -11.132 1.00 34.89 ? 30  GLU A OE1 1 
ATOM   169 O OE2 . GLU A 1 29 ? -2.121  -13.345 -12.673 1.00 28.23 ? 30  GLU A OE2 1 
ATOM   170 N N   . THR A 1 30 ? -5.713  -10.998 -7.236  1.00 14.10 ? 31  THR A N   1 
ATOM   171 C CA  . THR A 1 30 ? -6.955  -10.904 -6.477  1.00 13.09 ? 31  THR A CA  1 
ATOM   172 C C   . THR A 1 30 ? -6.668  -10.432 -5.067  1.00 12.59 ? 31  THR A C   1 
ATOM   173 O O   . THR A 1 30 ? -5.507  -10.337 -4.653  1.00 8.68  ? 31  THR A O   1 
ATOM   174 C CB  . THR A 1 30 ? -7.670  -12.255 -6.379  1.00 14.96 ? 31  THR A CB  1 
ATOM   175 O OG1 . THR A 1 30 ? -6.765  -13.308 -6.733  1.00 14.92 ? 31  THR A OG1 1 
ATOM   176 C CG2 . THR A 1 30 ? -8.860  -12.281 -7.320  1.00 17.09 ? 31  THR A CG2 1 
ATOM   177 N N   . CYS A 1 31 ? -7.739  -10.142 -4.334  1.00 14.54 ? 32  CYS A N   1 
ATOM   178 C CA  . CYS A 1 31 ? -7.646  -9.676  -2.952  1.00 13.36 ? 32  CYS A CA  1 
ATOM   179 C C   . CYS A 1 31 ? -7.961  -10.834 -2.019  1.00 12.23 ? 32  CYS A C   1 
ATOM   180 O O   . CYS A 1 31 ? -8.506  -11.839 -2.463  1.00 14.15 ? 32  CYS A O   1 
ATOM   181 C CB  . CYS A 1 31 ? -8.637  -8.542  -2.719  1.00 10.63 ? 32  CYS A CB  1 
ATOM   182 S SG  . CYS A 1 31 ? -8.208  -7.035  -3.637  1.00 7.72  ? 32  CYS A SG  1 
ATOM   183 N N   . HIS A 1 32 ? -7.620  -10.701 -0.739  1.00 9.26  ? 33  HIS A N   1 
ATOM   184 C CA  . HIS A 1 32 ? -7.882  -11.776 0.206   1.00 7.04  ? 33  HIS A CA  1 
ATOM   185 C C   . HIS A 1 32 ? -9.388  -11.977 0.388   1.00 11.04 ? 33  HIS A C   1 
ATOM   186 O O   . HIS A 1 32 ? -10.183 -11.059 0.155   1.00 11.04 ? 33  HIS A O   1 
ATOM   187 C CB  . HIS A 1 32 ? -7.190  -11.507 1.542   1.00 7.26  ? 33  HIS A CB  1 
ATOM   188 C CG  . HIS A 1 32 ? -7.729  -10.322 2.279   1.00 6.91  ? 33  HIS A CG  1 
ATOM   189 N ND1 . HIS A 1 32 ? -9.071  -10.114 2.476   1.00 6.04  ? 33  HIS A ND1 1 
ATOM   190 C CD2 . HIS A 1 32 ? -7.093  -9.300  2.897   1.00 3.42  ? 33  HIS A CD2 1 
ATOM   191 C CE1 . HIS A 1 32 ? -9.248  -9.014  3.186   1.00 4.78  ? 33  HIS A CE1 1 
ATOM   192 N NE2 . HIS A 1 32 ? -8.058  -8.502  3.453   1.00 3.02  ? 33  HIS A NE2 1 
ATOM   193 N N   . SER A 1 33 ? -9.768  -13.188 0.796   1.00 10.67 ? 34  SER A N   1 
ATOM   194 C CA  . SER A 1 33 ? -11.169 -13.568 0.963   1.00 8.25  ? 34  SER A CA  1 
ATOM   195 C C   . SER A 1 33 ? -12.078 -12.641 1.765   1.00 9.58  ? 34  SER A C   1 
ATOM   196 O O   . SER A 1 33 ? -13.278 -12.610 1.529   1.00 15.58 ? 34  SER A O   1 
ATOM   197 C CB  . SER A 1 33 ? -11.261 -14.971 1.558   1.00 7.55  ? 34  SER A CB  1 
ATOM   198 O OG  . SER A 1 33 ? -9.983  -15.506 1.859   1.00 16.33 ? 34  SER A OG  1 
ATOM   199 N N   . ALA A 1 34 ? -11.532 -11.881 2.703   1.00 8.74  ? 35  ALA A N   1 
ATOM   200 C CA  . ALA A 1 34 ? -12.365 -11.006 3.517   1.00 6.03  ? 35  ALA A CA  1 
ATOM   201 C C   . ALA A 1 34 ? -12.513 -9.569  3.016   1.00 10.11 ? 35  ALA A C   1 
ATOM   202 O O   . ALA A 1 34 ? -13.145 -8.741  3.681   1.00 14.07 ? 35  ALA A O   1 
ATOM   203 C CB  . ALA A 1 34 ? -11.835 -11.005 4.931   1.00 3.81  ? 35  ALA A CB  1 
ATOM   204 N N   . CYS A 1 35 ? -11.946 -9.278  1.846   1.00 10.75 ? 36  CYS A N   1 
ATOM   205 C CA  . CYS A 1 35 ? -11.982 -7.931  1.278   1.00 4.61  ? 36  CYS A CA  1 
ATOM   206 C C   . CYS A 1 35 ? -13.295 -7.471  0.683   1.00 5.94  ? 36  CYS A C   1 
ATOM   207 O O   . CYS A 1 35 ? -13.812 -8.079  -0.250  1.00 9.40  ? 36  CYS A O   1 
ATOM   208 C CB  . CYS A 1 35 ? -10.908 -7.781  0.198   1.00 4.08  ? 36  CYS A CB  1 
ATOM   209 S SG  . CYS A 1 35 ? -10.678 -6.056  -0.352  1.00 4.83  ? 36  CYS A SG  1 
ATOM   210 N N   . LEU A 1 36 ? -13.809 -6.359  1.188   1.00 9.62  ? 37  LEU A N   1 
ATOM   211 C CA  . LEU A 1 36 ? -15.058 -5.813  0.671   1.00 13.74 ? 37  LEU A CA  1 
ATOM   212 C C   . LEU A 1 36 ? -14.811 -4.969  -0.573  1.00 15.85 ? 37  LEU A C   1 
ATOM   213 O O   . LEU A 1 36 ? -15.501 -5.118  -1.583  1.00 20.58 ? 37  LEU A O   1 
ATOM   214 C CB  . LEU A 1 36 ? -15.758 -4.961  1.735   1.00 18.57 ? 37  LEU A CB  1 
ATOM   215 C CG  . LEU A 1 36 ? -16.857 -5.651  2.556   1.00 23.29 ? 37  LEU A CG  1 
ATOM   216 C CD1 . LEU A 1 36 ? -17.762 -6.478  1.640   1.00 21.84 ? 37  LEU A CD1 1 
ATOM   217 C CD2 . LEU A 1 36 ? -16.210 -6.539  3.625   1.00 23.23 ? 37  LEU A CD2 1 
ATOM   218 N N   . SER A 1 37 ? -13.820 -4.086  -0.500  1.00 14.46 ? 38  SER A N   1 
ATOM   219 C CA  . SER A 1 37 ? -13.494 -3.210  -1.622  1.00 12.49 ? 38  SER A CA  1 
ATOM   220 C C   . SER A 1 37 ? -12.157 -3.550  -2.273  1.00 8.05  ? 38  SER A C   1 
ATOM   221 O O   . SER A 1 37 ? -11.117 -3.091  -1.827  1.00 11.02 ? 38  SER A O   1 
ATOM   222 C CB  . SER A 1 37 ? -13.464 -1.772  -1.135  1.00 12.35 ? 38  SER A CB  1 
ATOM   223 O OG  . SER A 1 37 ? -13.722 -0.894  -2.209  1.00 32.13 ? 38  SER A OG  1 
ATOM   224 N N   . CYS A 1 38 ? -12.187 -4.340  -3.337  1.00 8.69  ? 39  CYS A N   1 
ATOM   225 C CA  . CYS A 1 38 ? -10.966 -4.751  -4.033  1.00 8.04  ? 39  CYS A CA  1 
ATOM   226 C C   . CYS A 1 38 ? -10.779 -3.953  -5.323  1.00 9.95  ? 39  CYS A C   1 
ATOM   227 O O   . CYS A 1 38 ? -11.544 -4.104  -6.269  1.00 11.53 ? 39  CYS A O   1 
ATOM   228 C CB  . CYS A 1 38 ? -11.031 -6.249  -4.345  1.00 3.68  ? 39  CYS A CB  1 
ATOM   229 S SG  . CYS A 1 38 ? -9.549  -6.956  -5.140  1.00 4.34  ? 39  CYS A SG  1 
ATOM   230 N N   . ILE A 1 39 ? -9.751  -3.112  -5.355  1.00 10.98 ? 40  ILE A N   1 
ATOM   231 C CA  . ILE A 1 39 ? -9.472  -2.263  -6.509  1.00 11.93 ? 40  ILE A CA  1 
ATOM   232 C C   . ILE A 1 39 ? -8.310  -2.780  -7.337  1.00 12.06 ? 40  ILE A C   1 
ATOM   233 O O   . ILE A 1 39 ? -7.237  -3.052  -6.798  1.00 13.79 ? 40  ILE A O   1 
ATOM   234 C CB  . ILE A 1 39 ? -9.131  -0.826  -6.065  1.00 13.38 ? 40  ILE A CB  1 
ATOM   235 C CG1 . ILE A 1 39 ? -10.145 -0.335  -5.023  1.00 11.61 ? 40  ILE A CG1 1 
ATOM   236 C CG2 . ILE A 1 39 ? -9.088  0.079   -7.269  1.00 13.27 ? 40  ILE A CG2 1 
ATOM   237 C CD1 . ILE A 1 39 ? -11.574 -0.213  -5.533  1.00 2.32  ? 40  ILE A CD1 1 
ATOM   238 N N   . CYS A 1 40 ? -8.531  -2.900  -8.646  1.00 13.12 ? 41  CYS A N   1 
ATOM   239 C CA  . CYS A 1 40 ? -7.508  -3.392  -9.574  1.00 12.22 ? 41  CYS A CA  1 
ATOM   240 C C   . CYS A 1 40 ? -7.210  -2.391  -10.668 1.00 13.17 ? 41  CYS A C   1 
ATOM   241 O O   . CYS A 1 40 ? -8.036  -1.534  -10.972 1.00 16.04 ? 41  CYS A O   1 
ATOM   242 C CB  . CYS A 1 40 ? -7.945  -4.690  -10.267 1.00 9.83  ? 41  CYS A CB  1 
ATOM   243 S SG  . CYS A 1 40 ? -8.590  -6.008  -9.194  1.00 11.99 ? 41  CYS A SG  1 
ATOM   244 N N   . ALA A 1 41 ? -6.019  -2.520  -11.252 1.00 17.20 ? 42  ALA A N   1 
ATOM   245 C CA  . ALA A 1 41 ? -5.573  -1.684  -12.362 1.00 15.77 ? 42  ALA A CA  1 
ATOM   246 C C   . ALA A 1 41 ? -5.912  -2.522  -13.589 1.00 20.82 ? 42  ALA A C   1 
ATOM   247 O O   . ALA A 1 41 ? -5.915  -3.748  -13.515 1.00 27.03 ? 42  ALA A O   1 
ATOM   248 C CB  . ALA A 1 41 ? -4.081  -1.449  -12.278 1.00 9.90  ? 42  ALA A CB  1 
ATOM   249 N N   . TYR A 1 42 ? -6.207  -1.884  -14.714 1.00 26.47 ? 43  TYR A N   1 
ATOM   250 C CA  . TYR A 1 42 ? -6.578  -2.633  -15.913 1.00 30.36 ? 43  TYR A CA  1 
ATOM   251 C C   . TYR A 1 42 ? -5.413  -3.077  -16.801 1.00 29.79 ? 43  TYR A C   1 
ATOM   252 O O   . TYR A 1 42 ? -5.353  -2.736  -17.983 1.00 35.32 ? 43  TYR A O   1 
ATOM   253 C CB  . TYR A 1 42 ? -7.586  -1.825  -16.736 1.00 33.08 ? 43  TYR A CB  1 
ATOM   254 N N   . SER A 1 43 ? -4.497  -3.853  -16.233 1.00 25.99 ? 44  SER A N   1 
ATOM   255 C CA  . SER A 1 43 ? -3.352  -4.356  -16.977 1.00 24.65 ? 44  SER A CA  1 
ATOM   256 C C   . SER A 1 43 ? -3.364  -5.892  -16.964 1.00 27.85 ? 44  SER A C   1 
ATOM   257 O O   . SER A 1 43 ? -4.144  -6.494  -16.228 1.00 32.23 ? 44  SER A O   1 
ATOM   258 C CB  . SER A 1 43 ? -2.071  -3.835  -16.339 1.00 21.28 ? 44  SER A CB  1 
ATOM   259 O OG  . SER A 1 43 ? -2.065  -4.118  -14.952 1.00 16.86 ? 44  SER A OG  1 
ATOM   260 N N   . ASN A 1 44 ? -2.512  -6.526  -17.772 1.00 26.81 ? 45  ASN A N   1 
ATOM   261 C CA  . ASN A 1 44 ? -2.439  -7.993  -17.812 1.00 26.19 ? 45  ASN A CA  1 
ATOM   262 C C   . ASN A 1 44 ? -1.026  -8.446  -17.451 1.00 24.21 ? 45  ASN A C   1 
ATOM   263 O O   . ASN A 1 44 ? -0.063  -8.077  -18.122 1.00 30.05 ? 45  ASN A O   1 
ATOM   264 C CB  . ASN A 1 44 ? -2.807  -8.531  -19.206 1.00 27.33 ? 45  ASN A CB  1 
ATOM   265 C CG  . ASN A 1 44 ? -2.754  -10.067 -19.289 1.00 30.25 ? 45  ASN A CG  1 
ATOM   266 O OD1 . ASN A 1 44 ? -3.679  -10.761 -18.859 1.00 28.66 ? 45  ASN A OD1 1 
ATOM   267 N ND2 . ASN A 1 44 ? -1.672  -10.595 -19.857 1.00 25.61 ? 45  ASN A ND2 1 
ATOM   268 N N   . PRO A 1 45 ? -0.887  -9.232  -16.374 1.00 21.14 ? 46  PRO A N   1 
ATOM   269 C CA  . PRO A 1 45 ? -1.996  -9.678  -15.527 1.00 19.03 ? 46  PRO A CA  1 
ATOM   270 C C   . PRO A 1 45 ? -2.477  -8.528  -14.644 1.00 18.74 ? 46  PRO A C   1 
ATOM   271 O O   . PRO A 1 45 ? -1.766  -7.546  -14.455 1.00 18.49 ? 46  PRO A O   1 
ATOM   272 C CB  . PRO A 1 45 ? -1.406  -10.831 -14.722 1.00 19.03 ? 46  PRO A CB  1 
ATOM   273 C CG  . PRO A 1 45 ? 0.064   -10.611 -14.728 1.00 18.22 ? 46  PRO A CG  1 
ATOM   274 C CD  . PRO A 1 45 ? 0.417   -9.739  -15.903 1.00 19.68 ? 46  PRO A CD  1 
ATOM   275 N N   . PRO A 1 46 ? -3.685  -8.640  -14.082 1.00 18.88 ? 47  PRO A N   1 
ATOM   276 C CA  . PRO A 1 46 ? -4.185  -7.555  -13.235 1.00 15.63 ? 47  PRO A CA  1 
ATOM   277 C C   . PRO A 1 46 ? -3.388  -7.347  -11.957 1.00 13.89 ? 47  PRO A C   1 
ATOM   278 O O   . PRO A 1 46 ? -2.623  -8.211  -11.522 1.00 15.53 ? 47  PRO A O   1 
ATOM   279 C CB  . PRO A 1 46 ? -5.638  -7.942  -12.965 1.00 17.03 ? 47  PRO A CB  1 
ATOM   280 C CG  . PRO A 1 46 ? -5.677  -9.424  -13.130 1.00 21.70 ? 47  PRO A CG  1 
ATOM   281 C CD  . PRO A 1 46 ? -4.639  -9.764  -14.171 1.00 20.79 ? 47  PRO A CD  1 
ATOM   282 N N   . LYS A 1 47 ? -3.579  -6.173  -11.368 1.00 13.68 ? 48  LYS A N   1 
ATOM   283 C CA  . LYS A 1 47 ? -2.905  -5.774  -10.144 1.00 9.24  ? 48  LYS A CA  1 
ATOM   284 C C   . LYS A 1 47 ? -4.012  -5.275  -9.242  1.00 7.98  ? 48  LYS A C   1 
ATOM   285 O O   . LYS A 1 47 ? -4.650  -4.271  -9.552  1.00 7.02  ? 48  LYS A O   1 
ATOM   286 C CB  . LYS A 1 47 ? -1.938  -4.632  -10.437 1.00 14.22 ? 48  LYS A CB  1 
ATOM   287 C CG  . LYS A 1 47 ? -0.471  -5.014  -10.377 1.00 13.45 ? 48  LYS A CG  1 
ATOM   288 C CD  . LYS A 1 47 ? 0.301   -4.049  -9.494  1.00 19.73 ? 48  LYS A CD  1 
ATOM   289 C CE  . LYS A 1 47 ? 1.615   -3.664  -10.129 1.00 21.49 ? 48  LYS A CE  1 
ATOM   290 N NZ  . LYS A 1 47 ? 1.701   -4.221  -11.500 1.00 24.86 ? 48  LYS A NZ  1 
ATOM   291 N N   . CYS A 1 48 ? -4.250  -5.969  -8.134  1.00 6.82  ? 49  CYS A N   1 
ATOM   292 C CA  . CYS A 1 48 ? -5.319  -5.570  -7.235  1.00 2.11  ? 49  CYS A CA  1 
ATOM   293 C C   . CYS A 1 48 ? -4.864  -5.329  -5.829  1.00 2.00  ? 49  CYS A C   1 
ATOM   294 O O   . CYS A 1 48 ? -3.911  -5.936  -5.363  1.00 4.42  ? 49  CYS A O   1 
ATOM   295 C CB  . CYS A 1 48 ? -6.409  -6.632  -7.206  1.00 2.85  ? 49  CYS A CB  1 
ATOM   296 S SG  . CYS A 1 48 ? -6.984  -7.189  -8.835  1.00 9.17  ? 49  CYS A SG  1 
ATOM   297 N N   . GLN A 1 49 ? -5.554  -4.432  -5.148  1.00 2.00  ? 50  GLN A N   1 
ATOM   298 C CA  . GLN A 1 49 ? -5.229  -4.157  -3.770  1.00 3.64  ? 50  GLN A CA  1 
ATOM   299 C C   . GLN A 1 49 ? -6.528  -3.980  -3.014  1.00 5.80  ? 50  GLN A C   1 
ATOM   300 O O   . GLN A 1 49 ? -7.526  -3.537  -3.582  1.00 6.41  ? 50  GLN A O   1 
ATOM   301 C CB  . GLN A 1 49 ? -4.377  -2.902  -3.650  1.00 8.23  ? 50  GLN A CB  1 
ATOM   302 C CG  . GLN A 1 49 ? -3.333  -3.032  -2.579  1.00 9.92  ? 50  GLN A CG  1 
ATOM   303 C CD  . GLN A 1 49 ? -2.717  -1.721  -2.206  1.00 11.78 ? 50  GLN A CD  1 
ATOM   304 O OE1 . GLN A 1 49 ? -1.710  -1.322  -2.777  1.00 15.33 ? 50  GLN A OE1 1 
ATOM   305 N NE2 . GLN A 1 49 ? -3.316  -1.036  -1.235  1.00 12.47 ? 50  GLN A NE2 1 
ATOM   306 N N   . CYS A 1 50 ? -6.530  -4.347  -1.741  1.00 2.78  ? 51  CYS A N   1 
ATOM   307 C CA  . CYS A 1 50 ? -7.732  -4.205  -0.945  1.00 5.55  ? 51  CYS A CA  1 
ATOM   308 C C   . CYS A 1 50 ? -7.741  -2.831  -0.292  1.00 5.71  ? 51  CYS A C   1 
ATOM   309 O O   . CYS A 1 50 ? -6.848  -2.502  0.487   1.00 7.30  ? 51  CYS A O   1 
ATOM   310 C CB  . CYS A 1 50 ? -7.795  -5.299  0.124   1.00 6.87  ? 51  CYS A CB  1 
ATOM   311 S SG  . CYS A 1 50 ? -9.373  -5.312  1.021   1.00 2.00  ? 51  CYS A SG  1 
ATOM   312 N N   . PHE A 1 51 ? -8.755  -2.032  -0.591  1.00 4.32  ? 52  PHE A N   1 
ATOM   313 C CA  . PHE A 1 51 ? -8.841  -0.689  -0.029  1.00 8.01  ? 52  PHE A CA  1 
ATOM   314 C C   . PHE A 1 51 ? -9.580  -0.567  1.299   1.00 11.04 ? 52  PHE A C   1 
ATOM   315 O O   . PHE A 1 51 ? -9.827  0.542   1.763   1.00 17.70 ? 52  PHE A O   1 
ATOM   316 C CB  . PHE A 1 51 ? -9.488  0.245   -1.042  1.00 7.75  ? 52  PHE A CB  1 
ATOM   317 C CG  . PHE A 1 51 ? -8.513  0.874   -1.987  1.00 13.74 ? 52  PHE A CG  1 
ATOM   318 C CD1 . PHE A 1 51 ? -7.683  0.085   -2.768  1.00 14.56 ? 52  PHE A CD1 1 
ATOM   319 C CD2 . PHE A 1 51 ? -8.433  2.258   -2.110  1.00 16.68 ? 52  PHE A CD2 1 
ATOM   320 C CE1 . PHE A 1 51 ? -6.786  0.663   -3.661  1.00 18.25 ? 52  PHE A CE1 1 
ATOM   321 C CE2 . PHE A 1 51 ? -7.536  2.843   -3.001  1.00 17.81 ? 52  PHE A CE2 1 
ATOM   322 C CZ  . PHE A 1 51 ? -6.713  2.044   -3.777  1.00 15.13 ? 52  PHE A CZ  1 
ATOM   323 N N   . ASP A 1 52 ? -9.927  -1.693  1.910   1.00 16.45 ? 53  ASP A N   1 
ATOM   324 C CA  . ASP A 1 52 ? -10.639 -1.692  3.184   1.00 11.30 ? 53  ASP A CA  1 
ATOM   325 C C   . ASP A 1 52 ? -9.718  -1.250  4.311   1.00 13.43 ? 53  ASP A C   1 
ATOM   326 O O   . ASP A 1 52 ? -8.509  -1.464  4.249   1.00 13.17 ? 53  ASP A O   1 
ATOM   327 C CB  . ASP A 1 52 ? -11.127 -3.096  3.514   1.00 11.32 ? 53  ASP A CB  1 
ATOM   328 C CG  . ASP A 1 52 ? -12.157 -3.599  2.548   1.00 19.30 ? 53  ASP A CG  1 
ATOM   329 O OD1 . ASP A 1 52 ? -12.727 -2.776  1.795   1.00 20.88 ? 53  ASP A OD1 1 
ATOM   330 O OD2 . ASP A 1 52 ? -12.391 -4.831  2.554   1.00 21.30 ? 53  ASP A OD2 1 
ATOM   331 N N   . THR A 1 53 ? -10.297 -0.645  5.344   1.00 12.77 ? 54  THR A N   1 
ATOM   332 C CA  . THR A 1 53 ? -9.540  -0.211  6.516   1.00 15.11 ? 54  THR A CA  1 
ATOM   333 C C   . THR A 1 53 ? -10.235 -0.761  7.741   1.00 13.22 ? 54  THR A C   1 
ATOM   334 O O   . THR A 1 53 ? -11.457 -0.736  7.821   1.00 16.27 ? 54  THR A O   1 
ATOM   335 C CB  . THR A 1 53 ? -9.521  1.320   6.680   1.00 16.40 ? 54  THR A CB  1 
ATOM   336 O OG1 . THR A 1 53 ? -10.846 1.839   6.508   1.00 19.67 ? 54  THR A OG1 1 
ATOM   337 C CG2 . THR A 1 53 ? -8.575  1.956   5.676   1.00 18.44 ? 54  THR A CG2 1 
ATOM   338 N N   . GLN A 1 54 ? -9.465  -1.223  8.711   1.00 12.09 ? 55  GLN A N   1 
ATOM   339 C CA  . GLN A 1 54 ? -10.050 -1.754  9.929   1.00 16.38 ? 55  GLN A CA  1 
ATOM   340 C C   . GLN A 1 54 ? -9.143  -1.388  11.090  1.00 19.14 ? 55  GLN A C   1 
ATOM   341 O O   . GLN A 1 54 ? -8.050  -0.848  10.890  1.00 22.29 ? 55  GLN A O   1 
ATOM   342 C CB  . GLN A 1 54 ? -10.181 -3.279  9.841   1.00 19.67 ? 55  GLN A CB  1 
ATOM   343 C CG  . GLN A 1 54 ? -10.619 -3.823  8.484   1.00 21.50 ? 55  GLN A CG  1 
ATOM   344 C CD  . GLN A 1 54 ? -9.471  -4.457  7.706   1.00 27.66 ? 55  GLN A CD  1 
ATOM   345 O OE1 . GLN A 1 54 ? -9.645  -4.892  6.562   1.00 30.26 ? 55  GLN A OE1 1 
ATOM   346 N NE2 . GLN A 1 54 ? -8.290  -4.510  8.323   1.00 27.72 ? 55  GLN A NE2 1 
ATOM   347 N N   . LYS A 1 55 ? -9.586  -1.702  12.302  1.00 19.87 ? 56  LYS A N   1 
ATOM   348 C CA  . LYS A 1 55 ? -8.806  -1.399  13.493  1.00 21.60 ? 56  LYS A CA  1 
ATOM   349 C C   . LYS A 1 55 ? -7.948  -2.586  13.909  1.00 21.36 ? 56  LYS A C   1 
ATOM   350 O O   . LYS A 1 55 ? -7.466  -2.641  15.038  1.00 24.57 ? 56  LYS A O   1 
ATOM   351 C CB  . LYS A 1 55 ? -9.733  -0.999  14.634  1.00 24.29 ? 56  LYS A CB  1 
ATOM   352 N N   . PHE A 1 56 ? -7.733  -3.521  12.984  1.00 18.94 ? 57  PHE A N   1 
ATOM   353 C CA  . PHE A 1 56 ? -6.947  -4.718  13.270  1.00 13.23 ? 57  PHE A CA  1 
ATOM   354 C C   . PHE A 1 56 ? -6.252  -5.241  12.004  1.00 13.35 ? 57  PHE A C   1 
ATOM   355 O O   . PHE A 1 56 ? -6.601  -4.845  10.899  1.00 9.93  ? 57  PHE A O   1 
ATOM   356 C CB  . PHE A 1 56 ? -7.878  -5.793  13.844  1.00 7.31  ? 57  PHE A CB  1 
ATOM   357 C CG  . PHE A 1 56 ? -8.939  -6.246  12.876  1.00 2.00  ? 57  PHE A CG  1 
ATOM   358 C CD1 . PHE A 1 56 ? -8.647  -7.170  11.887  1.00 2.00  ? 57  PHE A CD1 1 
ATOM   359 C CD2 . PHE A 1 56 ? -10.207 -5.698  12.912  1.00 2.00  ? 57  PHE A CD2 1 
ATOM   360 C CE1 . PHE A 1 56 ? -9.594  -7.528  10.945  1.00 2.00  ? 57  PHE A CE1 1 
ATOM   361 C CE2 . PHE A 1 56 ? -11.164 -6.054  11.969  1.00 2.00  ? 57  PHE A CE2 1 
ATOM   362 C CZ  . PHE A 1 56 ? -10.852 -6.970  10.985  1.00 2.00  ? 57  PHE A CZ  1 
ATOM   363 N N   . CYS A 1 57 ? -5.275  -6.129  12.181  1.00 13.86 ? 58  CYS A N   1 
ATOM   364 C CA  . CYS A 1 57 ? -4.524  -6.725  11.074  1.00 16.48 ? 58  CYS A CA  1 
ATOM   365 C C   . CYS A 1 57 ? -4.910  -8.194  10.909  1.00 20.19 ? 58  CYS A C   1 
ATOM   366 O O   . CYS A 1 57 ? -5.124  -8.893  11.904  1.00 22.09 ? 58  CYS A O   1 
ATOM   367 C CB  . CYS A 1 57 ? -3.009  -6.685  11.351  1.00 15.64 ? 58  CYS A CB  1 
ATOM   368 S SG  . CYS A 1 57 ? -2.173  -5.084  11.131  1.00 14.81 ? 58  CYS A SG  1 
ATOM   369 N N   . TYR A 1 58 ? -4.979  -8.662  9.663   1.00 18.28 ? 59  TYR A N   1 
ATOM   370 C CA  . TYR A 1 58 ? -5.284  -10.062 9.393   1.00 14.34 ? 59  TYR A CA  1 
ATOM   371 C C   . TYR A 1 58 ? -3.983  -10.797 9.667   1.00 14.29 ? 59  TYR A C   1 
ATOM   372 O O   . TYR A 1 58 ? -2.945  -10.164 9.745   1.00 22.13 ? 59  TYR A O   1 
ATOM   373 C CB  . TYR A 1 58 ? -5.710  -10.244 7.937   1.00 16.08 ? 59  TYR A CB  1 
ATOM   374 C CG  . TYR A 1 58 ? -7.124  -9.805  7.693   1.00 14.40 ? 59  TYR A CG  1 
ATOM   375 C CD1 . TYR A 1 58 ? -8.190  -10.548 8.187   1.00 23.33 ? 59  TYR A CD1 1 
ATOM   376 C CD2 . TYR A 1 58 ? -7.404  -8.619  7.036   1.00 15.65 ? 59  TYR A CD2 1 
ATOM   377 C CE1 . TYR A 1 58 ? -9.498  -10.120 8.040   1.00 20.07 ? 59  TYR A CE1 1 
ATOM   378 C CE2 . TYR A 1 58 ? -8.715  -8.180  6.883   1.00 18.47 ? 59  TYR A CE2 1 
ATOM   379 C CZ  . TYR A 1 58 ? -9.755  -8.935  7.393   1.00 19.45 ? 59  TYR A CZ  1 
ATOM   380 O OH  . TYR A 1 58 ? -11.056 -8.505  7.284   1.00 19.95 ? 59  TYR A OH  1 
ATOM   381 N N   . LYS A 1 59 ? -4.010  -12.111 9.837   1.00 14.45 ? 60  LYS A N   1 
ATOM   382 C CA  . LYS A 1 59 ? -2.764  -12.828 10.098  1.00 12.47 ? 60  LYS A CA  1 
ATOM   383 C C   . LYS A 1 59 ? -1.963  -12.954 8.814   1.00 12.39 ? 60  LYS A C   1 
ATOM   384 O O   . LYS A 1 59 ? -2.522  -12.946 7.723   1.00 11.26 ? 60  LYS A O   1 
ATOM   385 C CB  . LYS A 1 59 ? -3.040  -14.222 10.676  1.00 10.85 ? 60  LYS A CB  1 
ATOM   386 C CG  . LYS A 1 59 ? -2.387  -14.442 12.026  1.00 12.49 ? 60  LYS A CG  1 
ATOM   387 C CD  . LYS A 1 59 ? -1.222  -15.416 11.929  1.00 21.94 ? 60  LYS A CD  1 
ATOM   388 C CE  . LYS A 1 59 ? -0.355  -15.388 13.195  1.00 28.91 ? 60  LYS A CE  1 
ATOM   389 N NZ  . LYS A 1 59 ? 1.117   -15.464 12.917  1.00 30.56 ? 60  LYS A NZ  1 
ATOM   390 N N   . GLN A 1 60 ? -0.650  -13.072 8.947   1.00 11.18 ? 61  GLN A N   1 
ATOM   391 C CA  . GLN A 1 60 ? 0.216   -13.187 7.785   1.00 17.27 ? 61  GLN A CA  1 
ATOM   392 C C   . GLN A 1 60 ? -0.175  -14.396 6.952   1.00 24.57 ? 61  GLN A C   1 
ATOM   393 O O   . GLN A 1 60 ? -0.832  -15.309 7.448   1.00 30.99 ? 61  GLN A O   1 
ATOM   394 C CB  . GLN A 1 60 ? 1.650   -13.315 8.232   1.00 17.86 ? 61  GLN A CB  1 
ATOM   395 N N   . CYS A 1 61 ? 0.227   -14.399 5.683   1.00 28.97 ? 62  CYS A N   1 
ATOM   396 C CA  . CYS A 1 61 ? -0.064  -15.519 4.788   1.00 29.82 ? 62  CYS A CA  1 
ATOM   397 C C   . CYS A 1 61 ? 1.108   -16.490 4.788   1.00 34.78 ? 62  CYS A C   1 
ATOM   398 O O   . CYS A 1 61 ? 0.928   -17.697 4.625   1.00 36.71 ? 62  CYS A O   1 
ATOM   399 C CB  . CYS A 1 61 ? -0.282  -15.040 3.357   1.00 22.29 ? 62  CYS A CB  1 
ATOM   400 S SG  . CYS A 1 61 ? -1.670  -13.894 3.132   1.00 24.03 ? 62  CYS A SG  1 
ATOM   401 N N   . HIS A 1 62 ? 2.314   -15.957 4.953   1.00 39.83 ? 63  HIS A N   1 
ATOM   402 C CA  . HIS A 1 62 ? 3.511   -16.783 4.941   1.00 47.49 ? 63  HIS A CA  1 
ATOM   403 C C   . HIS A 1 62 ? 4.411   -16.554 6.143   1.00 50.69 ? 63  HIS A C   1 
ATOM   404 O O   . HIS A 1 62 ? 5.404   -17.267 6.331   1.00 53.46 ? 63  HIS A O   1 
ATOM   405 C CB  . HIS A 1 62 ? 4.287   -16.521 3.651   1.00 48.72 ? 63  HIS A CB  1 
ATOM   406 C CG  . HIS A 1 62 ? 3.412   -16.337 2.457   1.00 51.11 ? 63  HIS A CG  1 
ATOM   407 N ND1 . HIS A 1 62 ? 3.215   -15.111 1.856   1.00 50.72 ? 63  HIS A ND1 1 
ATOM   408 C CD2 . HIS A 1 62 ? 2.653   -17.222 1.756   1.00 51.08 ? 63  HIS A CD2 1 
ATOM   409 C CE1 . HIS A 1 62 ? 2.375   -15.247 0.843   1.00 52.80 ? 63  HIS A CE1 1 
ATOM   410 N NE2 . HIS A 1 62 ? 2.023   -16.518 0.766   1.00 54.64 ? 63  HIS A NE2 1 
ATOM   411 N N   . ASN A 1 63 ? 4.069   -15.562 6.955   1.00 54.05 ? 64  ASN A N   1 
ATOM   412 C CA  . ASN A 1 63 ? 4.857   -15.257 8.142   1.00 56.85 ? 64  ASN A CA  1 
ATOM   413 C C   . ASN A 1 63 ? 6.307   -14.955 7.772   1.00 57.78 ? 64  ASN A C   1 
ATOM   414 O O   . ASN A 1 63 ? 7.236   -15.278 8.518   1.00 57.52 ? 64  ASN A O   1 
ATOM   415 C CB  . ASN A 1 63 ? 4.797   -16.427 9.125   1.00 59.67 ? 64  ASN A CB  1 
ATOM   416 N N   . SER A 1 64 ? 6.493   -14.340 6.608   1.00 56.98 ? 65  SER A N   1 
ATOM   417 C CA  . SER A 1 64 ? 7.824   -13.982 6.138   1.00 55.98 ? 65  SER A CA  1 
ATOM   418 C C   . SER A 1 64 ? 7.764   -12.556 5.615   1.00 55.68 ? 65  SER A C   1 
ATOM   419 O O   . SER A 1 64 ? 7.141   -12.299 4.586   1.00 58.67 ? 65  SER A O   1 
ATOM   420 C CB  . SER A 1 64 ? 8.268   -14.932 5.032   1.00 55.39 ? 65  SER A CB  1 
ATOM   421 N N   . GLU A 1 65 ? 8.405   -11.637 6.333   1.00 53.98 ? 66  GLU A N   1 
ATOM   422 C CA  . GLU A 1 65 ? 8.420   -10.228 5.948   1.00 51.73 ? 66  GLU A CA  1 
ATOM   423 C C   . GLU A 1 65 ? 9.023   -10.052 4.558   1.00 47.02 ? 66  GLU A C   1 
ATOM   424 O O   . GLU A 1 65 ? 10.238  -10.114 4.378   1.00 48.01 ? 66  GLU A O   1 
ATOM   425 C CB  . GLU A 1 65 ? 9.198   -9.408  6.977   1.00 54.53 ? 66  GLU A CB  1 
ATOM   426 C CG  . GLU A 1 65 ? 8.744   -9.638  8.416   1.00 58.25 ? 66  GLU A CG  1 
ATOM   427 C CD  . GLU A 1 65 ? 7.766   -8.578  8.913   1.00 62.24 ? 66  GLU A CD  1 
ATOM   428 O OE1 . GLU A 1 65 ? 6.885   -8.146  8.130   1.00 65.59 ? 66  GLU A OE1 1 
ATOM   429 O OE2 . GLU A 1 65 ? 7.881   -8.173  10.092  1.00 64.92 ? 66  GLU A OE2 1 
ATOM   430 N N   . LEU A 1 66 ? 8.157   -9.827  3.580   1.00 43.07 ? 67  LEU A N   1 
ATOM   431 C CA  . LEU A 1 66 ? 8.581   -9.660  2.199   1.00 41.32 ? 67  LEU A CA  1 
ATOM   432 C C   . LEU A 1 66 ? 8.781   -8.197  1.813   1.00 39.15 ? 67  LEU A C   1 
ATOM   433 O O   . LEU A 1 66 ? 9.347   -7.901  0.764   1.00 38.42 ? 67  LEU A O   1 
ATOM   434 C CB  . LEU A 1 66 ? 7.544   -10.296 1.266   1.00 43.96 ? 67  LEU A CB  1 
ATOM   435 C CG  . LEU A 1 66 ? 6.070   -10.252 1.710   1.00 41.04 ? 67  LEU A CG  1 
ATOM   436 C CD1 . LEU A 1 66 ? 5.714   -8.883  2.277   1.00 43.77 ? 67  LEU A CD1 1 
ATOM   437 C CD2 . LEU A 1 66 ? 5.181   -10.565 0.517   1.00 42.08 ? 67  LEU A CD2 1 
ATOM   438 N N   . GLU A 1 67 ? 8.314   -7.289  2.663   1.00 35.19 ? 68  GLU A N   1 
ATOM   439 C CA  . GLU A 1 67 ? 8.427   -5.861  2.395   1.00 32.76 ? 68  GLU A CA  1 
ATOM   440 C C   . GLU A 1 67 ? 8.720   -5.065  3.657   1.00 34.66 ? 68  GLU A C   1 
ATOM   441 O O   . GLU A 1 67 ? 8.312   -5.442  4.757   1.00 33.87 ? 68  GLU A O   1 
ATOM   442 C CB  . GLU A 1 67 ? 7.129   -5.341  1.774   1.00 30.85 ? 68  GLU A CB  1 
ATOM   443 C CG  . GLU A 1 67 ? 7.060   -5.454  0.263   1.00 30.32 ? 68  GLU A CG  1 
ATOM   444 C CD  . GLU A 1 67 ? 5.805   -4.823  -0.305  1.00 29.57 ? 68  GLU A CD  1 
ATOM   445 O OE1 . GLU A 1 67 ? 4.761   -4.892  0.371   1.00 28.77 ? 68  GLU A OE1 1 
ATOM   446 O OE2 . GLU A 1 67 ? 5.862   -4.260  -1.425  1.00 31.47 ? 68  GLU A OE2 1 
ATOM   447 N N   . GLU A 1 68 ? 9.423   -3.951  3.492   1.00 35.97 ? 69  GLU A N   1 
ATOM   448 C CA  . GLU A 1 68 ? 9.758   -3.091  4.618   1.00 35.31 ? 69  GLU A CA  1 
ATOM   449 C C   . GLU A 1 68 ? 9.592   -1.647  4.204   1.00 31.20 ? 69  GLU A C   1 
ATOM   450 O O   . GLU A 1 68 ? 9.699   -1.320  3.028   1.00 31.95 ? 69  GLU A O   1 
ATOM   451 C CB  . GLU A 1 68 ? 11.196  -3.335  5.067   1.00 39.55 ? 69  GLU A CB  1 
ATOM   452 C CG  . GLU A 1 68 ? 12.145  -3.645  3.929   1.00 44.31 ? 69  GLU A CG  1 
ATOM   453 C CD  . GLU A 1 68 ? 13.591  -3.512  4.345   1.00 47.96 ? 69  GLU A CD  1 
ATOM   454 O OE1 . GLU A 1 68 ? 13.841  -3.287  5.551   1.00 51.12 ? 69  GLU A OE1 1 
ATOM   455 O OE2 . GLU A 1 68 ? 14.473  -3.636  3.470   1.00 49.37 ? 69  GLU A OE2 1 
ATOM   456 N N   . VAL A 1 69 ? 9.314   -0.789  5.174   1.00 28.81 ? 70  VAL A N   1 
ATOM   457 C CA  . VAL A 1 69 ? 9.137   0.631   4.906   1.00 31.10 ? 70  VAL A CA  1 
ATOM   458 C C   . VAL A 1 69 ? 10.496  1.327   4.909   1.00 32.03 ? 70  VAL A C   1 
ATOM   459 O O   . VAL A 1 69 ? 11.175  1.346   5.927   1.00 32.85 ? 70  VAL A O   1 
ATOM   460 C CB  . VAL A 1 69 ? 8.244   1.293   5.980   1.00 27.47 ? 70  VAL A CB  1 
ATOM   461 C CG1 . VAL A 1 69 ? 8.316   2.802   5.857   1.00 25.54 ? 70  VAL A CG1 1 
ATOM   462 C CG2 . VAL A 1 69 ? 6.812   0.818   5.830   1.00 24.57 ? 70  VAL A CG2 1 
ATOM   463 N N   . ILE A 1 70 ? 10.894  1.897   3.776   1.00 33.40 ? 71  ILE A N   1 
ATOM   464 C CA  . ILE A 1 70 ? 12.174  2.592   3.694   1.00 35.17 ? 71  ILE A CA  1 
ATOM   465 C C   . ILE A 1 70 ? 12.012  4.057   4.065   1.00 37.18 ? 71  ILE A C   1 
ATOM   466 O O   . ILE A 1 70 ? 11.302  4.801   3.389   1.00 38.99 ? 71  ILE A O   1 
ATOM   467 C CB  . ILE A 1 70 ? 12.772  2.531   2.277   1.00 36.06 ? 71  ILE A CB  1 
ATOM   468 C CG1 . ILE A 1 70 ? 12.448  1.183   1.619   1.00 37.33 ? 71  ILE A CG1 1 
ATOM   469 C CG2 . ILE A 1 70 ? 14.275  2.763   2.353   1.00 31.38 ? 71  ILE A CG2 1 
ATOM   470 C CD1 . ILE A 1 70 ? 13.140  -0.003  2.263   1.00 37.44 ? 71  ILE A CD1 1 
ATOM   471 N N   . LYS A 1 71 ? 12.673  4.469   5.141   1.00 42.39 ? 72  LYS A N   1 
ATOM   472 C CA  . LYS A 1 71 ? 12.605  5.853   5.598   1.00 47.25 ? 72  LYS A CA  1 
ATOM   473 C C   . LYS A 1 71 ? 13.254  6.785   4.578   1.00 49.30 ? 72  LYS A C   1 
ATOM   474 O O   . LYS A 1 71 ? 14.411  7.177   4.736   1.00 50.75 ? 72  LYS A O   1 
ATOM   475 C CB  . LYS A 1 71 ? 13.302  5.992   6.949   1.00 48.87 ? 72  LYS A CB  1 
ATOM   476 N N   . ASN A 1 72 ? 12.503  7.129   3.531   1.00 50.27 ? 73  ASN A N   1 
ATOM   477 C CA  . ASN A 1 72 ? 12.984  8.015   2.476   1.00 48.25 ? 73  ASN A CA  1 
ATOM   478 C C   . ASN A 1 72 ? 12.834  9.462   2.931   1.00 52.44 ? 73  ASN A C   1 
ATOM   479 O O   . ASN A 1 72 ? 12.078  9.684   3.903   1.00 56.46 ? 73  ASN A O   1 
ATOM   480 C CB  . ASN A 1 72 ? 12.188  7.790   1.183   1.00 40.48 ? 73  ASN A CB  1 
ATOM   481 C CG  . ASN A 1 72 ? 10.759  8.312   1.270   1.00 40.29 ? 73  ASN A CG  1 
ATOM   482 O OD1 . ASN A 1 72 ? 10.283  8.676   2.345   1.00 40.31 ? 73  ASN A OD1 1 
ATOM   483 N ND2 . ASN A 1 72 ? 10.068  8.347   0.133   1.00 34.29 ? 73  ASN A ND2 1 
ATOM   484 N N   . LYS B 1 5  ? 10.232  17.448  -6.570  1.00 51.98 ? 5   LYS B N   1 
ATOM   485 C CA  . LYS B 1 5  ? 9.532   18.714  -6.206  1.00 54.40 ? 5   LYS B CA  1 
ATOM   486 C C   . LYS B 1 5  ? 8.126   18.400  -5.690  1.00 54.53 ? 5   LYS B C   1 
ATOM   487 O O   . LYS B 1 5  ? 7.889   18.356  -4.479  1.00 54.73 ? 5   LYS B O   1 
ATOM   488 C CB  . LYS B 1 5  ? 9.452   19.639  -7.421  1.00 55.02 ? 5   LYS B CB  1 
ATOM   489 N N   . SER B 1 6  ? 7.195   18.181  -6.614  1.00 54.93 ? 6   SER B N   1 
ATOM   490 C CA  . SER B 1 6  ? 5.817   17.855  -6.252  1.00 53.36 ? 6   SER B CA  1 
ATOM   491 C C   . SER B 1 6  ? 5.669   16.326  -6.205  1.00 49.04 ? 6   SER B C   1 
ATOM   492 O O   . SER B 1 6  ? 4.704   15.801  -5.647  1.00 50.46 ? 6   SER B O   1 
ATOM   493 C CB  . SER B 1 6  ? 4.839   18.442  -7.275  1.00 56.91 ? 6   SER B CB  1 
ATOM   494 O OG  . SER B 1 6  ? 3.501   18.299  -6.827  1.00 58.99 ? 6   SER B OG  1 
ATOM   495 N N   . ALA B 1 7  ? 6.627   15.627  -6.812  1.00 40.44 ? 7   ALA B N   1 
ATOM   496 C CA  . ALA B 1 7  ? 6.641   14.173  -6.815  1.00 31.60 ? 7   ALA B CA  1 
ATOM   497 C C   . ALA B 1 7  ? 7.347   13.770  -5.536  1.00 26.38 ? 7   ALA B C   1 
ATOM   498 O O   . ALA B 1 7  ? 8.568   13.785  -5.451  1.00 28.73 ? 7   ALA B O   1 
ATOM   499 C CB  . ALA B 1 7  ? 7.400   13.649  -8.030  1.00 30.71 ? 7   ALA B CB  1 
ATOM   500 N N   . CYS B 1 8  ? 6.566   13.421  -4.531  1.00 25.34 ? 8   CYS B N   1 
ATOM   501 C CA  . CYS B 1 8  ? 7.126   13.034  -3.255  1.00 23.94 ? 8   CYS B CA  1 
ATOM   502 C C   . CYS B 1 8  ? 6.350   11.841  -2.698  1.00 22.87 ? 8   CYS B C   1 
ATOM   503 O O   . CYS B 1 8  ? 5.207   11.586  -3.092  1.00 21.46 ? 8   CYS B O   1 
ATOM   504 C CB  . CYS B 1 8  ? 7.026   14.203  -2.288  1.00 28.73 ? 8   CYS B CB  1 
ATOM   505 S SG  . CYS B 1 8  ? 5.299   14.630  -1.900  1.00 34.15 ? 8   CYS B SG  1 
ATOM   506 N N   . CYS B 1 9  ? 6.965   11.115  -1.774  1.00 17.80 ? 9   CYS B N   1 
ATOM   507 C CA  . CYS B 1 9  ? 6.309   9.964   -1.191  1.00 11.30 ? 9   CYS B CA  1 
ATOM   508 C C   . CYS B 1 9  ? 6.617   9.800   0.287   1.00 12.53 ? 9   CYS B C   1 
ATOM   509 O O   . CYS B 1 9  ? 7.779   9.717   0.692   1.00 10.46 ? 9   CYS B O   1 
ATOM   510 C CB  . CYS B 1 9  ? 6.695   8.697   -1.942  1.00 9.85  ? 9   CYS B CB  1 
ATOM   511 S SG  . CYS B 1 9  ? 5.882   7.233   -1.232  1.00 14.36 ? 9   CYS B SG  1 
ATOM   512 N N   . ASP B 1 10 ? 5.552   9.758   1.081   1.00 12.03 ? 10  ASP B N   1 
ATOM   513 C CA  . ASP B 1 10 ? 5.640   9.613   2.522   1.00 13.97 ? 10  ASP B CA  1 
ATOM   514 C C   . ASP B 1 10 ? 5.973   8.185   2.945   1.00 19.22 ? 10  ASP B C   1 
ATOM   515 O O   . ASP B 1 10 ? 6.891   7.957   3.739   1.00 23.62 ? 10  ASP B O   1 
ATOM   516 C CB  . ASP B 1 10 ? 4.308   10.003  3.148   1.00 17.05 ? 10  ASP B CB  1 
ATOM   517 C CG  . ASP B 1 10 ? 4.159   11.487  3.310   1.00 21.50 ? 10  ASP B CG  1 
ATOM   518 O OD1 . ASP B 1 10 ? 5.071   12.106  3.899   1.00 27.13 ? 10  ASP B OD1 1 
ATOM   519 O OD2 . ASP B 1 10 ? 3.133   12.033  2.852   1.00 24.09 ? 10  ASP B OD2 1 
ATOM   520 N N   . THR B 1 11 ? 5.209   7.224   2.425   1.00 18.71 ? 11  THR B N   1 
ATOM   521 C CA  . THR B 1 11 ? 5.397   5.812   2.762   1.00 13.85 ? 11  THR B CA  1 
ATOM   522 C C   . THR B 1 11 ? 5.866   5.013   1.562   1.00 11.55 ? 11  THR B C   1 
ATOM   523 O O   . THR B 1 11 ? 5.072   4.638   0.701   1.00 10.02 ? 11  THR B O   1 
ATOM   524 C CB  . THR B 1 11 ? 4.089   5.181   3.296   1.00 11.06 ? 11  THR B CB  1 
ATOM   525 O OG1 . THR B 1 11 ? 3.574   5.972   4.374   1.00 14.59 ? 11  THR B OG1 1 
ATOM   526 C CG2 . THR B 1 11 ? 4.340   3.771   3.800   1.00 5.47  ? 11  THR B CG2 1 
ATOM   527 N N   . CYS B 1 12 ? 7.167   4.750   1.523   1.00 11.36 ? 12  CYS B N   1 
ATOM   528 C CA  . CYS B 1 12 ? 7.759   4.006   0.426   1.00 9.39  ? 12  CYS B CA  1 
ATOM   529 C C   . CYS B 1 12 ? 8.030   2.571   0.841   1.00 10.18 ? 12  CYS B C   1 
ATOM   530 O O   . CYS B 1 12 ? 8.786   2.316   1.782   1.00 9.99  ? 12  CYS B O   1 
ATOM   531 C CB  . CYS B 1 12 ? 9.056   4.680   -0.012  1.00 10.91 ? 12  CYS B CB  1 
ATOM   532 S SG  . CYS B 1 12 ? 9.744   4.077   -1.580  1.00 12.73 ? 12  CYS B SG  1 
ATOM   533 N N   . LEU B 1 13 ? 7.410   1.638   0.128   1.00 9.54  ? 13  LEU B N   1 
ATOM   534 C CA  . LEU B 1 13 ? 7.558   0.221   0.417   1.00 10.51 ? 13  LEU B CA  1 
ATOM   535 C C   . LEU B 1 13 ? 8.455   -0.442  -0.599  1.00 12.23 ? 13  LEU B C   1 
ATOM   536 O O   . LEU B 1 13 ? 8.212   -0.339  -1.802  1.00 16.18 ? 13  LEU B O   1 
ATOM   537 C CB  . LEU B 1 13 ? 6.195   -0.473  0.379   1.00 11.89 ? 13  LEU B CB  1 
ATOM   538 C CG  . LEU B 1 13 ? 5.218   -0.392  1.553   1.00 10.03 ? 13  LEU B CG  1 
ATOM   539 C CD1 . LEU B 1 13 ? 4.318   -1.619  1.489   1.00 5.88  ? 13  LEU B CD1 1 
ATOM   540 C CD2 . LEU B 1 13 ? 5.960   -0.333  2.878   1.00 6.25  ? 13  LEU B CD2 1 
ATOM   541 N N   . CYS B 1 14 ? 9.485   -1.128  -0.113  1.00 13.39 ? 14  CYS B N   1 
ATOM   542 C CA  . CYS B 1 14 ? 10.418  -1.836  -0.984  1.00 15.58 ? 14  CYS B CA  1 
ATOM   543 C C   . CYS B 1 14 ? 10.545  -3.279  -0.513  1.00 17.01 ? 14  CYS B C   1 
ATOM   544 O O   . CYS B 1 14 ? 10.537  -3.553  0.691   1.00 12.29 ? 14  CYS B O   1 
ATOM   545 C CB  . CYS B 1 14 ? 11.812  -1.191  -0.949  1.00 16.70 ? 14  CYS B CB  1 
ATOM   546 S SG  . CYS B 1 14 ? 11.964  0.468   -1.685  1.00 16.17 ? 14  CYS B SG  1 
ATOM   547 N N   . THR B 1 15 ? 10.663  -4.195  -1.467  1.00 21.20 ? 15  THR B N   1 
ATOM   548 C CA  . THR B 1 15 ? 10.831  -5.596  -1.130  1.00 29.67 ? 15  THR B CA  1 
ATOM   549 C C   . THR B 1 15 ? 12.257  -5.765  -0.601  1.00 36.39 ? 15  THR B C   1 
ATOM   550 O O   . THR B 1 15 ? 13.107  -4.891  -0.791  1.00 37.86 ? 15  THR B O   1 
ATOM   551 C CB  . THR B 1 15 ? 10.643  -6.500  -2.364  1.00 27.90 ? 15  THR B CB  1 
ATOM   552 O OG1 . THR B 1 15 ? 11.596  -6.140  -3.372  1.00 25.98 ? 15  THR B OG1 1 
ATOM   553 C CG2 . THR B 1 15 ? 9.245   -6.346  -2.919  1.00 26.89 ? 15  THR B CG2 1 
ATOM   554 N N   . LYS B 1 16 ? 12.512  -6.881  0.077   1.00 41.22 ? 16  LYS B N   1 
ATOM   555 C CA  . LYS B 1 16 ? 13.839  -7.151  0.615   1.00 45.93 ? 16  LYS B CA  1 
ATOM   556 C C   . LYS B 1 16 ? 14.707  -7.771  -0.479  1.00 48.85 ? 16  LYS B C   1 
ATOM   557 O O   . LYS B 1 16 ? 15.900  -8.012  -0.285  1.00 52.30 ? 16  LYS B O   1 
ATOM   558 C CB  . LYS B 1 16 ? 13.740  -8.102  1.814   1.00 43.76 ? 16  LYS B CB  1 
ATOM   559 C CG  . LYS B 1 16 ? 13.708  -7.389  3.159   1.00 46.46 ? 16  LYS B CG  1 
ATOM   560 C CD  . LYS B 1 16 ? 12.524  -7.834  4.011   1.00 48.61 ? 16  LYS B CD  1 
ATOM   561 C CE  . LYS B 1 16 ? 12.840  -7.732  5.502   1.00 51.47 ? 16  LYS B CE  1 
ATOM   562 N NZ  . LYS B 1 16 ? 11.855  -6.897  6.261   1.00 52.83 ? 16  LYS B NZ  1 
ATOM   563 N N   . SER B 1 17 ? 14.093  -8.013  -1.633  1.00 49.68 ? 17  SER B N   1 
ATOM   564 C CA  . SER B 1 17 ? 14.776  -8.613  -2.774  1.00 50.76 ? 17  SER B CA  1 
ATOM   565 C C   . SER B 1 17 ? 15.979  -7.804  -3.252  1.00 54.01 ? 17  SER B C   1 
ATOM   566 O O   . SER B 1 17 ? 16.260  -6.713  -2.748  1.00 56.54 ? 17  SER B O   1 
ATOM   567 C CB  . SER B 1 17 ? 13.792  -8.784  -3.937  1.00 51.39 ? 17  SER B CB  1 
ATOM   568 O OG  . SER B 1 17 ? 14.179  -8.002  -5.058  1.00 48.77 ? 17  SER B OG  1 
ATOM   569 N N   . ASN B 1 18 ? 16.682  -8.355  -4.234  1.00 54.04 ? 18  ASN B N   1 
ATOM   570 C CA  . ASN B 1 18 ? 17.846  -7.704  -4.813  1.00 55.54 ? 18  ASN B CA  1 
ATOM   571 C C   . ASN B 1 18 ? 17.857  -8.030  -6.301  1.00 56.21 ? 18  ASN B C   1 
ATOM   572 O O   . ASN B 1 18 ? 18.059  -9.182  -6.685  1.00 58.44 ? 18  ASN B O   1 
ATOM   573 C CB  . ASN B 1 18 ? 19.114  -8.214  -4.149  1.00 54.29 ? 18  ASN B CB  1 
ATOM   574 N N   . PRO B 1 19 ? 17.612  -7.025  -7.157  1.00 55.26 ? 19  PRO B N   1 
ATOM   575 C CA  . PRO B 1 19 ? 17.336  -5.647  -6.738  1.00 53.64 ? 19  PRO B CA  1 
ATOM   576 C C   . PRO B 1 19 ? 15.948  -5.560  -6.139  1.00 52.25 ? 19  PRO B C   1 
ATOM   577 O O   . PRO B 1 19 ? 15.065  -6.347  -6.478  1.00 52.12 ? 19  PRO B O   1 
ATOM   578 C CB  . PRO B 1 19 ? 17.441  -4.830  -8.029  1.00 54.68 ? 19  PRO B CB  1 
ATOM   579 C CG  . PRO B 1 19 ? 17.882  -5.789  -9.101  1.00 57.20 ? 19  PRO B CG  1 
ATOM   580 C CD  . PRO B 1 19 ? 17.555  -7.170  -8.619  1.00 56.34 ? 19  PRO B CD  1 
ATOM   581 N N   . PRO B 1 20 ? 15.734  -4.599  -5.236  1.00 49.42 ? 20  PRO B N   1 
ATOM   582 C CA  . PRO B 1 20 ? 14.421  -4.462  -4.627  1.00 45.38 ? 20  PRO B CA  1 
ATOM   583 C C   . PRO B 1 20 ? 13.504  -3.717  -5.582  1.00 40.70 ? 20  PRO B C   1 
ATOM   584 O O   . PRO B 1 20 ? 13.966  -2.948  -6.422  1.00 40.84 ? 20  PRO B O   1 
ATOM   585 C CB  . PRO B 1 20 ? 14.705  -3.655  -3.373  1.00 47.03 ? 20  PRO B CB  1 
ATOM   586 C CG  . PRO B 1 20 ? 15.811  -2.749  -3.804  1.00 50.44 ? 20  PRO B CG  1 
ATOM   587 C CD  . PRO B 1 20 ? 16.673  -3.577  -4.738  1.00 50.36 ? 20  PRO B CD  1 
ATOM   588 N N   . THR B 1 21 ? 12.209  -3.965  -5.454  1.00 37.47 ? 21  THR B N   1 
ATOM   589 C CA  . THR B 1 21 ? 11.195  -3.307  -6.268  1.00 30.22 ? 21  THR B CA  1 
ATOM   590 C C   . THR B 1 21 ? 10.423  -2.458  -5.268  1.00 25.56 ? 21  THR B C   1 
ATOM   591 O O   . THR B 1 21 ? 10.039  -2.951  -4.200  1.00 26.35 ? 21  THR B O   1 
ATOM   592 C CB  . THR B 1 21 ? 10.245  -4.338  -6.924  1.00 33.85 ? 21  THR B CB  1 
ATOM   593 O OG1 . THR B 1 21 ? 10.548  -4.449  -8.320  1.00 34.09 ? 21  THR B OG1 1 
ATOM   594 C CG2 . THR B 1 21 ? 8.793   -3.912  -6.763  1.00 34.21 ? 21  THR B CG2 1 
ATOM   595 N N   . CYS B 1 22 ? 10.192  -1.195  -5.609  1.00 19.57 ? 22  CYS B N   1 
ATOM   596 C CA  . CYS B 1 22 ? 9.505   -0.297  -4.699  1.00 8.52  ? 22  CYS B CA  1 
ATOM   597 C C   . CYS B 1 22 ? 8.244   0.341   -5.227  1.00 5.68  ? 22  CYS B C   1 
ATOM   598 O O   . CYS B 1 22 ? 7.996   0.381   -6.431  1.00 6.74  ? 22  CYS B O   1 
ATOM   599 C CB  . CYS B 1 22 ? 10.468  0.795   -4.263  1.00 9.66  ? 22  CYS B CB  1 
ATOM   600 S SG  . CYS B 1 22 ? 12.055  0.139   -3.680  1.00 14.14 ? 22  CYS B SG  1 
ATOM   601 N N   . ARG B 1 23 ? 7.439   0.842   -4.301  1.00 2.97  ? 23  ARG B N   1 
ATOM   602 C CA  . ARG B 1 23 ? 6.208   1.514   -4.662  1.00 3.14  ? 23  ARG B CA  1 
ATOM   603 C C   . ARG B 1 23 ? 5.800   2.472   -3.560  1.00 4.54  ? 23  ARG B C   1 
ATOM   604 O O   . ARG B 1 23 ? 6.244   2.343   -2.422  1.00 4.17  ? 23  ARG B O   1 
ATOM   605 C CB  . ARG B 1 23 ? 5.100   0.493   -4.927  1.00 7.50  ? 23  ARG B CB  1 
ATOM   606 C CG  . ARG B 1 23 ? 4.580   -0.205  -3.695  1.00 7.88  ? 23  ARG B CG  1 
ATOM   607 C CD  . ARG B 1 23 ? 3.722   -1.413  -4.061  1.00 7.55  ? 23  ARG B CD  1 
ATOM   608 N NE  . ARG B 1 23 ? 3.692   -2.354  -2.947  1.00 6.76  ? 23  ARG B NE  1 
ATOM   609 C CZ  . ARG B 1 23 ? 2.590   -2.740  -2.314  1.00 2.00  ? 23  ARG B CZ  1 
ATOM   610 N NH1 . ARG B 1 23 ? 1.404   -2.276  -2.674  1.00 2.00  ? 23  ARG B NH1 1 
ATOM   611 N NH2 . ARG B 1 23 ? 2.685   -3.573  -1.296  1.00 4.26  ? 23  ARG B NH2 1 
ATOM   612 N N   . CYS B 1 24 ? 4.970   3.447   -3.908  1.00 2.00  ? 24  CYS B N   1 
ATOM   613 C CA  . CYS B 1 24 ? 4.511   4.422   -2.942  1.00 6.00  ? 24  CYS B CA  1 
ATOM   614 C C   . CYS B 1 24 ? 3.074   4.089   -2.607  1.00 10.22 ? 24  CYS B C   1 
ATOM   615 O O   . CYS B 1 24 ? 2.206   4.152   -3.484  1.00 11.83 ? 24  CYS B O   1 
ATOM   616 C CB  . CYS B 1 24 ? 4.574   5.820   -3.529  1.00 6.79  ? 24  CYS B CB  1 
ATOM   617 S SG  . CYS B 1 24 ? 4.166   7.092   -2.301  1.00 6.37  ? 24  CYS B SG  1 
ATOM   618 N N   . VAL B 1 25 ? 2.816   3.741   -1.346  1.00 10.66 ? 25  VAL B N   1 
ATOM   619 C CA  . VAL B 1 25 ? 1.472   3.356   -0.925  1.00 10.76 ? 25  VAL B CA  1 
ATOM   620 C C   . VAL B 1 25 ? 0.654   4.483   -0.299  1.00 10.27 ? 25  VAL B C   1 
ATOM   621 O O   . VAL B 1 25 ? -0.298  4.234   0.428   1.00 12.02 ? 25  VAL B O   1 
ATOM   622 C CB  . VAL B 1 25 ? 1.525   2.152   0.053   1.00 3.27  ? 25  VAL B CB  1 
ATOM   623 C CG1 . VAL B 1 25 ? 2.344   1.046   -0.545  1.00 2.00  ? 25  VAL B CG1 1 
ATOM   624 C CG2 . VAL B 1 25 ? 2.112   2.567   1.375   1.00 3.02  ? 25  VAL B CG2 1 
ATOM   625 N N   . ASP B 1 26 ? 1.009   5.722   -0.600  1.00 9.68  ? 26  ASP B N   1 
ATOM   626 C CA  . ASP B 1 26 ? 0.281   6.854   -0.057  1.00 6.16  ? 26  ASP B CA  1 
ATOM   627 C C   . ASP B 1 26 ? -1.114  6.858   -0.672  1.00 5.55  ? 26  ASP B C   1 
ATOM   628 O O   . ASP B 1 26 ? -1.279  6.504   -1.836  1.00 3.46  ? 26  ASP B O   1 
ATOM   629 C CB  . ASP B 1 26 ? 0.999   8.165   -0.405  1.00 10.05 ? 26  ASP B CB  1 
ATOM   630 C CG  . ASP B 1 26 ? 2.202   8.445   0.489   1.00 18.98 ? 26  ASP B CG  1 
ATOM   631 O OD1 . ASP B 1 26 ? 2.488   7.634   1.402   1.00 26.89 ? 26  ASP B OD1 1 
ATOM   632 O OD2 . ASP B 1 26 ? 2.863   9.485   0.271   1.00 23.54 ? 26  ASP B OD2 1 
ATOM   633 N N   . VAL B 1 27 ? -2.109  7.256   0.120   1.00 6.64  ? 27  VAL B N   1 
ATOM   634 C CA  . VAL B 1 27 ? -3.500  7.322   -0.336  1.00 7.77  ? 27  VAL B CA  1 
ATOM   635 C C   . VAL B 1 27 ? -4.014  8.761   -0.245  1.00 10.03 ? 27  VAL B C   1 
ATOM   636 O O   . VAL B 1 27 ? -3.599  9.513   0.636   1.00 10.90 ? 27  VAL B O   1 
ATOM   637 C CB  . VAL B 1 27 ? -4.430  6.453   0.541   1.00 6.58  ? 27  VAL B CB  1 
ATOM   638 C CG1 . VAL B 1 27 ? -5.711  6.164   -0.199  1.00 4.07  ? 27  VAL B CG1 1 
ATOM   639 C CG2 . VAL B 1 27 ? -3.732  5.185   0.944   1.00 2.00  ? 27  VAL B CG2 1 
ATOM   640 N N   . GLY B 1 28 ? -4.926  9.139   -1.139  1.00 8.46  ? 28  GLY B N   1 
ATOM   641 C CA  . GLY B 1 28 ? -5.469  10.486  -1.098  1.00 6.23  ? 28  GLY B CA  1 
ATOM   642 C C   . GLY B 1 28 ? -6.421  10.785  -2.231  1.00 9.83  ? 28  GLY B C   1 
ATOM   643 O O   . GLY B 1 28 ? -6.746  9.904   -3.022  1.00 15.41 ? 28  GLY B O   1 
ATOM   644 N N   . GLU B 1 29 ? -6.878  12.032  -2.319  1.00 11.27 ? 30  GLU B N   1 
ATOM   645 C CA  . GLU B 1 29 ? -7.796  12.433  -3.381  1.00 13.48 ? 30  GLU B CA  1 
ATOM   646 C C   . GLU B 1 29 ? -7.096  12.439  -4.736  1.00 12.03 ? 30  GLU B C   1 
ATOM   647 O O   . GLU B 1 29 ? -7.726  12.607  -5.780  1.00 13.45 ? 30  GLU B O   1 
ATOM   648 C CB  . GLU B 1 29 ? -8.351  13.821  -3.096  1.00 17.38 ? 30  GLU B CB  1 
ATOM   649 C CG  . GLU B 1 29 ? -8.948  13.958  -1.708  1.00 26.84 ? 30  GLU B CG  1 
ATOM   650 C CD  . GLU B 1 29 ? -9.886  15.144  -1.585  1.00 31.63 ? 30  GLU B CD  1 
ATOM   651 O OE1 . GLU B 1 29 ? -10.363 15.641  -2.632  1.00 36.80 ? 30  GLU B OE1 1 
ATOM   652 O OE2 . GLU B 1 29 ? -10.147 15.570  -0.439  1.00 34.26 ? 30  GLU B OE2 1 
ATOM   653 N N   . THR B 1 30 ? -5.787  12.255  -4.707  1.00 10.95 ? 31  THR B N   1 
ATOM   654 C CA  . THR B 1 30 ? -5.000  12.226  -5.921  1.00 15.36 ? 31  THR B CA  1 
ATOM   655 C C   . THR B 1 30 ? -3.635  11.571  -5.645  1.00 16.48 ? 31  THR B C   1 
ATOM   656 O O   . THR B 1 30 ? -3.309  11.245  -4.500  1.00 13.86 ? 31  THR B O   1 
ATOM   657 C CB  . THR B 1 30 ? -4.839  13.670  -6.489  1.00 21.55 ? 31  THR B CB  1 
ATOM   658 O OG1 . THR B 1 30 ? -4.439  13.604  -7.862  1.00 30.15 ? 31  THR B OG1 1 
ATOM   659 C CG2 . THR B 1 30 ? -3.819  14.466  -5.682  1.00 20.37 ? 31  THR B CG2 1 
ATOM   660 N N   . CYS B 1 31 ? -2.860  11.338  -6.699  1.00 18.63 ? 32  CYS B N   1 
ATOM   661 C CA  . CYS B 1 31 ? -1.541  10.720  -6.569  1.00 19.12 ? 32  CYS B CA  1 
ATOM   662 C C   . CYS B 1 31 ? -0.452  11.775  -6.759  1.00 18.75 ? 32  CYS B C   1 
ATOM   663 O O   . CYS B 1 31 ? -0.739  12.895  -7.181  1.00 20.69 ? 32  CYS B O   1 
ATOM   664 C CB  . CYS B 1 31 ? -1.387  9.619   -7.620  1.00 17.63 ? 32  CYS B CB  1 
ATOM   665 S SG  . CYS B 1 31 ? -2.619  8.299   -7.452  1.00 6.45  ? 32  CYS B SG  1 
ATOM   666 N N   . HIS B 1 32 ? 0.798   11.433  -6.456  1.00 19.71 ? 33  HIS B N   1 
ATOM   667 C CA  . HIS B 1 32 ? 1.871   12.405  -6.633  1.00 17.72 ? 33  HIS B CA  1 
ATOM   668 C C   . HIS B 1 32 ? 2.056   12.714  -8.115  1.00 17.60 ? 33  HIS B C   1 
ATOM   669 O O   . HIS B 1 32 ? 1.577   11.967  -8.973  1.00 16.26 ? 33  HIS B O   1 
ATOM   670 C CB  . HIS B 1 32 ? 3.179   11.924  -5.982  1.00 14.04 ? 33  HIS B CB  1 
ATOM   671 C CG  . HIS B 1 32 ? 3.738   10.667  -6.562  1.00 10.01 ? 33  HIS B CG  1 
ATOM   672 N ND1 . HIS B 1 32 ? 3.773   10.413  -7.919  1.00 11.79 ? 33  HIS B ND1 1 
ATOM   673 C CD2 . HIS B 1 32 ? 4.333   9.603   -5.972  1.00 14.42 ? 33  HIS B CD2 1 
ATOM   674 C CE1 . HIS B 1 32 ? 4.360   9.253   -8.134  1.00 14.56 ? 33  HIS B CE1 1 
ATOM   675 N NE2 . HIS B 1 32 ? 4.713   8.739   -6.967  1.00 12.02 ? 33  HIS B NE2 1 
ATOM   676 N N   . SER B 1 33 ? 2.735   13.826  -8.399  1.00 20.04 ? 34  SER B N   1 
ATOM   677 C CA  . SER B 1 33 ? 2.955   14.304  -9.773  1.00 21.90 ? 34  SER B CA  1 
ATOM   678 C C   . SER B 1 33 ? 3.625   13.347  -10.762 1.00 19.99 ? 34  SER B C   1 
ATOM   679 O O   . SER B 1 33 ? 3.323   13.372  -11.958 1.00 18.99 ? 34  SER B O   1 
ATOM   680 C CB  . SER B 1 33 ? 3.746   15.613  -9.738  1.00 22.42 ? 34  SER B CB  1 
ATOM   681 O OG  . SER B 1 33 ? 5.021   15.414  -9.149  1.00 31.58 ? 34  SER B OG  1 
ATOM   682 N N   . ALA B 1 34 ? 4.523   12.502  -10.267 1.00 18.41 ? 35  ALA B N   1 
ATOM   683 C CA  . ALA B 1 34 ? 5.237   11.566  -11.124 1.00 17.07 ? 35  ALA B CA  1 
ATOM   684 C C   . ALA B 1 34 ? 4.528   10.248  -11.398 1.00 17.29 ? 35  ALA B C   1 
ATOM   685 O O   . ALA B 1 34 ? 5.061   9.408   -12.118 1.00 21.29 ? 35  ALA B O   1 
ATOM   686 C CB  . ALA B 1 34 ? 6.604   11.285  -10.527 1.00 16.00 ? 35  ALA B CB  1 
ATOM   687 N N   . CYS B 1 35 ? 3.329   10.063  -10.852 1.00 17.09 ? 36  CYS B N   1 
ATOM   688 C CA  . CYS B 1 35 ? 2.603   8.802   -11.022 1.00 15.05 ? 36  CYS B CA  1 
ATOM   689 C C   . CYS B 1 35 ? 2.006   8.512   -12.393 1.00 11.51 ? 36  CYS B C   1 
ATOM   690 O O   . CYS B 1 35 ? 1.207   9.280   -12.907 1.00 15.88 ? 36  CYS B O   1 
ATOM   691 C CB  . CYS B 1 35 ? 1.487   8.685   -9.979  1.00 15.06 ? 36  CYS B CB  1 
ATOM   692 S SG  . CYS B 1 35 ? 0.719   7.032   -9.922  1.00 11.96 ? 36  CYS B SG  1 
ATOM   693 N N   . LEU B 1 36 ? 2.375   7.373   -12.964 1.00 11.73 ? 37  LEU B N   1 
ATOM   694 C CA  . LEU B 1 36 ? 1.853   6.969   -14.261 1.00 15.42 ? 37  LEU B CA  1 
ATOM   695 C C   . LEU B 1 36 ? 0.491   6.302   -14.083 1.00 18.69 ? 37  LEU B C   1 
ATOM   696 O O   . LEU B 1 36 ? -0.480  6.660   -14.756 1.00 20.44 ? 37  LEU B O   1 
ATOM   697 C CB  . LEU B 1 36 ? 2.804   5.977   -14.942 1.00 20.27 ? 37  LEU B CB  1 
ATOM   698 C CG  . LEU B 1 36 ? 4.109   6.409   -15.639 1.00 26.59 ? 37  LEU B CG  1 
ATOM   699 C CD1 . LEU B 1 36 ? 4.103   7.916   -15.940 1.00 28.41 ? 37  LEU B CD1 1 
ATOM   700 C CD2 . LEU B 1 36 ? 5.311   6.026   -14.753 1.00 23.26 ? 37  LEU B CD2 1 
ATOM   701 N N   . SER B 1 37 ? 0.416   5.338   -13.170 1.00 17.65 ? 38  SER B N   1 
ATOM   702 C CA  . SER B 1 37 ? -0.827  4.611   -12.940 1.00 15.82 ? 38  SER B CA  1 
ATOM   703 C C   . SER B 1 37 ? -1.442  4.907   -11.577 1.00 12.53 ? 38  SER B C   1 
ATOM   704 O O   . SER B 1 37 ? -1.111  4.275   -10.577 1.00 11.81 ? 38  SER B O   1 
ATOM   705 C CB  . SER B 1 37 ? -0.568  3.114   -13.085 1.00 17.32 ? 38  SER B CB  1 
ATOM   706 O OG  . SER B 1 37 ? -1.548  2.368   -12.395 1.00 26.99 ? 38  SER B OG  1 
ATOM   707 N N   . CYS B 1 38 ? -2.364  5.862   -11.563 1.00 15.34 ? 39  CYS B N   1 
ATOM   708 C CA  . CYS B 1 38 ? -3.058  6.304   -10.348 1.00 13.92 ? 39  CYS B CA  1 
ATOM   709 C C   . CYS B 1 38 ? -4.444  5.661   -10.256 1.00 14.74 ? 39  CYS B C   1 
ATOM   710 O O   . CYS B 1 38 ? -5.353  6.021   -11.004 1.00 18.61 ? 39  CYS B O   1 
ATOM   711 C CB  . CYS B 1 38 ? -3.176  7.831   -10.383 1.00 5.11  ? 39  CYS B CB  1 
ATOM   712 S SG  . CYS B 1 38 ? -3.928  8.630   -8.941  1.00 8.72  ? 39  CYS B SG  1 
ATOM   713 N N   . ILE B 1 39 ? -4.606  4.714   -9.335  1.00 14.04 ? 40  ILE B N   1 
ATOM   714 C CA  . ILE B 1 39 ? -5.877  4.021   -9.176  1.00 10.17 ? 40  ILE B CA  1 
ATOM   715 C C   . ILE B 1 39 ? -6.706  4.488   -7.981  1.00 14.94 ? 40  ILE B C   1 
ATOM   716 O O   . ILE B 1 39 ? -6.223  4.520   -6.844  1.00 14.34 ? 40  ILE B O   1 
ATOM   717 C CB  . ILE B 1 39 ? -5.643  2.527   -9.036  1.00 10.50 ? 40  ILE B CB  1 
ATOM   718 C CG1 . ILE B 1 39 ? -4.579  2.075   -10.031 1.00 8.00  ? 40  ILE B CG1 1 
ATOM   719 C CG2 . ILE B 1 39 ? -6.934  1.788   -9.265  1.00 16.23 ? 40  ILE B CG2 1 
ATOM   720 C CD1 . ILE B 1 39 ? -5.092  2.010   -11.462 1.00 2.12  ? 40  ILE B CD1 1 
ATOM   721 N N   . CYS B 1 40 ? -7.966  4.822   -8.247  1.00 14.48 ? 41  CYS B N   1 
ATOM   722 C CA  . CYS B 1 40 ? -8.873  5.294   -7.208  1.00 15.22 ? 41  CYS B CA  1 
ATOM   723 C C   . CYS B 1 40 ? -10.101 4.409   -7.004  1.00 18.61 ? 41  CYS B C   1 
ATOM   724 O O   . CYS B 1 40 ? -10.522 3.677   -7.897  1.00 19.43 ? 41  CYS B O   1 
ATOM   725 C CB  . CYS B 1 40 ? -9.388  6.698   -7.543  1.00 13.80 ? 41  CYS B CB  1 
ATOM   726 S SG  . CYS B 1 40 ? -8.150  7.920   -8.065  1.00 10.68 ? 41  CYS B SG  1 
ATOM   727 N N   . ALA B 1 41 ? -10.676 4.500   -5.813  1.00 21.01 ? 42  ALA B N   1 
ATOM   728 C CA  . ALA B 1 41 ? -11.887 3.778   -5.476  1.00 22.78 ? 42  ALA B CA  1 
ATOM   729 C C   . ALA B 1 41 ? -12.978 4.808   -5.798  1.00 27.10 ? 42  ALA B C   1 
ATOM   730 O O   . ALA B 1 41 ? -12.711 6.017   -5.790  1.00 29.45 ? 42  ALA B O   1 
ATOM   731 C CB  . ALA B 1 41 ? -11.887 3.426   -3.989  1.00 20.07 ? 42  ALA B CB  1 
ATOM   732 N N   . TYR B 1 42 ? -14.195 4.356   -6.076  1.00 31.41 ? 43  TYR B N   1 
ATOM   733 C CA  . TYR B 1 42 ? -15.274 5.283   -6.413  1.00 32.41 ? 43  TYR B CA  1 
ATOM   734 C C   . TYR B 1 42 ? -16.142 5.728   -5.231  1.00 32.58 ? 43  TYR B C   1 
ATOM   735 O O   . TYR B 1 42 ? -17.347 5.487   -5.211  1.00 33.67 ? 43  TYR B O   1 
ATOM   736 C CB  . TYR B 1 42 ? -16.154 4.680   -7.512  1.00 36.23 ? 43  TYR B CB  1 
ATOM   737 N N   . SER B 1 43 ? -15.528 6.387   -4.256  1.00 33.21 ? 44  SER B N   1 
ATOM   738 C CA  . SER B 1 43 ? -16.253 6.886   -3.090  1.00 32.72 ? 44  SER B CA  1 
ATOM   739 C C   . SER B 1 43 ? -16.000 8.386   -2.944  1.00 32.13 ? 44  SER B C   1 
ATOM   740 O O   . SER B 1 43 ? -15.096 8.931   -3.580  1.00 35.41 ? 44  SER B O   1 
ATOM   741 C CB  . SER B 1 43 ? -15.798 6.153   -1.821  1.00 31.99 ? 44  SER B CB  1 
ATOM   742 O OG  . SER B 1 43 ? -14.434 5.780   -1.890  1.00 27.78 ? 44  SER B OG  1 
ATOM   743 N N   . ASN B 1 44 ? -16.796 9.051   -2.111  1.00 28.29 ? 45  ASN B N   1 
ATOM   744 C CA  . ASN B 1 44 ? -16.639 10.484  -1.897  1.00 25.12 ? 45  ASN B CA  1 
ATOM   745 C C   . ASN B 1 44 ? -16.260 10.754  -0.452  1.00 23.97 ? 45  ASN B C   1 
ATOM   746 O O   . ASN B 1 44 ? -16.979 10.366  0.466   1.00 26.88 ? 45  ASN B O   1 
ATOM   747 C CB  . ASN B 1 44 ? -17.937 11.225  -2.239  1.00 28.34 ? 45  ASN B CB  1 
ATOM   748 C CG  . ASN B 1 44 ? -17.878 12.713  -1.895  1.00 32.48 ? 45  ASN B CG  1 
ATOM   749 O OD1 . ASN B 1 44 ? -18.739 13.235  -1.181  1.00 31.91 ? 45  ASN B OD1 1 
ATOM   750 N ND2 . ASN B 1 44 ? -16.860 13.398  -2.404  1.00 31.70 ? 45  ASN B ND2 1 
ATOM   751 N N   . PRO B 1 45 ? -15.105 11.400  -0.226  1.00 23.75 ? 46  PRO B N   1 
ATOM   752 C CA  . PRO B 1 45 ? -14.187 11.849  -1.275  1.00 22.20 ? 46  PRO B CA  1 
ATOM   753 C C   . PRO B 1 45 ? -13.419 10.653  -1.836  1.00 21.55 ? 46  PRO B C   1 
ATOM   754 O O   . PRO B 1 45 ? -13.430 9.573   -1.245  1.00 25.90 ? 46  PRO B O   1 
ATOM   755 C CB  . PRO B 1 45 ? -13.281 12.835  -0.552  1.00 27.14 ? 46  PRO B CB  1 
ATOM   756 C CG  . PRO B 1 45 ? -13.297 12.393  0.877   1.00 22.64 ? 46  PRO B CG  1 
ATOM   757 C CD  . PRO B 1 45 ? -14.623 11.740  1.122   1.00 21.35 ? 46  PRO B CD  1 
ATOM   758 N N   . PRO B 1 46 ? -12.740 10.827  -2.984  1.00 17.60 ? 47  PRO B N   1 
ATOM   759 C CA  . PRO B 1 46 ? -11.983 9.724   -3.592  1.00 14.10 ? 47  PRO B CA  1 
ATOM   760 C C   . PRO B 1 46 ? -10.798 9.233   -2.792  1.00 12.65 ? 47  PRO B C   1 
ATOM   761 O O   . PRO B 1 46 ? -10.262 9.943   -1.943  1.00 14.37 ? 47  PRO B O   1 
ATOM   762 C CB  . PRO B 1 46 ? -11.541 10.276  -4.940  1.00 12.26 ? 47  PRO B CB  1 
ATOM   763 C CG  . PRO B 1 46 ? -12.327 11.513  -5.141  1.00 17.36 ? 47  PRO B CG  1 
ATOM   764 C CD  . PRO B 1 46 ? -12.654 12.048  -3.787  1.00 15.45 ? 47  PRO B CD  1 
ATOM   765 N N   . LYS B 1 47 ? -10.402 7.997   -3.073  1.00 10.01 ? 48  LYS B N   1 
ATOM   766 C CA  . LYS B 1 47 ? -9.269  7.358   -2.421  1.00 7.67  ? 48  LYS B CA  1 
ATOM   767 C C   . LYS B 1 47 ? -8.409  6.856   -3.564  1.00 9.23  ? 48  LYS B C   1 
ATOM   768 O O   . LYS B 1 47 ? -8.832  5.972   -4.305  1.00 7.07  ? 48  LYS B O   1 
ATOM   769 C CB  . LYS B 1 47 ? -9.732  6.167   -1.581  1.00 8.39  ? 48  LYS B CB  1 
ATOM   770 C CG  . LYS B 1 47 ? -10.058 6.490   -0.150  1.00 11.07 ? 48  LYS B CG  1 
ATOM   771 C CD  . LYS B 1 47 ? -9.470  5.455   0.777   1.00 18.83 ? 48  LYS B CD  1 
ATOM   772 C CE  . LYS B 1 47 ? -10.532 4.829   1.674   1.00 23.75 ? 48  LYS B CE  1 
ATOM   773 N NZ  . LYS B 1 47 ? -9.914  3.873   2.650   1.00 25.55 ? 48  LYS B NZ  1 
ATOM   774 N N   . CYS B 1 48 ? -7.213  7.424   -3.722  1.00 10.23 ? 49  CYS B N   1 
ATOM   775 C CA  . CYS B 1 48 ? -6.321  7.008   -4.799  1.00 4.85  ? 49  CYS B CA  1 
ATOM   776 C C   . CYS B 1 48 ? -4.951  6.594   -4.326  1.00 2.16  ? 49  CYS B C   1 
ATOM   777 O O   . CYS B 1 48 ? -4.427  7.102   -3.338  1.00 5.74  ? 49  CYS B O   1 
ATOM   778 C CB  . CYS B 1 48 ? -6.152  8.121   -5.822  1.00 5.77  ? 49  CYS B CB  1 
ATOM   779 S SG  . CYS B 1 48 ? -7.698  8.895   -6.356  1.00 12.11 ? 49  CYS B SG  1 
ATOM   780 N N   . GLN B 1 49 ? -4.372  5.653   -5.047  1.00 2.00  ? 50  GLN B N   1 
ATOM   781 C CA  . GLN B 1 49 ? -3.047  5.180   -4.723  1.00 4.08  ? 50  GLN B CA  1 
ATOM   782 C C   . GLN B 1 49 ? -2.318  4.949   -6.028  1.00 6.32  ? 50  GLN B C   1 
ATOM   783 O O   . GLN B 1 49 ? -2.921  4.566   -7.030  1.00 8.50  ? 50  GLN B O   1 
ATOM   784 C CB  . GLN B 1 49 ? -3.104  3.882   -3.925  1.00 2.00  ? 50  GLN B CB  1 
ATOM   785 C CG  . GLN B 1 49 ? -1.795  3.581   -3.274  1.00 5.18  ? 50  GLN B CG  1 
ATOM   786 C CD  . GLN B 1 49 ? -1.757  2.229   -2.636  1.00 5.25  ? 50  GLN B CD  1 
ATOM   787 O OE1 . GLN B 1 49 ? -2.330  2.035   -1.574  1.00 7.91  ? 50  GLN B OE1 1 
ATOM   788 N NE2 . GLN B 1 49 ? -1.077  1.281   -3.274  1.00 4.87  ? 50  GLN B NE2 1 
ATOM   789 N N   . CYS B 1 50 ? -1.017  5.202   -6.012  1.00 7.63  ? 51  CYS B N   1 
ATOM   790 C CA  . CYS B 1 50 ? -0.190  5.042   -7.192  1.00 10.02 ? 51  CYS B CA  1 
ATOM   791 C C   . CYS B 1 50 ? 0.310   3.614   -7.269  1.00 9.06  ? 51  CYS B C   1 
ATOM   792 O O   . CYS B 1 50 ? 1.045   3.160   -6.394  1.00 14.74 ? 51  CYS B O   1 
ATOM   793 C CB  . CYS B 1 50 ? 0.996   5.999   -7.129  1.00 9.37  ? 51  CYS B CB  1 
ATOM   794 S SG  . CYS B 1 50 ? 1.938   6.025   -8.678  1.00 9.13  ? 51  CYS B SG  1 
ATOM   795 N N   . PHE B 1 51 ? -0.077  2.916   -8.328  1.00 9.76  ? 52  PHE B N   1 
ATOM   796 C CA  . PHE B 1 51 ? 0.314   1.526   -8.511  1.00 11.37 ? 52  PHE B CA  1 
ATOM   797 C C   . PHE B 1 51 ? 1.684   1.325   -9.156  1.00 12.52 ? 52  PHE B C   1 
ATOM   798 O O   . PHE B 1 51 ? 2.135   0.193   -9.317  1.00 12.96 ? 52  PHE B O   1 
ATOM   799 C CB  . PHE B 1 51 ? -0.767  0.800   -9.318  1.00 10.27 ? 52  PHE B CB  1 
ATOM   800 C CG  . PHE B 1 51 ? -1.906  0.293   -8.478  1.00 9.67  ? 52  PHE B CG  1 
ATOM   801 C CD1 . PHE B 1 51 ? -2.468  1.086   -7.487  1.00 10.13 ? 52  PHE B CD1 1 
ATOM   802 C CD2 . PHE B 1 51 ? -2.389  -0.995  -8.646  1.00 12.19 ? 52  PHE B CD2 1 
ATOM   803 C CE1 . PHE B 1 51 ? -3.488  0.601   -6.670  1.00 8.47  ? 52  PHE B CE1 1 
ATOM   804 C CE2 . PHE B 1 51 ? -3.407  -1.482  -7.832  1.00 5.29  ? 52  PHE B CE2 1 
ATOM   805 C CZ  . PHE B 1 51 ? -3.953  -0.682  -6.844  1.00 3.23  ? 52  PHE B CZ  1 
ATOM   806 N N   . ASP B 1 52 ? 2.347   2.426   -9.507  1.00 15.38 ? 53  ASP B N   1 
ATOM   807 C CA  . ASP B 1 52 ? 3.663   2.359   -10.144 1.00 11.64 ? 53  ASP B CA  1 
ATOM   808 C C   . ASP B 1 52 ? 4.655   1.591   -9.288  1.00 11.14 ? 53  ASP B C   1 
ATOM   809 O O   . ASP B 1 52 ? 4.526   1.533   -8.074  1.00 14.43 ? 53  ASP B O   1 
ATOM   810 C CB  . ASP B 1 52 ? 4.214   3.764   -10.393 1.00 13.46 ? 53  ASP B CB  1 
ATOM   811 C CG  . ASP B 1 52 ? 3.437   4.524   -11.443 1.00 16.05 ? 53  ASP B CG  1 
ATOM   812 O OD1 . ASP B 1 52 ? 2.819   3.895   -12.327 1.00 19.90 ? 53  ASP B OD1 1 
ATOM   813 O OD2 . ASP B 1 52 ? 3.442   5.765   -11.381 1.00 18.31 ? 53  ASP B OD2 1 
ATOM   814 N N   . THR B 1 53 ? 5.657   1.024   -9.944  1.00 13.15 ? 54  THR B N   1 
ATOM   815 C CA  . THR B 1 53 ? 6.701   0.258   -9.284  1.00 13.96 ? 54  THR B CA  1 
ATOM   816 C C   . THR B 1 53 ? 8.021   0.774   -9.848  1.00 16.06 ? 54  THR B C   1 
ATOM   817 O O   . THR B 1 53 ? 8.122   1.023   -11.046 1.00 17.09 ? 54  THR B O   1 
ATOM   818 C CB  . THR B 1 53 ? 6.545   -1.239  -9.594  1.00 12.76 ? 54  THR B CB  1 
ATOM   819 O OG1 . THR B 1 53 ? 6.125   -1.933  -8.410  1.00 18.00 ? 54  THR B OG1 1 
ATOM   820 C CG2 . THR B 1 53 ? 7.851   -1.827  -10.085 1.00 16.00 ? 54  THR B CG2 1 
ATOM   821 N N   . GLN B 1 54 ? 9.012   0.975   -8.986  1.00 14.86 ? 55  GLN B N   1 
ATOM   822 C CA  . GLN B 1 54 ? 10.323  1.459   -9.419  1.00 16.81 ? 55  GLN B CA  1 
ATOM   823 C C   . GLN B 1 54 ? 11.385  0.897   -8.496  1.00 16.40 ? 55  GLN B C   1 
ATOM   824 O O   . GLN B 1 54 ? 11.071  0.331   -7.443  1.00 18.27 ? 55  GLN B O   1 
ATOM   825 C CB  . GLN B 1 54 ? 10.410  2.994   -9.408  1.00 18.01 ? 55  GLN B CB  1 
ATOM   826 C CG  . GLN B 1 54 ? 9.148   3.708   -8.976  1.00 22.59 ? 55  GLN B CG  1 
ATOM   827 C CD  . GLN B 1 54 ? 8.520   4.494   -10.114 1.00 32.45 ? 55  GLN B CD  1 
ATOM   828 O OE1 . GLN B 1 54 ? 7.586   5.282   -9.907  1.00 38.66 ? 55  GLN B OE1 1 
ATOM   829 N NE2 . GLN B 1 54 ? 9.028   4.283   -11.330 1.00 24.60 ? 55  GLN B NE2 1 
ATOM   830 N N   . LYS B 1 55 ? 12.644  1.056   -8.881  1.00 14.68 ? 56  LYS B N   1 
ATOM   831 C CA  . LYS B 1 55 ? 13.730  0.535   -8.071  1.00 17.72 ? 56  LYS B CA  1 
ATOM   832 C C   . LYS B 1 55 ? 14.299  1.589   -7.121  1.00 18.41 ? 56  LYS B C   1 
ATOM   833 O O   . LYS B 1 55 ? 15.456  1.502   -6.702  1.00 24.06 ? 56  LYS B O   1 
ATOM   834 C CB  . LYS B 1 55 ? 14.824  -0.022  -8.979  1.00 17.48 ? 56  LYS B CB  1 
ATOM   835 N N   . PHE B 1 56 ? 13.484  2.578   -6.773  1.00 12.23 ? 57  PHE B N   1 
ATOM   836 C CA  . PHE B 1 56 ? 13.931  3.627   -5.871  1.00 10.45 ? 57  PHE B CA  1 
ATOM   837 C C   . PHE B 1 56 ? 12.748  4.280   -5.166  1.00 14.85 ? 57  PHE B C   1 
ATOM   838 O O   . PHE B 1 56 ? 11.583  4.055   -5.525  1.00 11.20 ? 57  PHE B O   1 
ATOM   839 C CB  . PHE B 1 56 ? 14.688  4.702   -6.656  1.00 10.59 ? 57  PHE B CB  1 
ATOM   840 C CG  . PHE B 1 56 ? 13.817  5.479   -7.604  1.00 2.41  ? 57  PHE B CG  1 
ATOM   841 C CD1 . PHE B 1 56 ? 13.055  6.544   -7.147  1.00 2.00  ? 57  PHE B CD1 1 
ATOM   842 C CD2 . PHE B 1 56 ? 13.731  5.116   -8.944  1.00 2.00  ? 57  PHE B CD2 1 
ATOM   843 C CE1 . PHE B 1 56 ? 12.212  7.232   -8.016  1.00 11.04 ? 57  PHE B CE1 1 
ATOM   844 C CE2 . PHE B 1 56 ? 12.895  5.794   -9.818  1.00 2.00  ? 57  PHE B CE2 1 
ATOM   845 C CZ  . PHE B 1 56 ? 12.134  6.850   -9.359  1.00 2.00  ? 57  PHE B CZ  1 
ATOM   846 N N   . CYS B 1 57 ? 13.068  5.124   -4.188  1.00 17.52 ? 58  CYS B N   1 
ATOM   847 C CA  . CYS B 1 57 ? 12.056  5.848   -3.417  1.00 17.80 ? 58  CYS B CA  1 
ATOM   848 C C   . CYS B 1 57 ? 12.116  7.342   -3.742  1.00 17.95 ? 58  CYS B C   1 
ATOM   849 O O   . CYS B 1 57 ? 13.195  7.891   -3.877  1.00 25.95 ? 58  CYS B O   1 
ATOM   850 C CB  . CYS B 1 57 ? 12.306  5.655   -1.913  1.00 16.37 ? 58  CYS B CB  1 
ATOM   851 S SG  . CYS B 1 57 ? 11.733  4.076   -1.194  1.00 17.90 ? 58  CYS B SG  1 
ATOM   852 N N   . TYR B 1 58 ? 10.970  7.998   -3.887  1.00 17.60 ? 59  TYR B N   1 
ATOM   853 C CA  . TYR B 1 58 ? 10.952  9.430   -4.142  1.00 11.50 ? 59  TYR B CA  1 
ATOM   854 C C   . TYR B 1 58 ? 11.244  10.025  -2.776  1.00 16.39 ? 59  TYR B C   1 
ATOM   855 O O   . TYR B 1 58 ? 11.353  9.291   -1.798  1.00 20.33 ? 59  TYR B O   1 
ATOM   856 C CB  . TYR B 1 58 ? 9.571   9.879   -4.600  1.00 7.95  ? 59  TYR B CB  1 
ATOM   857 C CG  . TYR B 1 58 ? 9.204   9.412   -5.979  1.00 6.57  ? 59  TYR B CG  1 
ATOM   858 C CD1 . TYR B 1 58 ? 9.638   10.101  -7.107  1.00 8.05  ? 59  TYR B CD1 1 
ATOM   859 C CD2 . TYR B 1 58 ? 8.429   8.273   -6.161  1.00 7.68  ? 59  TYR B CD2 1 
ATOM   860 C CE1 . TYR B 1 58 ? 9.313   9.666   -8.382  1.00 8.28  ? 59  TYR B CE1 1 
ATOM   861 C CE2 . TYR B 1 58 ? 8.101   7.832   -7.427  1.00 8.80  ? 59  TYR B CE2 1 
ATOM   862 C CZ  . TYR B 1 58 ? 8.547   8.530   -8.533  1.00 8.78  ? 59  TYR B CZ  1 
ATOM   863 O OH  . TYR B 1 58 ? 8.245   8.078   -9.791  1.00 13.79 ? 59  TYR B OH  1 
ATOM   864 N N   . LYS B 1 59 ? 11.365  11.344  -2.695  1.00 23.04 ? 60  LYS B N   1 
ATOM   865 C CA  . LYS B 1 59 ? 11.661  11.977  -1.415  1.00 26.84 ? 60  LYS B CA  1 
ATOM   866 C C   . LYS B 1 59 ? 10.394  12.168  -0.611  1.00 29.73 ? 60  LYS B C   1 
ATOM   867 O O   . LYS B 1 59 ? 9.303   12.244  -1.178  1.00 30.53 ? 60  LYS B O   1 
ATOM   868 C CB  . LYS B 1 59 ? 12.345  13.319  -1.635  1.00 28.06 ? 60  LYS B CB  1 
ATOM   869 C CG  . LYS B 1 59 ? 11.764  14.133  -2.762  1.00 28.26 ? 60  LYS B CG  1 
ATOM   870 C CD  . LYS B 1 59 ? 11.682  15.603  -2.370  1.00 32.55 ? 60  LYS B CD  1 
ATOM   871 C CE  . LYS B 1 59 ? 10.415  16.256  -2.909  1.00 32.56 ? 60  LYS B CE  1 
ATOM   872 N NZ  . LYS B 1 59 ? 9.610   16.874  -1.817  1.00 34.52 ? 60  LYS B NZ  1 
ATOM   873 N N   . GLN B 1 60 ? 10.540  12.238  0.711   1.00 32.86 ? 61  GLN B N   1 
ATOM   874 C CA  . GLN B 1 60 ? 9.399   12.409  1.608   1.00 34.01 ? 61  GLN B CA  1 
ATOM   875 C C   . GLN B 1 60 ? 8.681   13.718  1.334   1.00 34.76 ? 61  GLN B C   1 
ATOM   876 O O   . GLN B 1 60 ? 9.281   14.651  0.812   1.00 38.56 ? 61  GLN B O   1 
ATOM   877 C CB  . GLN B 1 60 ? 9.864   12.366  3.056   1.00 33.33 ? 61  GLN B CB  1 
ATOM   878 N N   . CYS B 1 61 ? 7.400   13.792  1.680   1.00 37.45 ? 62  CYS B N   1 
ATOM   879 C CA  . CYS B 1 61 ? 6.641   15.020  1.475   1.00 42.03 ? 62  CYS B CA  1 
ATOM   880 C C   . CYS B 1 61 ? 6.680   15.895  2.726   1.00 47.95 ? 62  CYS B C   1 
ATOM   881 O O   . CYS B 1 61 ? 6.953   17.093  2.647   1.00 52.73 ? 62  CYS B O   1 
ATOM   882 C CB  . CYS B 1 61 ? 5.191   14.713  1.137   1.00 35.02 ? 62  CYS B CB  1 
ATOM   883 S SG  . CYS B 1 61 ? 4.938   13.547  -0.226  1.00 35.24 ? 62  CYS B SG  1 
ATOM   884 N N   . HIS B 1 62 ? 6.425   15.282  3.879   1.00 53.81 ? 63  HIS B N   1 
ATOM   885 C CA  . HIS B 1 62 ? 6.417   15.992  5.156   1.00 56.81 ? 63  HIS B CA  1 
ATOM   886 C C   . HIS B 1 62 ? 7.402   15.377  6.152   1.00 60.03 ? 63  HIS B C   1 
ATOM   887 O O   . HIS B 1 62 ? 7.303   15.608  7.358   1.00 61.00 ? 63  HIS B O   1 
ATOM   888 C CB  . HIS B 1 62 ? 5.003   15.986  5.745   1.00 56.44 ? 63  HIS B CB  1 
ATOM   889 N N   . ASN B 1 63 ? 8.340   14.588  5.636   1.00 62.97 ? 64  ASN B N   1 
ATOM   890 C CA  . ASN B 1 63 ? 9.361   13.931  6.455   1.00 65.65 ? 64  ASN B CA  1 
ATOM   891 C C   . ASN B 1 63 ? 8.816   13.330  7.756   1.00 67.70 ? 64  ASN B C   1 
ATOM   892 O O   . ASN B 1 63 ? 9.551   13.186  8.740   1.00 68.60 ? 64  ASN B O   1 
ATOM   893 C CB  . ASN B 1 63 ? 10.479  14.920  6.768   1.00 65.55 ? 64  ASN B CB  1 
ATOM   894 N N   . SER B 1 64 ? 7.534   12.972  7.757   1.00 68.95 ? 65  SER B N   1 
ATOM   895 C CA  . SER B 1 64 ? 6.903   12.390  8.939   1.00 69.75 ? 65  SER B CA  1 
ATOM   896 C C   . SER B 1 64 ? 6.335   11.000  8.641   1.00 68.91 ? 65  SER B C   1 
ATOM   897 O O   . SER B 1 64 ? 5.829   10.748  7.545   1.00 69.37 ? 65  SER B O   1 
ATOM   898 C CB  . SER B 1 64 ? 5.796   13.318  9.446   1.00 68.42 ? 65  SER B CB  1 
ATOM   899 N N   . GLU B 1 65 ? 6.426   10.099  9.618   1.00 65.49 ? 66  GLU B N   1 
ATOM   900 C CA  . GLU B 1 65 ? 5.909   8.744   9.453   1.00 62.80 ? 66  GLU B CA  1 
ATOM   901 C C   . GLU B 1 65 ? 4.522   8.602   10.075  1.00 58.66 ? 66  GLU B C   1 
ATOM   902 O O   . GLU B 1 65 ? 4.373   8.543   11.301  1.00 58.29 ? 66  GLU B O   1 
ATOM   903 C CB  . GLU B 1 65 ? 6.875   7.726   10.075  1.00 65.58 ? 66  GLU B CB  1 
ATOM   904 C CG  . GLU B 1 65 ? 7.047   7.837   11.584  1.00 72.25 ? 66  GLU B CG  1 
ATOM   905 C CD  . GLU B 1 65 ? 7.756   6.631   12.169  1.00 76.40 ? 66  GLU B CD  1 
ATOM   906 O OE1 . GLU B 1 65 ? 7.518   5.501   11.680  1.00 79.19 ? 66  GLU B OE1 1 
ATOM   907 O OE2 . GLU B 1 65 ? 8.552   6.815   13.115  1.00 79.43 ? 66  GLU B OE2 1 
ATOM   908 N N   . LEU B 1 66 ? 3.509   8.551   9.218   1.00 52.21 ? 67  LEU B N   1 
ATOM   909 C CA  . LEU B 1 66 ? 2.133   8.430   9.673   1.00 48.30 ? 67  LEU B CA  1 
ATOM   910 C C   . LEU B 1 66 ? 1.652   6.988   9.662   1.00 44.70 ? 67  LEU B C   1 
ATOM   911 O O   . LEU B 1 66 ? 0.530   6.697   10.078  1.00 44.35 ? 67  LEU B O   1 
ATOM   912 C CB  . LEU B 1 66 ? 1.207   9.275   8.791   1.00 47.84 ? 67  LEU B CB  1 
ATOM   913 C CG  . LEU B 1 66 ? 1.620   9.531   7.338   1.00 47.84 ? 67  LEU B CG  1 
ATOM   914 C CD1 . LEU B 1 66 ? 2.002   8.230   6.650   1.00 45.22 ? 67  LEU B CD1 1 
ATOM   915 C CD2 . LEU B 1 66 ? 0.466   10.201  6.613   1.00 47.08 ? 67  LEU B CD2 1 
ATOM   916 N N   . GLU B 1 67 ? 2.500   6.084   9.185   1.00 39.37 ? 68  GLU B N   1 
ATOM   917 C CA  . GLU B 1 67 ? 2.134   4.679   9.118   1.00 35.79 ? 68  GLU B CA  1 
ATOM   918 C C   . GLU B 1 67 ? 3.333   3.786   9.373   1.00 36.88 ? 68  GLU B C   1 
ATOM   919 O O   . GLU B 1 67 ? 4.471   4.156   9.081   1.00 36.45 ? 68  GLU B O   1 
ATOM   920 C CB  . GLU B 1 67 ? 1.525   4.354   7.754   1.00 34.32 ? 68  GLU B CB  1 
ATOM   921 C CG  . GLU B 1 67 ? 0.075   4.795   7.604   1.00 31.41 ? 68  GLU B CG  1 
ATOM   922 C CD  . GLU B 1 67 ? -0.573  4.234   6.359   1.00 32.75 ? 68  GLU B CD  1 
ATOM   923 O OE1 . GLU B 1 67 ? 0.164   3.818   5.442   1.00 32.12 ? 68  GLU B OE1 1 
ATOM   924 O OE2 . GLU B 1 67 ? -1.818  4.203   6.297   1.00 35.81 ? 68  GLU B OE2 1 
ATOM   925 N N   . GLU B 1 68 ? 3.065   2.607   9.929   1.00 36.84 ? 69  GLU B N   1 
ATOM   926 C CA  . GLU B 1 68 ? 4.104   1.637   10.247  1.00 33.72 ? 69  GLU B CA  1 
ATOM   927 C C   . GLU B 1 68 ? 3.627   0.238   9.893   1.00 29.73 ? 69  GLU B C   1 
ATOM   928 O O   . GLU B 1 68 ? 2.430   -0.030  9.886   1.00 30.25 ? 69  GLU B O   1 
ATOM   929 C CB  . GLU B 1 68 ? 4.444   1.696   11.741  1.00 39.15 ? 69  GLU B CB  1 
ATOM   930 C CG  . GLU B 1 68 ? 3.400   2.429   12.594  1.00 46.93 ? 69  GLU B CG  1 
ATOM   931 C CD  . GLU B 1 68 ? 3.262   1.858   14.004  1.00 52.12 ? 69  GLU B CD  1 
ATOM   932 O OE1 . GLU B 1 68 ? 4.291   1.448   14.592  1.00 53.13 ? 69  GLU B OE1 1 
ATOM   933 O OE2 . GLU B 1 68 ? 2.121   1.822   14.526  1.00 53.95 ? 69  GLU B OE2 1 
ATOM   934 N N   . VAL B 1 69 ? 4.569   -0.644  9.592   1.00 27.22 ? 70  VAL B N   1 
ATOM   935 C CA  . VAL B 1 69 ? 4.242   -2.016  9.254   1.00 28.46 ? 70  VAL B CA  1 
ATOM   936 C C   . VAL B 1 69 ? 4.124   -2.817  10.544  1.00 31.18 ? 70  VAL B C   1 
ATOM   937 O O   . VAL B 1 69 ? 5.083   -2.915  11.309  1.00 33.85 ? 70  VAL B O   1 
ATOM   938 C CB  . VAL B 1 69 ? 5.330   -2.656  8.363   1.00 26.47 ? 70  VAL B CB  1 
ATOM   939 C CG1 . VAL B 1 69 ? 5.318   -4.171  8.528   1.00 26.99 ? 70  VAL B CG1 1 
ATOM   940 C CG2 . VAL B 1 69 ? 5.100   -2.285  6.908   1.00 27.16 ? 70  VAL B CG2 1 
ATOM   941 N N   . ILE B 1 70 ? 2.944   -3.382  10.784  1.00 33.28 ? 71  ILE B N   1 
ATOM   942 C CA  . ILE B 1 70 ? 2.706   -4.182  11.978  1.00 31.03 ? 71  ILE B CA  1 
ATOM   943 C C   . ILE B 1 70 ? 3.031   -5.649  11.725  1.00 33.78 ? 71  ILE B C   1 
ATOM   944 O O   . ILE B 1 70 ? 2.383   -6.298  10.909  1.00 31.63 ? 71  ILE B O   1 
ATOM   945 C CB  . ILE B 1 70 ? 1.254   -4.088  12.408  1.00 31.39 ? 71  ILE B CB  1 
ATOM   946 C CG1 . ILE B 1 70 ? 0.742   -2.661  12.177  1.00 27.04 ? 71  ILE B CG1 1 
ATOM   947 C CG2 . ILE B 1 70 ? 1.120   -4.550  13.846  1.00 33.24 ? 71  ILE B CG2 1 
ATOM   948 C CD1 . ILE B 1 70 ? 0.715   -1.794  13.405  1.00 28.07 ? 71  ILE B CD1 1 
ATOM   949 N N   . LYS B 1 71 ? 4.042   -6.164  12.419  1.00 38.39 ? 72  LYS B N   1 
ATOM   950 C CA  . LYS B 1 71 ? 4.442   -7.561  12.263  1.00 41.60 ? 72  LYS B CA  1 
ATOM   951 C C   . LYS B 1 71 ? 3.333   -8.470  12.791  1.00 44.65 ? 72  LYS B C   1 
ATOM   952 O O   . LYS B 1 71 ? 3.374   -8.913  13.944  1.00 46.63 ? 72  LYS B O   1 
ATOM   953 C CB  . LYS B 1 71 ? 5.740   -7.823  13.022  1.00 42.14 ? 72  LYS B CB  1 
ATOM   954 N N   . ASN B 1 72 ? 2.345   -8.728  11.934  1.00 45.36 ? 73  ASN B N   1 
ATOM   955 C CA  . ASN B 1 72 ? 1.191   -9.566  12.260  1.00 41.45 ? 73  ASN B CA  1 
ATOM   956 C C   . ASN B 1 72 ? 1.485   -11.033 11.958  1.00 41.87 ? 73  ASN B C   1 
ATOM   957 O O   . ASN B 1 72 ? 2.505   -11.549 12.461  1.00 48.26 ? 73  ASN B O   1 
ATOM   958 C CB  . ASN B 1 72 ? -0.022  -9.115  11.439  1.00 39.12 ? 73  ASN B CB  1 
ATOM   959 C CG  . ASN B 1 72 ? 0.278   -9.046  9.942   1.00 37.89 ? 73  ASN B CG  1 
ATOM   960 O OD1 . ASN B 1 72 ? 1.432   -9.145  9.521   1.00 37.09 ? 73  ASN B OD1 1 
ATOM   961 N ND2 . ASN B 1 72 ? -0.763  -8.882  9.137   1.00 36.71 ? 73  ASN B ND2 1 
HETATM 962 O O   . HOH C 2 .  ? -13.653 -9.397  8.491   0.5  23.91 ? 101 HOH A O   1 
HETATM 963 O O   . HOH C 2 .  ? -2.208  -13.074 -19.701 1.00 12.09 ? 104 HOH A O   1 
HETATM 964 O O   . HOH C 2 .  ? -4.782  -5.920  -0.387  1.00 3.12  ? 106 HOH A O   1 
HETATM 965 O O   . HOH C 2 .  ? -5.444  -8.577  -0.498  1.00 13.67 ? 107 HOH A O   1 
HETATM 966 O O   . HOH C 2 .  ? -4.975  3.399   7.210   1.00 39.83 ? 108 HOH A O   1 
HETATM 967 O O   . HOH C 2 .  ? -12.079 -2.095  12.801  1.00 40.71 ? 110 HOH A O   1 
HETATM 968 O O   . HOH C 2 .  ? -5.867  1.678   0.845   1.00 29.60 ? 111 HOH A O   1 
HETATM 969 O O   . HOH C 2 .  ? -4.040  -12.179 -1.916  1.00 52.47 ? 113 HOH A O   1 
HETATM 970 O O   . HOH C 2 .  ? -7.006  -3.221  3.300   1.00 5.44  ? 114 HOH A O   1 
HETATM 971 O O   . HOH C 2 .  ? 7.046   -3.796  -4.192  1.00 9.55  ? 115 HOH A O   1 
HETATM 972 O O   . HOH C 2 .  ? -4.819  -5.627  7.492   1.00 20.11 ? 116 HOH A O   1 
HETATM 973 O O   . HOH C 2 .  ? 4.295   -11.286 6.333   1.00 48.51 ? 117 HOH A O   1 
HETATM 974 O O   . HOH C 2 .  ? -7.998  -5.685  4.226   1.00 13.62 ? 122 HOH A O   1 
HETATM 975 O O   . HOH C 2 .  ? -4.321  -8.412  -3.449  1.00 19.40 ? 123 HOH A O   1 
HETATM 976 O O   . HOH C 2 .  ? -3.382  -10.320 0.901   1.00 17.01 ? 124 HOH A O   1 
HETATM 977 O O   . HOH C 2 .  ? -0.060  -1.273  -12.925 1.00 56.32 ? 126 HOH A O   1 
HETATM 978 O O   . HOH C 2 .  ? -0.027  -12.539 -0.442  1.00 54.72 ? 127 HOH A O   1 
HETATM 979 O O   . HOH C 2 .  ? -7.429  -14.677 1.044   1.00 10.45 ? 131 HOH A O   1 
HETATM 980 O O   . HOH C 2 .  ? -1.363  -11.301 -2.705  1.00 36.33 ? 132 HOH A O   1 
HETATM 981 O O   . HOH D 2 .  ? 0.919   9.091   -4.713  1.00 5.60  ? 102 HOH B O   1 
HETATM 982 O O   . HOH D 2 .  ? -4.281  12.326  -10.458 1.00 46.89 ? 103 HOH B O   1 
HETATM 983 O O   . HOH D 2 .  ? -18.083 15.870  -0.934  1.00 26.16 ? 105 HOH B O   1 
HETATM 984 O O   . HOH D 2 .  ? 0.558   6.182   -3.504  1.00 23.59 ? 109 HOH B O   1 
HETATM 985 O O   . HOH D 2 .  ? -13.415 2.815   -0.770  1.00 46.85 ? 112 HOH B O   1 
HETATM 986 O O   . HOH D 2 .  ? 5.122   5.791   -6.828  1.00 13.53 ? 118 HOH B O   1 
HETATM 987 O O   . HOH D 2 .  ? 1.503   -2.227  -7.362  1.00 25.33 ? 119 HOH B O   1 
HETATM 988 O O   . HOH D 2 .  ? -11.703 1.930   -9.966  1.00 51.27 ? 120 HOH B O   1 
HETATM 989 O O   . HOH D 2 .  ? -7.023  3.280   2.723   1.00 38.27 ? 121 HOH B O   1 
HETATM 990 O O   . HOH D 2 .  ? 8.355   4.313   -6.060  1.00 21.54 ? 125 HOH B O   1 
HETATM 991 O O   . HOH D 2 .  ? 8.294   9.324   6.439   1.00 59.52 ? 128 HOH B O   1 
HETATM 992 O O   . HOH D 2 .  ? -1.615  -0.099  -14.939 1.00 58.64 ? 129 HOH B O   1 
HETATM 993 O O   . HOH D 2 .  ? 8.472   6.816   -3.349  1.00 14.01 ? 130 HOH B O   1 
HETATM 994 O O   . HOH D 2 .  ? -19.636 7.882   -4.855  1.00 21.69 ? 133 HOH B O   1 
# 
